data_2JS4
#
_entry.id   2JS4
#
_entity_poly.entity_id   1
_entity_poly.type   'polypeptide(L)'
_entity_poly.pdbx_seq_one_letter_code
;MESRLLDILVCPVCKGRLEFQRAQAELVCNADRLAFPVRDGVPIMLEAEARSLDAEAPAQPSLEHHHHHH
;
_entity_poly.pdbx_strand_id   A
#
# COMPACT_ATOMS: atom_id res chain seq x y z
N MET A 1 18.95 13.48 -26.88
CA MET A 1 19.45 12.75 -25.69
C MET A 1 18.61 11.50 -25.49
N GLU A 2 19.25 10.44 -25.03
CA GLU A 2 18.57 9.18 -24.80
C GLU A 2 18.42 8.94 -23.31
N SER A 3 17.19 8.67 -22.88
CA SER A 3 16.92 8.45 -21.48
C SER A 3 16.81 6.96 -21.20
N ARG A 4 17.35 6.53 -20.05
CA ARG A 4 17.27 5.15 -19.63
C ARG A 4 16.30 5.03 -18.45
N LEU A 5 16.85 5.12 -17.24
CA LEU A 5 16.08 5.22 -16.00
C LEU A 5 15.27 3.96 -15.68
N LEU A 6 15.12 3.70 -14.40
CA LEU A 6 14.20 2.68 -13.90
C LEU A 6 13.15 3.38 -13.03
N ASP A 7 13.04 4.69 -13.23
CA ASP A 7 12.20 5.53 -12.41
C ASP A 7 10.83 5.74 -13.08
N ILE A 8 9.87 4.93 -12.69
CA ILE A 8 8.53 4.99 -13.26
C ILE A 8 7.54 5.72 -12.36
N LEU A 9 7.56 5.41 -11.06
CA LEU A 9 6.56 5.94 -10.14
C LEU A 9 7.21 6.65 -8.95
N VAL A 10 6.92 7.93 -8.83
CA VAL A 10 7.32 8.71 -7.68
C VAL A 10 6.10 9.13 -6.88
N CYS A 11 6.28 9.40 -5.59
CA CYS A 11 5.20 9.85 -4.73
C CYS A 11 4.57 11.11 -5.30
N PRO A 12 3.23 11.11 -5.45
CA PRO A 12 2.51 12.25 -6.02
C PRO A 12 2.52 13.48 -5.10
N VAL A 13 2.96 13.29 -3.87
CA VAL A 13 2.99 14.38 -2.90
C VAL A 13 4.43 14.83 -2.63
N CYS A 14 5.29 13.90 -2.25
CA CYS A 14 6.65 14.23 -1.86
C CYS A 14 7.61 14.12 -3.06
N LYS A 15 7.14 13.53 -4.15
CA LYS A 15 7.95 13.30 -5.35
C LYS A 15 9.17 12.42 -5.07
N GLY A 16 9.13 11.69 -3.97
CA GLY A 16 10.17 10.74 -3.67
C GLY A 16 9.89 9.42 -4.34
N ARG A 17 10.93 8.74 -4.77
CA ARG A 17 10.76 7.46 -5.47
C ARG A 17 10.16 6.42 -4.54
N LEU A 18 9.22 5.64 -5.06
CA LEU A 18 8.54 4.63 -4.29
C LEU A 18 9.44 3.41 -4.10
N GLU A 19 9.28 2.73 -2.98
CA GLU A 19 10.10 1.58 -2.64
C GLU A 19 9.24 0.33 -2.64
N PHE A 20 9.42 -0.48 -3.66
CA PHE A 20 8.56 -1.62 -3.91
C PHE A 20 8.95 -2.82 -3.06
N GLN A 21 8.14 -3.13 -2.07
CA GLN A 21 8.34 -4.28 -1.24
C GLN A 21 7.34 -5.37 -1.58
N ARG A 22 7.60 -6.58 -1.10
CA ARG A 22 6.76 -7.71 -1.43
C ARG A 22 6.19 -8.33 -0.16
N ALA A 23 6.08 -7.54 0.90
CA ALA A 23 5.54 -8.00 2.16
C ALA A 23 4.02 -8.11 2.05
N GLN A 24 3.38 -6.96 1.91
CA GLN A 24 1.97 -6.90 1.61
C GLN A 24 1.78 -6.37 0.19
N ALA A 25 2.89 -6.38 -0.55
CA ALA A 25 2.94 -5.82 -1.90
C ALA A 25 2.65 -4.32 -1.85
N GLU A 26 3.61 -3.56 -1.36
CA GLU A 26 3.41 -2.15 -1.11
C GLU A 26 4.52 -1.29 -1.69
N LEU A 27 4.14 -0.12 -2.17
CA LEU A 27 5.10 0.88 -2.63
C LEU A 27 5.35 1.89 -1.50
N VAL A 28 6.43 1.69 -0.77
CA VAL A 28 6.73 2.51 0.38
C VAL A 28 7.23 3.90 -0.04
N CYS A 29 6.54 4.93 0.44
CA CYS A 29 6.99 6.29 0.26
C CYS A 29 8.12 6.55 1.25
N ASN A 30 9.35 6.44 0.78
CA ASN A 30 10.52 6.46 1.65
C ASN A 30 10.86 7.87 2.11
N ALA A 31 9.87 8.54 2.67
CA ALA A 31 10.03 9.86 3.24
C ALA A 31 8.82 10.19 4.12
N ASP A 32 7.65 9.76 3.65
CA ASP A 32 6.41 10.00 4.37
C ASP A 32 6.06 8.81 5.25
N ARG A 33 6.81 7.72 5.10
CA ARG A 33 6.55 6.47 5.82
C ARG A 33 5.18 5.91 5.44
N LEU A 34 4.81 6.10 4.18
CA LEU A 34 3.55 5.58 3.67
C LEU A 34 3.83 4.40 2.77
N ALA A 35 2.78 3.70 2.37
CA ALA A 35 2.93 2.55 1.50
C ALA A 35 1.66 2.29 0.70
N PHE A 36 1.74 2.50 -0.61
CA PHE A 36 0.62 2.26 -1.50
C PHE A 36 0.50 0.77 -1.81
N PRO A 37 -0.62 0.15 -1.48
CA PRO A 37 -0.80 -1.28 -1.64
C PRO A 37 -1.14 -1.68 -3.08
N VAL A 38 -0.44 -2.70 -3.57
CA VAL A 38 -0.74 -3.25 -4.88
C VAL A 38 -1.70 -4.42 -4.72
N ARG A 39 -2.97 -4.18 -5.04
CA ARG A 39 -4.00 -5.18 -4.86
C ARG A 39 -4.04 -6.11 -6.07
N ASP A 40 -3.03 -6.97 -6.14
CA ASP A 40 -2.87 -7.93 -7.23
C ASP A 40 -3.00 -7.25 -8.60
N GLY A 41 -1.94 -6.56 -9.00
CA GLY A 41 -1.94 -5.89 -10.28
C GLY A 41 -2.33 -4.43 -10.17
N VAL A 42 -3.36 -4.14 -9.39
CA VAL A 42 -3.88 -2.79 -9.28
C VAL A 42 -3.33 -2.08 -8.04
N PRO A 43 -2.45 -1.09 -8.24
CA PRO A 43 -1.86 -0.32 -7.15
C PRO A 43 -2.77 0.82 -6.71
N ILE A 44 -3.04 0.88 -5.42
CA ILE A 44 -3.88 1.94 -4.87
C ILE A 44 -3.03 3.15 -4.50
N MET A 45 -3.03 4.14 -5.39
CA MET A 45 -2.21 5.34 -5.20
C MET A 45 -2.96 6.39 -4.38
N LEU A 46 -3.94 5.94 -3.60
CA LEU A 46 -4.73 6.83 -2.76
C LEU A 46 -4.25 6.74 -1.32
N GLU A 47 -3.73 7.84 -0.79
CA GLU A 47 -3.09 7.85 0.53
C GLU A 47 -4.06 7.44 1.63
N ALA A 48 -5.30 7.90 1.55
CA ALA A 48 -6.30 7.62 2.57
C ALA A 48 -6.67 6.14 2.61
N GLU A 49 -6.53 5.47 1.48
CA GLU A 49 -6.93 4.07 1.38
C GLU A 49 -5.72 3.16 1.34
N ALA A 50 -4.56 3.74 1.58
CA ALA A 50 -3.32 2.99 1.62
C ALA A 50 -2.97 2.63 3.06
N ARG A 51 -1.75 2.13 3.26
CA ARG A 51 -1.29 1.80 4.60
C ARG A 51 -0.09 2.67 4.95
N SER A 52 0.13 2.89 6.22
CA SER A 52 1.29 3.62 6.68
C SER A 52 2.18 2.70 7.49
N LEU A 53 3.34 3.21 7.87
CA LEU A 53 4.24 2.49 8.76
C LEU A 53 4.01 2.97 10.18
N ASP A 54 3.19 4.01 10.29
CA ASP A 54 2.79 4.57 11.58
C ASP A 54 1.38 4.13 11.94
N ALA A 55 0.57 3.93 10.91
CA ALA A 55 -0.83 3.56 11.08
C ALA A 55 -1.14 2.34 10.26
N GLU A 56 -1.27 1.20 10.93
CA GLU A 56 -1.62 -0.05 10.29
C GLU A 56 -3.13 -0.13 10.08
N ALA A 57 -3.57 -1.14 9.33
CA ALA A 57 -4.99 -1.35 9.09
C ALA A 57 -5.56 -2.40 10.03
N PRO A 58 -6.42 -1.99 10.95
CA PRO A 58 -7.09 -2.90 11.89
C PRO A 58 -8.21 -3.68 11.20
N ALA A 59 -8.05 -4.98 11.11
CA ALA A 59 -9.03 -5.82 10.44
C ALA A 59 -9.35 -7.06 11.27
N GLN A 60 -10.49 -7.03 11.96
CA GLN A 60 -10.95 -8.17 12.73
C GLN A 60 -12.43 -8.42 12.44
N PRO A 61 -12.72 -9.38 11.55
CA PRO A 61 -14.07 -9.64 11.07
C PRO A 61 -15.01 -10.18 12.15
N SER A 62 -15.85 -9.28 12.68
CA SER A 62 -16.95 -9.59 13.60
C SER A 62 -16.64 -10.74 14.57
N LEU A 63 -16.11 -10.39 15.74
CA LEU A 63 -15.90 -11.37 16.79
C LEU A 63 -17.20 -11.56 17.55
N GLU A 64 -18.00 -12.50 17.10
CA GLU A 64 -19.34 -12.71 17.64
C GLU A 64 -19.78 -14.16 17.42
N HIS A 65 -20.55 -14.69 18.36
CA HIS A 65 -21.18 -15.98 18.18
C HIS A 65 -22.50 -15.81 17.43
N HIS A 66 -22.40 -15.74 16.12
CA HIS A 66 -23.54 -15.41 15.28
C HIS A 66 -24.24 -16.67 14.79
N HIS A 67 -25.56 -16.69 14.88
CA HIS A 67 -26.36 -17.82 14.43
C HIS A 67 -26.28 -17.97 12.92
N HIS A 68 -26.02 -19.19 12.48
CA HIS A 68 -25.91 -19.47 11.05
C HIS A 68 -26.69 -20.73 10.67
N HIS A 69 -26.46 -21.22 9.45
CA HIS A 69 -27.16 -22.40 8.91
C HIS A 69 -28.60 -22.06 8.52
N HIS A 70 -29.34 -21.44 9.43
CA HIS A 70 -30.69 -21.02 9.16
C HIS A 70 -31.00 -19.75 9.96
N MET A 1 0.62 -1.08 -18.88
CA MET A 1 0.81 -1.19 -17.42
C MET A 1 1.55 -2.49 -17.10
N GLU A 2 2.27 -3.01 -18.08
CA GLU A 2 2.96 -4.28 -17.93
C GLU A 2 4.36 -4.06 -17.36
N SER A 3 5.05 -5.15 -17.07
CA SER A 3 6.40 -5.09 -16.48
C SER A 3 6.35 -4.53 -15.05
N ARG A 4 5.13 -4.36 -14.53
CA ARG A 4 4.92 -3.85 -13.18
C ARG A 4 5.11 -4.98 -12.16
N LEU A 5 5.37 -6.19 -12.65
CA LEU A 5 5.52 -7.35 -11.77
C LEU A 5 6.81 -7.26 -10.96
N LEU A 6 7.64 -6.28 -11.26
CA LEU A 6 8.81 -5.99 -10.44
C LEU A 6 8.54 -4.77 -9.58
N ASP A 7 7.88 -4.99 -8.45
CA ASP A 7 7.48 -3.91 -7.57
C ASP A 7 8.63 -3.42 -6.71
N ILE A 8 9.41 -2.51 -7.28
CA ILE A 8 10.48 -1.86 -6.56
C ILE A 8 10.23 -0.36 -6.50
N LEU A 9 8.97 0.00 -6.67
CA LEU A 9 8.55 1.40 -6.68
C LEU A 9 8.84 2.03 -5.32
N VAL A 10 9.48 3.19 -5.33
CA VAL A 10 9.89 3.83 -4.10
C VAL A 10 9.07 5.09 -3.81
N CYS A 11 9.02 5.47 -2.54
CA CYS A 11 8.39 6.71 -2.13
C CYS A 11 9.16 7.91 -2.68
N PRO A 12 8.46 8.90 -3.25
CA PRO A 12 9.11 10.07 -3.84
C PRO A 12 9.79 10.94 -2.79
N VAL A 13 9.43 10.74 -1.53
CA VAL A 13 9.97 11.53 -0.44
C VAL A 13 11.16 10.83 0.21
N CYS A 14 10.91 9.70 0.84
CA CYS A 14 11.94 9.01 1.62
C CYS A 14 12.72 8.01 0.77
N LYS A 15 12.28 7.82 -0.47
CA LYS A 15 12.86 6.83 -1.39
C LYS A 15 12.89 5.42 -0.79
N GLY A 16 11.98 5.16 0.13
CA GLY A 16 11.83 3.84 0.67
C GLY A 16 11.01 2.97 -0.26
N ARG A 17 11.35 1.69 -0.33
CA ARG A 17 10.65 0.77 -1.21
C ARG A 17 9.24 0.51 -0.71
N LEU A 18 8.27 0.63 -1.61
CA LEU A 18 6.88 0.40 -1.28
C LEU A 18 6.55 -1.08 -1.41
N GLU A 19 5.35 -1.46 -0.99
CA GLU A 19 4.95 -2.85 -1.01
C GLU A 19 3.55 -2.96 -1.60
N PHE A 20 3.48 -3.46 -2.82
CA PHE A 20 2.22 -3.56 -3.53
C PHE A 20 1.44 -4.76 -3.04
N GLN A 21 0.38 -4.50 -2.29
CA GLN A 21 -0.46 -5.56 -1.78
C GLN A 21 -1.55 -5.90 -2.77
N ARG A 22 -1.80 -7.19 -2.91
CA ARG A 22 -2.80 -7.67 -3.86
C ARG A 22 -4.15 -7.82 -3.18
N ALA A 23 -4.43 -6.92 -2.24
CA ALA A 23 -5.69 -6.93 -1.53
C ALA A 23 -6.66 -5.95 -2.16
N GLN A 24 -6.32 -4.68 -2.12
CA GLN A 24 -7.15 -3.63 -2.72
C GLN A 24 -6.33 -2.86 -3.76
N ALA A 25 -5.10 -3.35 -3.97
CA ALA A 25 -4.12 -2.70 -4.85
C ALA A 25 -3.60 -1.42 -4.18
N GLU A 26 -2.94 -1.61 -3.05
CA GLU A 26 -2.38 -0.51 -2.30
C GLU A 26 -0.86 -0.64 -2.20
N LEU A 27 -0.17 0.49 -2.26
CA LEU A 27 1.27 0.51 -2.05
C LEU A 27 1.57 0.82 -0.60
N VAL A 28 1.90 -0.20 0.16
CA VAL A 28 2.21 -0.04 1.57
C VAL A 28 3.66 0.41 1.75
N CYS A 29 3.84 1.65 2.15
CA CYS A 29 5.16 2.19 2.39
C CYS A 29 5.74 1.59 3.66
N ASN A 30 6.69 0.68 3.52
CA ASN A 30 7.25 -0.02 4.68
C ASN A 30 8.33 0.83 5.35
N ALA A 31 8.39 2.10 4.99
CA ALA A 31 9.31 3.05 5.61
C ALA A 31 8.54 4.25 6.12
N ASP A 32 7.74 4.84 5.23
CA ASP A 32 6.90 5.98 5.57
C ASP A 32 5.75 5.55 6.47
N ARG A 33 5.40 4.27 6.39
CA ARG A 33 4.23 3.71 7.06
C ARG A 33 2.96 4.39 6.56
N LEU A 34 2.79 4.34 5.26
CA LEU A 34 1.65 4.95 4.58
C LEU A 34 1.08 3.96 3.59
N ALA A 35 -0.07 4.30 3.02
CA ALA A 35 -0.70 3.47 2.01
C ALA A 35 -1.13 4.31 0.82
N PHE A 36 -0.41 4.17 -0.28
CA PHE A 36 -0.77 4.86 -1.51
C PHE A 36 -1.71 3.99 -2.33
N PRO A 37 -2.98 4.40 -2.45
CA PRO A 37 -4.00 3.63 -3.15
C PRO A 37 -3.84 3.72 -4.68
N VAL A 38 -3.78 2.57 -5.32
CA VAL A 38 -3.73 2.52 -6.78
C VAL A 38 -5.15 2.54 -7.33
N ARG A 39 -5.53 3.67 -7.92
CA ARG A 39 -6.86 3.84 -8.45
C ARG A 39 -6.88 3.59 -9.95
N ASP A 40 -7.30 2.38 -10.32
CA ASP A 40 -7.38 1.96 -11.72
C ASP A 40 -6.04 2.18 -12.43
N GLY A 41 -4.99 1.61 -11.85
CA GLY A 41 -3.67 1.70 -12.45
C GLY A 41 -2.91 2.94 -12.01
N VAL A 42 -3.62 4.01 -11.70
CA VAL A 42 -3.00 5.26 -11.30
C VAL A 42 -2.85 5.32 -9.78
N PRO A 43 -1.60 5.24 -9.29
CA PRO A 43 -1.32 5.29 -7.85
C PRO A 43 -1.36 6.70 -7.29
N ILE A 44 -2.21 6.92 -6.30
CA ILE A 44 -2.28 8.22 -5.64
C ILE A 44 -1.11 8.35 -4.67
N MET A 45 -0.02 8.92 -5.15
CA MET A 45 1.21 9.00 -4.38
C MET A 45 1.30 10.32 -3.63
N LEU A 46 0.15 11.00 -3.49
CA LEU A 46 0.08 12.22 -2.71
C LEU A 46 0.04 11.88 -1.23
N GLU A 47 1.15 12.11 -0.54
CA GLU A 47 1.29 11.69 0.85
C GLU A 47 0.43 12.54 1.80
N ALA A 48 -0.06 13.67 1.32
CA ALA A 48 -0.93 14.51 2.13
C ALA A 48 -2.39 14.12 1.97
N GLU A 49 -2.66 13.35 0.92
CA GLU A 49 -4.03 12.93 0.60
C GLU A 49 -4.18 11.42 0.73
N ALA A 50 -3.14 10.77 1.27
CA ALA A 50 -3.12 9.33 1.39
C ALA A 50 -3.54 8.88 2.78
N ARG A 51 -3.65 7.58 2.97
CA ARG A 51 -4.00 7.02 4.26
C ARG A 51 -2.73 6.61 5.00
N SER A 52 -2.66 6.93 6.28
CA SER A 52 -1.50 6.58 7.07
C SER A 52 -1.67 5.24 7.75
N LEU A 53 -0.54 4.62 8.05
CA LEU A 53 -0.52 3.37 8.81
C LEU A 53 0.18 3.63 10.13
N ASP A 54 0.67 4.85 10.25
CA ASP A 54 1.34 5.30 11.46
C ASP A 54 0.35 5.95 12.40
N ALA A 55 -0.67 6.59 11.81
CA ALA A 55 -1.69 7.24 12.59
C ALA A 55 -3.07 6.66 12.29
N GLU A 56 -3.46 5.66 13.06
CA GLU A 56 -4.79 5.07 12.96
C GLU A 56 -5.06 4.21 14.20
N ALA A 57 -6.19 3.52 14.21
CA ALA A 57 -6.56 2.66 15.33
C ALA A 57 -6.15 1.22 15.03
N PRO A 58 -5.58 0.52 16.02
CA PRO A 58 -5.14 -0.87 15.87
C PRO A 58 -6.26 -1.79 15.37
N ALA A 59 -5.98 -2.52 14.31
CA ALA A 59 -6.96 -3.44 13.73
C ALA A 59 -7.01 -4.75 14.50
N GLN A 60 -7.98 -5.59 14.17
CA GLN A 60 -8.13 -6.88 14.82
C GLN A 60 -7.25 -7.91 14.13
N PRO A 61 -6.58 -8.78 14.92
CA PRO A 61 -5.66 -9.80 14.40
C PRO A 61 -6.28 -10.64 13.30
N SER A 62 -7.41 -11.21 13.62
CA SER A 62 -8.18 -11.98 12.66
C SER A 62 -9.19 -11.08 11.97
N LEU A 63 -8.87 -10.65 10.75
CA LEU A 63 -9.73 -9.73 10.01
C LEU A 63 -11.10 -10.34 9.76
N GLU A 64 -12.07 -9.47 9.53
CA GLU A 64 -13.48 -9.86 9.37
C GLU A 64 -13.67 -10.85 8.22
N HIS A 65 -13.67 -12.14 8.56
CA HIS A 65 -13.87 -13.22 7.61
C HIS A 65 -12.90 -13.12 6.43
N HIS A 66 -11.69 -12.67 6.72
CA HIS A 66 -10.67 -12.53 5.68
C HIS A 66 -9.62 -13.62 5.82
N HIS A 67 -9.31 -14.27 4.70
CA HIS A 67 -8.28 -15.32 4.64
C HIS A 67 -8.73 -16.55 5.44
N HIS A 68 -10.03 -16.75 5.52
CA HIS A 68 -10.59 -17.89 6.22
C HIS A 68 -10.37 -19.17 5.42
N HIS A 69 -9.35 -19.93 5.80
CA HIS A 69 -8.99 -21.19 5.15
C HIS A 69 -8.33 -20.97 3.78
N HIS A 70 -8.76 -19.90 3.08
CA HIS A 70 -8.40 -19.60 1.70
C HIS A 70 -8.93 -20.67 0.74
N MET A 1 16.42 6.46 -24.15
CA MET A 1 17.80 6.12 -24.62
C MET A 1 18.78 6.12 -23.46
N GLU A 2 19.23 7.31 -23.06
CA GLU A 2 20.19 7.42 -21.97
C GLU A 2 19.69 8.36 -20.89
N SER A 3 19.11 7.79 -19.85
CA SER A 3 18.59 8.57 -18.73
C SER A 3 18.15 7.63 -17.60
N ARG A 4 17.05 6.90 -17.87
CA ARG A 4 16.47 5.97 -16.91
C ARG A 4 16.03 6.71 -15.65
N LEU A 5 14.80 7.20 -15.68
CA LEU A 5 14.26 7.97 -14.57
C LEU A 5 12.75 7.85 -14.57
N LEU A 6 12.21 7.29 -13.49
CA LEU A 6 10.77 7.06 -13.35
C LEU A 6 10.32 6.08 -14.43
N ASP A 7 11.05 4.98 -14.54
CA ASP A 7 10.79 3.99 -15.56
C ASP A 7 9.63 3.08 -15.17
N ILE A 8 9.82 2.32 -14.09
CA ILE A 8 8.84 1.33 -13.68
C ILE A 8 7.71 1.97 -12.86
N LEU A 9 7.87 1.99 -11.54
CA LEU A 9 6.87 2.52 -10.64
C LEU A 9 7.52 3.16 -9.42
N VAL A 10 7.06 4.34 -9.06
CA VAL A 10 7.58 5.05 -7.90
C VAL A 10 6.44 5.49 -6.98
N CYS A 11 6.75 5.63 -5.71
CA CYS A 11 5.78 6.08 -4.72
C CYS A 11 5.29 7.48 -5.08
N PRO A 12 3.96 7.67 -5.15
CA PRO A 12 3.37 8.96 -5.52
C PRO A 12 3.77 10.09 -4.58
N VAL A 13 4.04 9.75 -3.33
CA VAL A 13 4.37 10.76 -2.33
C VAL A 13 5.87 10.89 -2.12
N CYS A 14 6.54 9.77 -1.88
CA CYS A 14 7.94 9.78 -1.49
C CYS A 14 8.88 9.67 -2.69
N LYS A 15 8.32 9.38 -3.87
CA LYS A 15 9.13 9.12 -5.07
C LYS A 15 10.15 8.01 -4.85
N GLY A 16 9.86 7.12 -3.92
CA GLY A 16 10.72 5.98 -3.68
C GLY A 16 10.32 4.80 -4.51
N ARG A 17 11.21 3.83 -4.65
CA ARG A 17 10.94 2.63 -5.44
C ARG A 17 9.81 1.81 -4.83
N LEU A 18 8.86 1.40 -5.65
CA LEU A 18 7.77 0.54 -5.20
C LEU A 18 8.18 -0.93 -5.33
N GLU A 19 8.02 -1.67 -4.25
CA GLU A 19 8.40 -3.08 -4.24
C GLU A 19 7.17 -3.95 -4.36
N PHE A 20 7.15 -4.79 -5.38
CA PHE A 20 6.04 -5.70 -5.61
C PHE A 20 6.12 -6.89 -4.66
N GLN A 21 5.38 -6.82 -3.58
CA GLN A 21 5.30 -7.92 -2.64
C GLN A 21 4.12 -8.80 -3.00
N ARG A 22 3.94 -9.92 -2.31
CA ARG A 22 2.91 -10.87 -2.69
C ARG A 22 2.23 -11.48 -1.48
N ALA A 23 2.02 -10.68 -0.45
CA ALA A 23 1.23 -11.09 0.70
C ALA A 23 -0.23 -10.79 0.40
N GLN A 24 -0.47 -9.56 0.00
CA GLN A 24 -1.78 -9.13 -0.48
C GLN A 24 -1.62 -8.56 -1.88
N ALA A 25 -0.45 -8.82 -2.46
CA ALA A 25 -0.04 -8.25 -3.74
C ALA A 25 0.08 -6.75 -3.61
N GLU A 26 0.85 -6.33 -2.62
CA GLU A 26 0.97 -4.92 -2.28
C GLU A 26 2.33 -4.35 -2.68
N LEU A 27 2.32 -3.09 -3.08
CA LEU A 27 3.55 -2.37 -3.35
C LEU A 27 3.99 -1.65 -2.07
N VAL A 28 5.02 -2.16 -1.42
CA VAL A 28 5.44 -1.64 -0.13
C VAL A 28 6.46 -0.52 -0.29
N CYS A 29 6.24 0.56 0.44
CA CYS A 29 7.18 1.66 0.51
C CYS A 29 7.92 1.59 1.84
N ASN A 30 9.21 1.23 1.81
CA ASN A 30 9.98 1.04 3.03
C ASN A 30 10.26 2.36 3.75
N ALA A 31 9.90 3.46 3.11
CA ALA A 31 10.10 4.77 3.71
C ALA A 31 8.94 5.13 4.64
N ASP A 32 7.75 5.22 4.07
CA ASP A 32 6.55 5.57 4.83
C ASP A 32 5.92 4.35 5.50
N ARG A 33 6.43 3.18 5.14
CA ARG A 33 5.87 1.91 5.63
C ARG A 33 4.42 1.75 5.19
N LEU A 34 4.16 2.16 3.95
CA LEU A 34 2.85 2.03 3.35
C LEU A 34 2.84 0.89 2.35
N ALA A 35 1.70 0.25 2.21
CA ALA A 35 1.53 -0.83 1.25
C ALA A 35 0.34 -0.58 0.34
N PHE A 36 0.61 -0.47 -0.94
CA PHE A 36 -0.45 -0.26 -1.93
C PHE A 36 -0.85 -1.60 -2.57
N PRO A 37 -1.96 -2.19 -2.11
CA PRO A 37 -2.39 -3.52 -2.56
C PRO A 37 -3.08 -3.49 -3.91
N VAL A 38 -2.82 -4.50 -4.73
CA VAL A 38 -3.48 -4.65 -6.01
C VAL A 38 -4.82 -5.33 -5.83
N ARG A 39 -5.88 -4.54 -5.83
CA ARG A 39 -7.23 -5.04 -5.62
C ARG A 39 -7.78 -5.65 -6.91
N ASP A 40 -7.60 -6.96 -7.06
CA ASP A 40 -8.18 -7.73 -8.17
C ASP A 40 -7.73 -7.17 -9.52
N GLY A 41 -6.54 -6.58 -9.56
CA GLY A 41 -6.00 -6.08 -10.81
C GLY A 41 -5.76 -4.58 -10.77
N VAL A 42 -6.35 -3.90 -9.79
CA VAL A 42 -6.18 -2.45 -9.67
C VAL A 42 -5.40 -2.09 -8.42
N PRO A 43 -4.15 -1.63 -8.58
CA PRO A 43 -3.32 -1.21 -7.45
C PRO A 43 -3.87 0.03 -6.76
N ILE A 44 -4.22 -0.11 -5.49
CA ILE A 44 -4.74 1.01 -4.72
C ILE A 44 -3.59 1.90 -4.26
N MET A 45 -3.24 2.87 -5.08
CA MET A 45 -2.12 3.77 -4.78
C MET A 45 -2.61 5.04 -4.09
N LEU A 46 -3.82 5.00 -3.57
CA LEU A 46 -4.38 6.10 -2.80
C LEU A 46 -3.99 5.96 -1.34
N GLU A 47 -3.32 6.96 -0.80
CA GLU A 47 -2.82 6.92 0.57
C GLU A 47 -3.95 6.66 1.56
N ALA A 48 -5.10 7.28 1.30
CA ALA A 48 -6.26 7.17 2.19
C ALA A 48 -6.80 5.74 2.24
N GLU A 49 -6.67 5.01 1.14
CA GLU A 49 -7.24 3.66 1.06
C GLU A 49 -6.13 2.61 1.03
N ALA A 50 -4.92 3.03 1.36
CA ALA A 50 -3.79 2.12 1.40
C ALA A 50 -3.66 1.50 2.77
N ARG A 51 -2.93 0.40 2.85
CA ARG A 51 -2.71 -0.26 4.13
C ARG A 51 -1.35 0.12 4.67
N SER A 52 -1.33 0.79 5.81
CA SER A 52 -0.09 1.17 6.44
C SER A 52 0.37 0.11 7.42
N LEU A 53 1.67 0.06 7.63
CA LEU A 53 2.26 -0.88 8.56
C LEU A 53 2.49 -0.20 9.89
N ASP A 54 2.36 1.12 9.88
CA ASP A 54 2.52 1.92 11.10
C ASP A 54 1.16 2.29 11.65
N ALA A 55 0.24 2.56 10.74
CA ALA A 55 -1.12 2.93 11.12
C ALA A 55 -2.05 1.73 11.08
N GLU A 56 -1.47 0.55 11.27
CA GLU A 56 -2.23 -0.69 11.28
C GLU A 56 -2.77 -0.97 12.68
N ALA A 57 -2.86 0.09 13.46
CA ALA A 57 -3.36 0.01 14.81
C ALA A 57 -4.78 0.57 14.90
N PRO A 58 -5.78 -0.31 15.05
CA PRO A 58 -7.19 0.08 15.13
C PRO A 58 -7.47 0.86 16.41
N ALA A 59 -8.26 1.92 16.26
CA ALA A 59 -8.64 2.74 17.40
C ALA A 59 -9.99 2.28 17.95
N GLN A 60 -10.58 1.31 17.25
CA GLN A 60 -11.85 0.74 17.68
C GLN A 60 -11.61 -0.37 18.69
N PRO A 61 -12.48 -0.49 19.70
CA PRO A 61 -12.37 -1.53 20.72
C PRO A 61 -12.82 -2.90 20.22
N SER A 62 -12.96 -3.85 21.13
CA SER A 62 -13.41 -5.18 20.79
C SER A 62 -14.93 -5.22 20.62
N LEU A 63 -15.45 -6.38 20.21
CA LEU A 63 -16.89 -6.58 19.99
C LEU A 63 -17.37 -5.76 18.79
N GLU A 64 -16.45 -5.32 17.96
CA GLU A 64 -16.79 -4.63 16.71
C GLU A 64 -17.55 -5.57 15.79
N HIS A 65 -18.63 -5.09 15.20
CA HIS A 65 -19.45 -5.90 14.29
C HIS A 65 -18.83 -5.92 12.90
N HIS A 66 -17.52 -5.70 12.82
CA HIS A 66 -16.83 -5.74 11.55
C HIS A 66 -16.25 -7.11 11.28
N HIS A 67 -17.09 -7.98 10.72
CA HIS A 67 -16.68 -9.32 10.33
C HIS A 67 -16.50 -9.35 8.81
N HIS A 68 -15.40 -9.91 8.34
CA HIS A 68 -15.08 -9.85 6.92
C HIS A 68 -16.11 -10.62 6.10
N HIS A 69 -16.60 -9.99 5.04
CA HIS A 69 -17.55 -10.63 4.14
C HIS A 69 -16.80 -11.33 3.01
N HIS A 70 -15.48 -11.28 3.10
CA HIS A 70 -14.61 -11.93 2.13
C HIS A 70 -14.20 -13.30 2.65
N MET A 1 3.70 -12.71 -24.08
CA MET A 1 4.11 -11.72 -23.07
C MET A 1 4.80 -12.38 -21.89
N GLU A 2 6.03 -11.95 -21.63
CA GLU A 2 6.81 -12.41 -20.48
C GLU A 2 7.57 -11.23 -19.89
N SER A 3 6.92 -10.50 -19.00
CA SER A 3 7.50 -9.29 -18.42
C SER A 3 6.96 -9.06 -17.02
N ARG A 4 7.86 -8.96 -16.05
CA ARG A 4 7.47 -8.69 -14.68
C ARG A 4 7.68 -7.21 -14.36
N LEU A 5 6.65 -6.41 -14.60
CA LEU A 5 6.75 -4.97 -14.43
C LEU A 5 6.37 -4.55 -13.03
N LEU A 6 7.15 -5.01 -12.06
CA LEU A 6 6.95 -4.64 -10.66
C LEU A 6 8.17 -3.88 -10.17
N ASP A 7 8.13 -3.50 -8.89
CA ASP A 7 9.23 -2.76 -8.25
C ASP A 7 9.42 -1.40 -8.90
N ILE A 8 8.37 -0.91 -9.54
CA ILE A 8 8.41 0.37 -10.24
C ILE A 8 7.85 1.49 -9.37
N LEU A 9 7.11 1.10 -8.33
CA LEU A 9 6.52 2.05 -7.42
C LEU A 9 7.39 2.24 -6.19
N VAL A 10 8.08 3.37 -6.13
CA VAL A 10 8.96 3.68 -5.02
C VAL A 10 8.78 5.12 -4.57
N CYS A 11 9.19 5.39 -3.34
CA CYS A 11 9.18 6.74 -2.79
C CYS A 11 10.26 7.59 -3.47
N PRO A 12 9.93 8.81 -3.89
CA PRO A 12 10.89 9.70 -4.54
C PRO A 12 12.00 10.16 -3.58
N VAL A 13 11.69 10.15 -2.29
CA VAL A 13 12.62 10.64 -1.28
C VAL A 13 13.62 9.56 -0.89
N CYS A 14 13.13 8.53 -0.21
CA CYS A 14 14.00 7.50 0.33
C CYS A 14 14.16 6.33 -0.65
N LYS A 15 13.52 6.43 -1.81
CA LYS A 15 13.53 5.37 -2.82
C LYS A 15 13.09 4.03 -2.23
N GLY A 16 12.24 4.11 -1.21
CA GLY A 16 11.71 2.92 -0.60
C GLY A 16 10.60 2.31 -1.44
N ARG A 17 10.66 1.01 -1.62
CA ARG A 17 9.66 0.29 -2.41
C ARG A 17 8.30 0.37 -1.73
N LEU A 18 7.27 0.62 -2.53
CA LEU A 18 5.91 0.68 -2.02
C LEU A 18 5.30 -0.72 -1.96
N GLU A 19 4.42 -0.93 -1.00
CA GLU A 19 3.77 -2.22 -0.83
C GLU A 19 2.27 -2.05 -0.89
N PHE A 20 1.61 -2.92 -1.66
CA PHE A 20 0.18 -2.78 -1.90
C PHE A 20 -0.65 -3.49 -0.84
N GLN A 21 -1.40 -2.72 -0.09
CA GLN A 21 -2.33 -3.26 0.88
C GLN A 21 -3.65 -3.61 0.20
N ARG A 22 -3.92 -4.91 0.08
CA ARG A 22 -5.17 -5.37 -0.51
C ARG A 22 -6.32 -5.17 0.46
N ALA A 23 -6.89 -3.97 0.43
CA ALA A 23 -7.98 -3.59 1.30
C ALA A 23 -8.58 -2.27 0.84
N GLN A 24 -7.76 -1.23 0.85
CA GLN A 24 -8.23 0.09 0.45
C GLN A 24 -7.38 0.64 -0.69
N ALA A 25 -6.66 -0.26 -1.34
CA ALA A 25 -5.72 0.10 -2.40
C ALA A 25 -4.70 1.12 -1.90
N GLU A 26 -3.88 0.70 -0.95
CA GLU A 26 -2.90 1.59 -0.33
C GLU A 26 -1.49 1.11 -0.60
N LEU A 27 -0.64 1.99 -1.11
CA LEU A 27 0.77 1.69 -1.28
C LEU A 27 1.57 2.24 -0.12
N VAL A 28 2.00 1.36 0.77
CA VAL A 28 2.75 1.78 1.93
C VAL A 28 4.23 1.85 1.62
N CYS A 29 4.81 3.04 1.77
CA CYS A 29 6.24 3.20 1.67
C CYS A 29 6.91 2.51 2.84
N ASN A 30 7.63 1.44 2.55
CA ASN A 30 8.22 0.61 3.60
C ASN A 30 9.47 1.26 4.17
N ALA A 31 9.66 2.53 3.85
CA ALA A 31 10.76 3.31 4.40
C ALA A 31 10.22 4.43 5.26
N ASP A 32 9.28 5.19 4.72
CA ASP A 32 8.79 6.40 5.37
C ASP A 32 7.54 6.14 6.21
N ARG A 33 7.09 4.88 6.25
CA ARG A 33 5.87 4.53 6.96
C ARG A 33 4.68 5.36 6.50
N LEU A 34 4.54 5.50 5.18
CA LEU A 34 3.47 6.32 4.62
C LEU A 34 2.65 5.54 3.61
N ALA A 35 1.35 5.61 3.74
CA ALA A 35 0.43 4.91 2.85
C ALA A 35 -0.13 5.85 1.79
N PHE A 36 0.14 5.52 0.54
CA PHE A 36 -0.34 6.31 -0.59
C PHE A 36 -1.45 5.57 -1.32
N PRO A 37 -2.67 6.10 -1.27
CA PRO A 37 -3.84 5.47 -1.88
C PRO A 37 -3.80 5.51 -3.40
N VAL A 38 -4.14 4.38 -4.03
CA VAL A 38 -4.20 4.30 -5.47
C VAL A 38 -5.57 4.77 -5.96
N ARG A 39 -5.60 5.94 -6.58
CA ARG A 39 -6.85 6.54 -7.01
C ARG A 39 -7.17 6.10 -8.43
N ASP A 40 -7.48 4.81 -8.58
CA ASP A 40 -7.80 4.20 -9.87
C ASP A 40 -6.69 4.45 -10.89
N GLY A 41 -5.61 3.70 -10.79
CA GLY A 41 -4.52 3.83 -11.72
C GLY A 41 -3.39 4.68 -11.21
N VAL A 42 -3.72 5.86 -10.68
CA VAL A 42 -2.69 6.79 -10.23
C VAL A 42 -2.61 6.79 -8.71
N PRO A 43 -1.45 6.39 -8.16
CA PRO A 43 -1.20 6.43 -6.72
C PRO A 43 -1.00 7.85 -6.22
N ILE A 44 -1.88 8.30 -5.34
CA ILE A 44 -1.81 9.65 -4.82
C ILE A 44 -0.74 9.74 -3.75
N MET A 45 0.43 10.23 -4.15
CA MET A 45 1.56 10.36 -3.25
C MET A 45 1.63 11.78 -2.69
N LEU A 46 0.48 12.44 -2.66
CA LEU A 46 0.38 13.78 -2.13
C LEU A 46 0.17 13.72 -0.62
N GLU A 47 0.90 14.57 0.11
CA GLU A 47 0.86 14.58 1.57
C GLU A 47 -0.55 14.91 2.08
N ALA A 48 -1.26 15.73 1.31
CA ALA A 48 -2.62 16.11 1.67
C ALA A 48 -3.54 14.90 1.70
N GLU A 49 -3.16 13.86 0.99
CA GLU A 49 -3.96 12.64 0.90
C GLU A 49 -3.21 11.45 1.48
N ALA A 50 -2.05 11.71 2.06
CA ALA A 50 -1.18 10.65 2.56
C ALA A 50 -1.57 10.24 3.97
N ARG A 51 -1.54 8.94 4.23
CA ARG A 51 -1.82 8.42 5.55
C ARG A 51 -0.53 7.91 6.18
N SER A 52 -0.21 8.39 7.37
CA SER A 52 0.93 7.90 8.11
C SER A 52 0.55 6.66 8.89
N LEU A 53 1.55 5.86 9.22
CA LEU A 53 1.34 4.68 10.03
C LEU A 53 1.40 5.05 11.51
N ASP A 54 1.67 6.31 11.77
CA ASP A 54 1.67 6.84 13.13
C ASP A 54 0.25 7.04 13.62
N ALA A 55 -0.56 7.71 12.80
CA ALA A 55 -1.95 7.94 13.14
C ALA A 55 -2.78 6.73 12.74
N GLU A 56 -2.76 5.71 13.59
CA GLU A 56 -3.42 4.47 13.30
C GLU A 56 -4.04 3.89 14.56
N ALA A 57 -5.19 3.26 14.40
CA ALA A 57 -5.85 2.58 15.50
C ALA A 57 -5.68 1.07 15.34
N PRO A 58 -5.05 0.42 16.33
CA PRO A 58 -4.84 -1.04 16.31
C PRO A 58 -6.14 -1.81 16.08
N ALA A 59 -6.05 -2.91 15.36
CA ALA A 59 -7.22 -3.71 15.03
C ALA A 59 -7.45 -4.78 16.09
N GLN A 60 -8.70 -4.96 16.47
CA GLN A 60 -9.08 -5.98 17.43
C GLN A 60 -9.16 -7.35 16.73
N PRO A 61 -9.07 -8.45 17.51
CA PRO A 61 -9.15 -9.81 16.96
C PRO A 61 -10.42 -10.03 16.13
N SER A 62 -10.28 -9.90 14.81
CA SER A 62 -11.41 -10.03 13.92
C SER A 62 -11.14 -11.10 12.84
N LEU A 63 -10.16 -11.95 13.12
CA LEU A 63 -9.77 -12.98 12.18
C LEU A 63 -10.54 -14.27 12.42
N GLU A 64 -11.43 -14.60 11.51
CA GLU A 64 -12.21 -15.83 11.61
C GLU A 64 -11.45 -16.98 10.95
N HIS A 65 -12.10 -18.14 10.81
CA HIS A 65 -11.47 -19.30 10.19
C HIS A 65 -11.39 -19.09 8.68
N HIS A 66 -10.35 -18.42 8.26
CA HIS A 66 -10.21 -17.99 6.87
C HIS A 66 -9.60 -19.07 6.00
N HIS A 67 -10.37 -19.54 5.03
CA HIS A 67 -9.84 -20.39 3.97
C HIS A 67 -9.96 -19.65 2.65
N HIS A 68 -10.96 -18.75 2.59
CA HIS A 68 -11.23 -17.90 1.44
C HIS A 68 -11.31 -18.71 0.14
N HIS A 69 -10.17 -18.87 -0.52
CA HIS A 69 -10.10 -19.55 -1.79
C HIS A 69 -8.67 -19.99 -2.05
N HIS A 70 -8.49 -21.25 -2.43
CA HIS A 70 -7.18 -21.78 -2.74
C HIS A 70 -7.21 -22.45 -4.10
N MET A 1 -8.10 -3.01 -18.89
CA MET A 1 -7.96 -3.25 -17.44
C MET A 1 -6.52 -3.00 -17.00
N GLU A 2 -5.71 -2.47 -17.91
CA GLU A 2 -4.30 -2.27 -17.64
C GLU A 2 -3.92 -0.81 -17.86
N SER A 3 -3.62 -0.12 -16.77
CA SER A 3 -3.10 1.25 -16.86
C SER A 3 -1.68 1.19 -17.44
N ARG A 4 -0.75 0.75 -16.62
CA ARG A 4 0.62 0.46 -17.04
C ARG A 4 1.15 -0.66 -16.17
N LEU A 5 2.00 -1.51 -16.72
CA LEU A 5 2.49 -2.66 -16.00
C LEU A 5 3.72 -2.30 -15.17
N LEU A 6 3.57 -2.37 -13.86
CA LEU A 6 4.64 -2.03 -12.94
C LEU A 6 5.15 -3.29 -12.26
N ASP A 7 6.46 -3.35 -12.04
CA ASP A 7 7.08 -4.52 -11.43
C ASP A 7 7.15 -4.34 -9.91
N ILE A 8 8.05 -3.46 -9.46
CA ILE A 8 8.12 -3.09 -8.05
C ILE A 8 8.60 -1.65 -7.89
N LEU A 9 8.40 -1.11 -6.70
CA LEU A 9 8.95 0.21 -6.34
C LEU A 9 9.39 0.18 -4.89
N VAL A 10 10.36 1.02 -4.55
CA VAL A 10 10.90 1.05 -3.20
C VAL A 10 10.52 2.34 -2.50
N CYS A 11 10.38 2.26 -1.18
CA CYS A 11 10.07 3.43 -0.37
C CYS A 11 11.16 4.48 -0.51
N PRO A 12 10.78 5.77 -0.57
CA PRO A 12 11.75 6.86 -0.73
C PRO A 12 12.83 6.87 0.35
N VAL A 13 12.41 6.68 1.59
CA VAL A 13 13.34 6.71 2.72
C VAL A 13 13.89 5.31 3.00
N CYS A 14 13.01 4.41 3.46
CA CYS A 14 13.41 3.07 3.91
C CYS A 14 13.93 2.21 2.75
N LYS A 15 13.58 2.57 1.52
CA LYS A 15 13.93 1.79 0.34
C LYS A 15 13.39 0.36 0.44
N GLY A 16 12.24 0.22 1.09
CA GLY A 16 11.63 -1.08 1.24
C GLY A 16 10.63 -1.39 0.15
N ARG A 17 10.02 -2.56 0.20
CA ARG A 17 9.09 -3.00 -0.83
C ARG A 17 7.70 -2.44 -0.58
N LEU A 18 7.13 -1.81 -1.60
CA LEU A 18 5.77 -1.27 -1.52
C LEU A 18 4.75 -2.34 -1.90
N GLU A 19 3.51 -2.15 -1.46
CA GLU A 19 2.44 -3.11 -1.76
C GLU A 19 1.34 -2.44 -2.57
N PHE A 20 0.79 -3.17 -3.52
CA PHE A 20 -0.20 -2.61 -4.43
C PHE A 20 -1.62 -3.00 -4.02
N GLN A 21 -2.45 -1.99 -3.77
CA GLN A 21 -3.86 -2.21 -3.50
C GLN A 21 -4.63 -2.44 -4.79
N ARG A 22 -5.28 -3.59 -4.92
CA ARG A 22 -5.97 -3.98 -6.15
C ARG A 22 -7.33 -3.29 -6.29
N ALA A 23 -7.42 -2.06 -5.81
CA ALA A 23 -8.65 -1.29 -5.88
C ALA A 23 -8.36 0.19 -5.73
N GLN A 24 -7.54 0.50 -4.73
CA GLN A 24 -7.14 1.88 -4.47
C GLN A 24 -6.04 2.33 -5.42
N ALA A 25 -5.26 1.36 -5.93
CA ALA A 25 -4.12 1.63 -6.80
C ALA A 25 -3.05 2.44 -6.05
N GLU A 26 -3.04 2.30 -4.73
CA GLU A 26 -2.04 2.97 -3.91
C GLU A 26 -0.99 1.98 -3.43
N LEU A 27 0.23 2.48 -3.25
CA LEU A 27 1.34 1.64 -2.80
C LEU A 27 1.55 1.82 -1.31
N VAL A 28 1.22 0.80 -0.54
CA VAL A 28 1.28 0.85 0.92
C VAL A 28 2.71 0.69 1.43
N CYS A 29 3.11 1.63 2.27
CA CYS A 29 4.40 1.57 2.93
C CYS A 29 4.26 0.88 4.27
N ASN A 30 4.47 -0.43 4.28
CA ASN A 30 4.23 -1.25 5.48
C ASN A 30 5.10 -0.83 6.65
N ALA A 31 6.28 -0.30 6.37
CA ALA A 31 7.21 0.08 7.42
C ALA A 31 7.09 1.55 7.80
N ASP A 32 6.36 2.31 7.00
CA ASP A 32 6.26 3.76 7.21
C ASP A 32 4.85 4.17 7.63
N ARG A 33 3.90 3.24 7.56
CA ARG A 33 2.50 3.51 7.88
C ARG A 33 1.92 4.54 6.92
N LEU A 34 2.41 4.53 5.69
CA LEU A 34 1.95 5.46 4.67
C LEU A 34 1.49 4.70 3.44
N ALA A 35 1.05 5.44 2.43
CA ALA A 35 0.62 4.84 1.17
C ALA A 35 0.70 5.88 0.05
N PHE A 36 1.27 5.47 -1.07
CA PHE A 36 1.41 6.36 -2.22
C PHE A 36 0.33 6.09 -3.24
N PRO A 37 -0.68 6.97 -3.31
CA PRO A 37 -1.83 6.78 -4.19
C PRO A 37 -1.55 7.17 -5.64
N VAL A 38 -1.75 6.24 -6.55
CA VAL A 38 -1.64 6.53 -7.97
C VAL A 38 -2.98 7.09 -8.47
N ARG A 39 -2.96 8.32 -8.99
CA ARG A 39 -4.18 8.98 -9.43
C ARG A 39 -4.53 8.55 -10.85
N ASP A 40 -4.45 7.24 -11.08
CA ASP A 40 -4.71 6.64 -12.38
C ASP A 40 -3.82 7.26 -13.46
N GLY A 41 -2.65 6.69 -13.63
CA GLY A 41 -1.70 7.21 -14.59
C GLY A 41 -0.58 7.99 -13.92
N VAL A 42 -0.96 8.91 -13.04
CA VAL A 42 0.02 9.71 -12.31
C VAL A 42 0.22 9.17 -10.90
N PRO A 43 1.37 8.52 -10.66
CA PRO A 43 1.70 7.97 -9.34
C PRO A 43 2.21 9.06 -8.40
N ILE A 44 1.56 9.20 -7.25
CA ILE A 44 1.96 10.19 -6.27
C ILE A 44 2.84 9.55 -5.20
N MET A 45 4.14 9.76 -5.32
CA MET A 45 5.09 9.23 -4.35
C MET A 45 5.50 10.32 -3.37
N LEU A 46 4.83 11.46 -3.47
CA LEU A 46 5.06 12.57 -2.57
C LEU A 46 4.44 12.27 -1.21
N GLU A 47 5.28 12.17 -0.19
CA GLU A 47 4.83 11.85 1.16
C GLU A 47 3.91 12.94 1.71
N ALA A 48 3.97 14.12 1.10
CA ALA A 48 3.11 15.24 1.47
C ALA A 48 1.67 14.97 1.05
N GLU A 49 1.50 14.24 -0.04
CA GLU A 49 0.18 13.92 -0.56
C GLU A 49 -0.17 12.46 -0.29
N ALA A 50 0.68 11.81 0.50
CA ALA A 50 0.54 10.39 0.76
C ALA A 50 -0.59 10.12 1.75
N ARG A 51 -1.16 8.94 1.65
CA ARG A 51 -2.24 8.52 2.53
C ARG A 51 -1.67 7.84 3.76
N SER A 52 -1.86 8.43 4.92
CA SER A 52 -1.37 7.86 6.15
C SER A 52 -2.30 6.78 6.67
N LEU A 53 -1.70 5.77 7.26
CA LEU A 53 -2.46 4.67 7.84
C LEU A 53 -2.74 4.96 9.30
N ASP A 54 -2.09 6.00 9.81
CA ASP A 54 -2.31 6.46 11.17
C ASP A 54 -3.47 7.46 11.21
N ALA A 55 -3.61 8.20 10.12
CA ALA A 55 -4.70 9.16 9.99
C ALA A 55 -5.93 8.52 9.36
N GLU A 56 -5.79 7.26 8.97
CA GLU A 56 -6.89 6.51 8.38
C GLU A 56 -7.54 5.62 9.44
N ALA A 57 -8.76 5.17 9.17
CA ALA A 57 -9.46 4.27 10.07
C ALA A 57 -8.91 2.86 9.95
N PRO A 58 -8.29 2.33 11.02
CA PRO A 58 -7.69 1.01 11.02
C PRO A 58 -8.72 -0.10 10.90
N ALA A 59 -8.45 -1.06 10.03
CA ALA A 59 -9.35 -2.19 9.84
C ALA A 59 -9.40 -3.05 11.09
N GLN A 60 -10.62 -3.46 11.45
CA GLN A 60 -10.81 -4.31 12.62
C GLN A 60 -10.20 -5.69 12.38
N PRO A 61 -9.71 -6.33 13.47
CA PRO A 61 -9.05 -7.64 13.39
C PRO A 61 -9.85 -8.65 12.58
N SER A 62 -9.19 -9.25 11.60
CA SER A 62 -9.83 -10.20 10.70
C SER A 62 -10.46 -11.35 11.46
N LEU A 63 -11.67 -11.72 11.05
CA LEU A 63 -12.40 -12.82 11.68
C LEU A 63 -11.64 -14.13 11.51
N GLU A 64 -11.37 -14.79 12.63
CA GLU A 64 -10.74 -16.10 12.64
C GLU A 64 -9.29 -16.01 12.12
N HIS A 65 -8.35 -15.87 13.04
CA HIS A 65 -6.95 -15.64 12.69
C HIS A 65 -6.24 -16.93 12.32
N HIS A 66 -6.53 -17.43 11.13
CA HIS A 66 -5.88 -18.63 10.62
C HIS A 66 -4.48 -18.29 10.09
N HIS A 67 -3.46 -18.81 10.77
CA HIS A 67 -2.08 -18.60 10.36
C HIS A 67 -1.68 -19.61 9.28
N HIS A 68 -0.90 -19.16 8.31
CA HIS A 68 -0.46 -20.04 7.22
C HIS A 68 0.81 -20.77 7.60
N HIS A 69 0.69 -22.06 7.89
CA HIS A 69 1.84 -22.86 8.33
C HIS A 69 1.68 -24.30 7.85
N HIS A 70 2.79 -24.93 7.49
CA HIS A 70 2.77 -26.33 7.08
C HIS A 70 3.22 -27.21 8.23
N MET A 1 16.75 -4.14 -24.49
CA MET A 1 15.62 -3.26 -24.12
C MET A 1 14.33 -4.06 -24.02
N GLU A 2 14.06 -4.53 -22.81
CA GLU A 2 12.85 -5.30 -22.57
C GLU A 2 11.77 -4.36 -22.07
N SER A 3 10.89 -3.96 -22.99
CA SER A 3 9.91 -2.90 -22.74
C SER A 3 10.64 -1.58 -22.51
N ARG A 4 9.91 -0.56 -22.07
CA ARG A 4 10.54 0.71 -21.75
C ARG A 4 11.20 0.63 -20.37
N LEU A 5 10.38 0.59 -19.34
CA LEU A 5 10.86 0.49 -17.97
C LEU A 5 9.95 -0.44 -17.16
N LEU A 6 10.51 -1.57 -16.72
CA LEU A 6 9.74 -2.55 -15.95
C LEU A 6 9.83 -2.26 -14.46
N ASP A 7 10.13 -1.01 -14.13
CA ASP A 7 10.15 -0.55 -12.75
C ASP A 7 9.97 0.97 -12.74
N ILE A 8 8.75 1.40 -12.41
CA ILE A 8 8.40 2.82 -12.49
C ILE A 8 8.14 3.44 -11.13
N LEU A 9 7.25 2.84 -10.35
CA LEU A 9 6.85 3.41 -9.08
C LEU A 9 7.58 2.74 -7.92
N VAL A 10 8.44 3.49 -7.26
CA VAL A 10 9.15 2.99 -6.10
C VAL A 10 8.94 3.92 -4.92
N CYS A 11 8.95 3.37 -3.72
CA CYS A 11 8.85 4.16 -2.50
C CYS A 11 9.95 5.20 -2.46
N PRO A 12 9.59 6.49 -2.32
CA PRO A 12 10.56 7.59 -2.30
C PRO A 12 11.60 7.42 -1.19
N VAL A 13 11.19 6.83 -0.08
CA VAL A 13 12.06 6.69 1.08
C VAL A 13 12.92 5.42 0.98
N CYS A 14 12.27 4.27 1.00
CA CYS A 14 12.96 2.99 1.08
C CYS A 14 13.32 2.43 -0.29
N LYS A 15 12.74 3.01 -1.34
CA LYS A 15 12.94 2.53 -2.71
C LYS A 15 12.53 1.06 -2.85
N GLY A 16 11.58 0.62 -2.02
CA GLY A 16 11.16 -0.77 -2.03
C GLY A 16 10.08 -1.07 -3.05
N ARG A 17 9.85 -0.10 -3.94
CA ARG A 17 8.84 -0.21 -5.00
C ARG A 17 7.41 -0.14 -4.44
N LEU A 18 6.47 0.29 -5.28
CA LEU A 18 5.07 0.38 -4.89
C LEU A 18 4.24 -0.57 -5.74
N GLU A 19 3.43 -1.40 -5.10
CA GLU A 19 2.67 -2.42 -5.80
C GLU A 19 1.22 -1.95 -5.99
N PHE A 20 0.72 -2.10 -7.21
CA PHE A 20 -0.62 -1.65 -7.55
C PHE A 20 -1.69 -2.62 -7.03
N GLN A 21 -2.46 -2.18 -6.07
CA GLN A 21 -3.55 -2.98 -5.53
C GLN A 21 -4.85 -2.61 -6.22
N ARG A 22 -5.77 -3.57 -6.27
CA ARG A 22 -7.03 -3.38 -6.97
C ARG A 22 -8.11 -2.88 -6.00
N ALA A 23 -7.65 -2.41 -4.86
CA ALA A 23 -8.53 -1.85 -3.85
C ALA A 23 -8.19 -0.37 -3.67
N GLN A 24 -9.11 0.49 -4.13
CA GLN A 24 -8.96 1.94 -4.05
C GLN A 24 -7.88 2.45 -5.02
N ALA A 25 -7.31 1.52 -5.79
CA ALA A 25 -6.25 1.86 -6.75
C ALA A 25 -5.05 2.48 -6.04
N GLU A 26 -4.78 2.01 -4.83
CA GLU A 26 -3.70 2.53 -4.04
C GLU A 26 -2.46 1.64 -4.15
N LEU A 27 -1.30 2.25 -4.27
CA LEU A 27 -0.05 1.53 -4.37
C LEU A 27 0.47 1.20 -2.98
N VAL A 28 0.40 -0.06 -2.61
CA VAL A 28 0.80 -0.47 -1.28
C VAL A 28 2.24 -0.98 -1.28
N CYS A 29 3.06 -0.34 -0.46
CA CYS A 29 4.43 -0.79 -0.25
C CYS A 29 4.45 -1.76 0.91
N ASN A 30 4.75 -3.02 0.63
CA ASN A 30 4.73 -4.06 1.66
C ASN A 30 5.80 -3.84 2.71
N ALA A 31 6.82 -3.08 2.36
CA ALA A 31 7.92 -2.80 3.26
C ALA A 31 7.57 -1.66 4.22
N ASP A 32 6.80 -0.70 3.73
CA ASP A 32 6.47 0.50 4.51
C ASP A 32 5.09 0.40 5.14
N ARG A 33 4.29 -0.54 4.65
CA ARG A 33 2.91 -0.73 5.12
C ARG A 33 2.07 0.50 4.79
N LEU A 34 2.48 1.19 3.74
CA LEU A 34 1.81 2.42 3.31
C LEU A 34 1.14 2.22 1.96
N ALA A 35 0.06 2.94 1.75
CA ALA A 35 -0.69 2.84 0.51
C ALA A 35 -0.85 4.20 -0.14
N PHE A 36 -0.25 4.36 -1.32
CA PHE A 36 -0.30 5.61 -2.06
C PHE A 36 -1.34 5.54 -3.18
N PRO A 37 -2.50 6.18 -3.00
CA PRO A 37 -3.61 6.10 -3.96
C PRO A 37 -3.31 6.81 -5.27
N VAL A 38 -3.65 6.16 -6.38
CA VAL A 38 -3.50 6.77 -7.70
C VAL A 38 -4.77 7.53 -8.05
N ARG A 39 -4.68 8.85 -8.04
CA ARG A 39 -5.84 9.68 -8.29
C ARG A 39 -5.92 10.04 -9.78
N ASP A 40 -6.30 9.04 -10.56
CA ASP A 40 -6.46 9.17 -12.01
C ASP A 40 -5.18 9.66 -12.69
N GLY A 41 -4.34 8.70 -13.06
CA GLY A 41 -3.11 9.04 -13.78
C GLY A 41 -1.98 9.47 -12.86
N VAL A 42 -2.31 10.09 -11.74
CA VAL A 42 -1.29 10.63 -10.85
C VAL A 42 -1.31 9.91 -9.49
N PRO A 43 -0.25 9.15 -9.18
CA PRO A 43 -0.10 8.50 -7.88
C PRO A 43 0.22 9.52 -6.80
N ILE A 44 -0.69 9.68 -5.85
CA ILE A 44 -0.54 10.68 -4.81
C ILE A 44 0.38 10.16 -3.72
N MET A 45 1.68 10.40 -3.88
CA MET A 45 2.67 10.00 -2.90
C MET A 45 2.87 11.10 -1.87
N LEU A 46 1.83 11.35 -1.08
CA LEU A 46 1.89 12.35 -0.02
C LEU A 46 1.62 11.69 1.32
N GLU A 47 2.36 12.11 2.35
CA GLU A 47 2.28 11.48 3.67
C GLU A 47 1.00 11.91 4.39
N ALA A 48 0.33 12.94 3.85
CA ALA A 48 -0.94 13.39 4.39
C ALA A 48 -2.11 12.68 3.72
N GLU A 49 -1.82 12.00 2.62
CA GLU A 49 -2.86 11.34 1.82
C GLU A 49 -2.74 9.82 1.92
N ALA A 50 -1.52 9.33 2.13
CA ALA A 50 -1.28 7.89 2.19
C ALA A 50 -1.63 7.34 3.57
N ARG A 51 -2.36 6.24 3.58
CA ARG A 51 -2.73 5.60 4.82
C ARG A 51 -1.78 4.45 5.13
N SER A 52 -1.56 4.19 6.43
CA SER A 52 -0.79 3.05 6.84
C SER A 52 -1.70 1.92 7.29
N LEU A 53 -1.26 0.72 7.02
CA LEU A 53 -2.04 -0.48 7.33
C LEU A 53 -1.87 -0.85 8.80
N ASP A 54 -0.94 -0.19 9.47
CA ASP A 54 -0.67 -0.45 10.86
C ASP A 54 -1.20 0.68 11.73
N ALA A 55 -1.43 1.83 11.12
CA ALA A 55 -1.88 3.01 11.83
C ALA A 55 -3.40 3.02 12.00
N GLU A 56 -4.12 2.46 11.04
CA GLU A 56 -5.58 2.42 11.11
C GLU A 56 -6.06 1.17 11.83
N ALA A 57 -7.36 0.92 11.78
CA ALA A 57 -7.96 -0.23 12.43
C ALA A 57 -7.62 -1.51 11.68
N PRO A 58 -7.00 -2.47 12.38
CA PRO A 58 -6.59 -3.75 11.80
C PRO A 58 -7.74 -4.74 11.65
N ALA A 59 -7.40 -6.01 11.56
CA ALA A 59 -8.40 -7.07 11.43
C ALA A 59 -9.28 -7.14 12.67
N GLN A 60 -10.51 -7.62 12.49
CA GLN A 60 -11.50 -7.68 13.55
C GLN A 60 -11.02 -8.55 14.70
N PRO A 61 -10.92 -7.97 15.91
CA PRO A 61 -10.53 -8.70 17.10
C PRO A 61 -11.67 -9.60 17.60
N SER A 62 -11.79 -10.77 16.99
CA SER A 62 -12.84 -11.71 17.33
C SER A 62 -12.30 -13.13 17.28
N LEU A 63 -13.17 -14.11 17.08
CA LEU A 63 -12.76 -15.51 17.07
C LEU A 63 -12.10 -15.89 15.75
N GLU A 64 -11.87 -14.90 14.90
CA GLU A 64 -11.29 -15.14 13.59
C GLU A 64 -9.76 -15.18 13.68
N HIS A 65 -9.24 -16.30 14.15
CA HIS A 65 -7.79 -16.52 14.23
C HIS A 65 -7.49 -17.98 13.95
N HIS A 66 -6.21 -18.32 13.87
CA HIS A 66 -5.80 -19.70 13.67
C HIS A 66 -5.23 -20.28 14.96
N HIS A 67 -6.00 -21.17 15.59
CA HIS A 67 -5.58 -21.83 16.81
C HIS A 67 -6.32 -23.15 16.97
N HIS A 68 -6.23 -23.75 18.15
CA HIS A 68 -6.89 -25.02 18.43
C HIS A 68 -8.39 -24.81 18.59
N HIS A 69 -9.15 -25.40 17.69
CA HIS A 69 -10.60 -25.33 17.76
C HIS A 69 -11.12 -26.27 18.84
N HIS A 70 -11.39 -25.71 20.00
CA HIS A 70 -11.90 -26.49 21.12
C HIS A 70 -13.43 -26.51 21.07
N MET A 1 13.53 -5.57 -21.47
CA MET A 1 13.61 -6.65 -20.46
C MET A 1 14.04 -6.06 -19.12
N GLU A 2 13.52 -6.60 -18.03
CA GLU A 2 13.89 -6.19 -16.67
C GLU A 2 13.33 -4.79 -16.36
N SER A 3 14.14 -3.75 -16.59
CA SER A 3 13.73 -2.36 -16.32
C SER A 3 13.08 -2.23 -14.94
N ARG A 4 13.72 -2.81 -13.93
CA ARG A 4 13.15 -2.84 -12.58
C ARG A 4 13.74 -1.74 -11.71
N LEU A 5 14.14 -0.65 -12.35
CA LEU A 5 14.77 0.47 -11.65
C LEU A 5 13.74 1.30 -10.88
N LEU A 6 12.75 1.83 -11.60
CA LEU A 6 11.68 2.63 -10.98
C LEU A 6 12.26 3.83 -10.23
N ASP A 7 13.25 4.47 -10.86
CA ASP A 7 14.02 5.54 -10.24
C ASP A 7 13.24 6.85 -10.18
N ILE A 8 12.22 6.96 -11.03
CA ILE A 8 11.48 8.21 -11.17
C ILE A 8 10.36 8.35 -10.14
N LEU A 9 10.16 7.32 -9.34
CA LEU A 9 9.12 7.35 -8.31
C LEU A 9 9.73 7.19 -6.92
N VAL A 10 9.62 8.23 -6.11
CA VAL A 10 10.17 8.20 -4.76
C VAL A 10 9.13 8.57 -3.72
N CYS A 11 9.25 7.95 -2.55
CA CYS A 11 8.41 8.22 -1.40
C CYS A 11 8.64 9.64 -0.89
N PRO A 12 7.57 10.37 -0.54
CA PRO A 12 7.67 11.74 -0.02
C PRO A 12 8.38 11.81 1.34
N VAL A 13 8.25 10.76 2.13
CA VAL A 13 8.83 10.74 3.47
C VAL A 13 10.21 10.09 3.46
N CYS A 14 10.25 8.79 3.21
CA CYS A 14 11.49 8.03 3.30
C CYS A 14 12.37 8.20 2.06
N LYS A 15 11.82 8.87 1.05
CA LYS A 15 12.51 9.11 -0.23
C LYS A 15 13.02 7.80 -0.84
N GLY A 16 12.30 6.71 -0.59
CA GLY A 16 12.64 5.44 -1.19
C GLY A 16 11.86 5.22 -2.46
N ARG A 17 12.33 4.32 -3.30
CA ARG A 17 11.69 4.08 -4.59
C ARG A 17 10.31 3.42 -4.41
N LEU A 18 9.37 3.86 -5.24
CA LEU A 18 8.02 3.32 -5.23
C LEU A 18 7.88 2.25 -6.32
N GLU A 19 7.17 1.18 -6.01
CA GLU A 19 7.01 0.09 -6.95
C GLU A 19 5.54 -0.16 -7.25
N PHE A 20 5.24 -0.30 -8.53
CA PHE A 20 3.86 -0.52 -8.97
C PHE A 20 3.51 -2.00 -8.87
N GLN A 21 2.70 -2.34 -7.90
CA GLN A 21 2.27 -3.70 -7.72
C GLN A 21 0.87 -3.89 -8.27
N ARG A 22 0.66 -5.01 -8.96
CA ARG A 22 -0.63 -5.26 -9.55
C ARG A 22 -1.52 -6.04 -8.58
N ALA A 23 -1.91 -5.36 -7.51
CA ALA A 23 -2.92 -5.89 -6.61
C ALA A 23 -4.22 -5.18 -6.93
N GLN A 24 -4.19 -3.86 -6.83
CA GLN A 24 -5.24 -3.03 -7.35
C GLN A 24 -4.64 -2.16 -8.44
N ALA A 25 -3.58 -1.44 -8.06
CA ALA A 25 -2.86 -0.51 -8.94
C ALA A 25 -2.04 0.46 -8.10
N GLU A 26 -1.50 -0.01 -6.99
CA GLU A 26 -0.88 0.87 -6.02
C GLU A 26 0.64 0.84 -6.06
N LEU A 27 1.24 2.01 -5.82
CA LEU A 27 2.67 2.12 -5.65
C LEU A 27 3.03 1.82 -4.21
N VAL A 28 3.56 0.64 -3.97
CA VAL A 28 3.83 0.19 -2.62
C VAL A 28 5.14 0.76 -2.09
N CYS A 29 5.07 1.33 -0.90
CA CYS A 29 6.23 1.85 -0.22
C CYS A 29 6.71 0.83 0.81
N ASN A 30 7.78 0.12 0.48
CA ASN A 30 8.26 -0.97 1.33
C ASN A 30 8.68 -0.46 2.71
N ALA A 31 9.19 0.76 2.77
CA ALA A 31 9.66 1.33 4.03
C ALA A 31 8.50 1.79 4.90
N ASP A 32 7.60 2.56 4.30
CA ASP A 32 6.47 3.16 5.01
C ASP A 32 5.37 2.13 5.25
N ARG A 33 5.42 1.03 4.51
CA ARG A 33 4.36 0.03 4.50
C ARG A 33 3.03 0.66 4.08
N LEU A 34 3.12 1.52 3.08
CA LEU A 34 1.95 2.18 2.50
C LEU A 34 1.87 1.87 1.02
N ALA A 35 0.81 2.34 0.38
CA ALA A 35 0.62 2.10 -1.04
C ALA A 35 -0.24 3.19 -1.67
N PHE A 36 0.27 3.83 -2.71
CA PHE A 36 -0.45 4.89 -3.41
C PHE A 36 -1.17 4.33 -4.63
N PRO A 37 -2.49 4.12 -4.55
CA PRO A 37 -3.28 3.50 -5.61
C PRO A 37 -3.53 4.44 -6.79
N VAL A 38 -3.35 3.93 -8.00
CA VAL A 38 -3.64 4.70 -9.19
C VAL A 38 -5.10 4.54 -9.58
N ARG A 39 -5.82 5.65 -9.58
CA ARG A 39 -7.23 5.66 -9.95
C ARG A 39 -7.39 6.18 -11.38
N ASP A 40 -7.36 5.25 -12.33
CA ASP A 40 -7.53 5.56 -13.76
C ASP A 40 -6.69 6.76 -14.18
N GLY A 41 -5.37 6.57 -14.21
CA GLY A 41 -4.48 7.62 -14.64
C GLY A 41 -4.04 8.54 -13.52
N VAL A 42 -4.86 8.66 -12.48
CA VAL A 42 -4.55 9.55 -11.36
C VAL A 42 -4.03 8.77 -10.15
N PRO A 43 -2.71 8.81 -9.90
CA PRO A 43 -2.12 8.18 -8.71
C PRO A 43 -2.49 8.93 -7.44
N ILE A 44 -3.21 8.26 -6.55
CA ILE A 44 -3.66 8.89 -5.33
C ILE A 44 -2.51 9.02 -4.33
N MET A 45 -1.80 10.14 -4.42
CA MET A 45 -0.70 10.43 -3.53
C MET A 45 -1.21 11.11 -2.26
N LEU A 46 -2.49 10.95 -1.99
CA LEU A 46 -3.11 11.52 -0.80
C LEU A 46 -2.85 10.62 0.39
N GLU A 47 -2.18 11.16 1.40
CA GLU A 47 -1.68 10.38 2.53
C GLU A 47 -2.83 9.77 3.35
N ALA A 48 -3.99 10.42 3.33
CA ALA A 48 -5.13 9.96 4.11
C ALA A 48 -6.06 9.08 3.29
N GLU A 49 -5.72 8.86 2.03
CA GLU A 49 -6.51 7.97 1.17
C GLU A 49 -5.63 6.88 0.57
N ALA A 50 -4.39 6.84 1.00
CA ALA A 50 -3.46 5.83 0.53
C ALA A 50 -3.72 4.50 1.26
N ARG A 51 -3.56 3.40 0.54
CA ARG A 51 -3.75 2.08 1.11
C ARG A 51 -2.62 1.78 2.09
N SER A 52 -2.95 1.34 3.28
CA SER A 52 -1.95 1.02 4.26
C SER A 52 -1.74 -0.47 4.36
N LEU A 53 -0.49 -0.83 4.55
CA LEU A 53 -0.10 -2.21 4.75
C LEU A 53 0.38 -2.38 6.18
N ASP A 54 0.54 -1.25 6.86
CA ASP A 54 0.90 -1.23 8.26
C ASP A 54 -0.35 -1.54 9.08
N ALA A 55 -1.50 -1.18 8.53
CA ALA A 55 -2.78 -1.45 9.17
C ALA A 55 -3.43 -2.71 8.60
N GLU A 56 -2.88 -3.21 7.50
CA GLU A 56 -3.46 -4.39 6.85
C GLU A 56 -2.83 -5.65 7.43
N ALA A 57 -2.95 -6.76 6.69
CA ALA A 57 -2.52 -8.09 7.15
C ALA A 57 -3.46 -8.60 8.24
N PRO A 58 -3.44 -9.92 8.55
CA PRO A 58 -4.31 -10.49 9.57
C PRO A 58 -4.12 -9.86 10.94
N ALA A 59 -4.97 -8.89 11.25
CA ALA A 59 -4.92 -8.21 12.54
C ALA A 59 -5.55 -9.10 13.61
N GLN A 60 -5.10 -8.95 14.84
CA GLN A 60 -5.58 -9.77 15.95
C GLN A 60 -6.81 -9.14 16.58
N PRO A 61 -7.98 -9.78 16.43
CA PRO A 61 -9.24 -9.28 16.95
C PRO A 61 -9.39 -9.57 18.44
N SER A 62 -9.71 -8.53 19.21
CA SER A 62 -9.91 -8.67 20.64
C SER A 62 -11.07 -9.62 20.92
N LEU A 63 -10.82 -10.65 21.72
CA LEU A 63 -11.83 -11.65 22.02
C LEU A 63 -12.86 -11.09 22.99
N GLU A 64 -13.93 -10.55 22.44
CA GLU A 64 -15.05 -10.06 23.22
C GLU A 64 -16.00 -11.22 23.50
N HIS A 65 -16.91 -11.04 24.44
CA HIS A 65 -17.90 -12.07 24.75
C HIS A 65 -18.90 -12.13 23.61
N HIS A 66 -18.57 -12.88 22.57
CA HIS A 66 -19.35 -12.90 21.35
C HIS A 66 -19.67 -14.31 20.91
N HIS A 67 -20.50 -14.40 19.88
CA HIS A 67 -20.86 -15.68 19.28
C HIS A 67 -19.72 -16.14 18.39
N HIS A 68 -19.23 -17.36 18.61
CA HIS A 68 -18.05 -17.86 17.91
C HIS A 68 -18.31 -18.07 16.42
N HIS A 69 -19.57 -18.27 16.05
CA HIS A 69 -19.94 -18.36 14.65
C HIS A 69 -21.18 -17.53 14.39
N HIS A 70 -21.65 -17.52 13.15
CA HIS A 70 -22.86 -16.79 12.81
C HIS A 70 -24.07 -17.71 12.92
N MET A 1 11.05 10.00 -20.83
CA MET A 1 11.02 9.55 -19.41
C MET A 1 9.78 8.71 -19.13
N GLU A 2 9.22 8.09 -20.16
CA GLU A 2 8.04 7.25 -19.98
C GLU A 2 8.42 5.80 -20.16
N SER A 3 8.49 5.07 -19.05
CA SER A 3 8.89 3.67 -19.05
C SER A 3 7.78 2.79 -19.62
N ARG A 4 8.18 1.63 -20.10
CA ARG A 4 7.24 0.63 -20.58
C ARG A 4 7.23 -0.56 -19.63
N LEU A 5 7.77 -0.35 -18.44
CA LEU A 5 7.85 -1.39 -17.44
C LEU A 5 7.10 -0.98 -16.17
N LEU A 6 7.49 0.16 -15.60
CA LEU A 6 6.86 0.71 -14.39
C LEU A 6 7.03 -0.23 -13.18
N ASP A 7 7.92 -1.20 -13.31
CA ASP A 7 8.21 -2.14 -12.23
C ASP A 7 9.22 -1.52 -11.26
N ILE A 8 9.68 -0.33 -11.60
CA ILE A 8 10.71 0.37 -10.85
C ILE A 8 10.09 1.22 -9.74
N LEU A 9 8.83 0.99 -9.44
CA LEU A 9 8.12 1.75 -8.41
C LEU A 9 8.57 1.32 -7.02
N VAL A 10 9.51 2.07 -6.46
CA VAL A 10 10.06 1.76 -5.15
C VAL A 10 9.39 2.60 -4.06
N CYS A 11 9.42 2.08 -2.83
CA CYS A 11 8.90 2.81 -1.69
C CYS A 11 9.72 4.08 -1.46
N PRO A 12 9.07 5.24 -1.37
CA PRO A 12 9.76 6.51 -1.15
C PRO A 12 10.52 6.54 0.17
N VAL A 13 10.11 5.70 1.11
CA VAL A 13 10.74 5.66 2.41
C VAL A 13 11.93 4.71 2.43
N CYS A 14 11.67 3.40 2.36
CA CYS A 14 12.74 2.41 2.52
C CYS A 14 13.29 1.92 1.18
N LYS A 15 12.75 2.46 0.08
CA LYS A 15 13.19 2.12 -1.28
C LYS A 15 13.01 0.63 -1.60
N GLY A 16 12.24 -0.07 -0.77
CA GLY A 16 12.10 -1.51 -0.93
C GLY A 16 10.97 -1.91 -1.84
N ARG A 17 10.73 -1.07 -2.85
CA ARG A 17 9.66 -1.29 -3.84
C ARG A 17 8.27 -1.14 -3.20
N LEU A 18 7.26 -0.91 -4.02
CA LEU A 18 5.89 -0.85 -3.56
C LEU A 18 5.07 -1.96 -4.19
N GLU A 19 3.90 -2.22 -3.63
CA GLU A 19 3.03 -3.26 -4.15
C GLU A 19 1.78 -2.67 -4.77
N PHE A 20 1.51 -3.06 -6.01
CA PHE A 20 0.31 -2.63 -6.69
C PHE A 20 -0.87 -3.47 -6.22
N GLN A 21 -1.65 -2.93 -5.32
CA GLN A 21 -2.80 -3.62 -4.77
C GLN A 21 -4.08 -3.04 -5.36
N ARG A 22 -5.15 -3.81 -5.32
CA ARG A 22 -6.37 -3.42 -6.00
C ARG A 22 -7.56 -3.37 -5.04
N ALA A 23 -7.60 -2.32 -4.23
CA ALA A 23 -8.79 -2.02 -3.45
C ALA A 23 -9.54 -0.90 -4.17
N GLN A 24 -8.76 0.08 -4.60
CA GLN A 24 -9.23 1.11 -5.50
C GLN A 24 -8.25 1.17 -6.66
N ALA A 25 -7.00 1.48 -6.30
CA ALA A 25 -5.85 1.52 -7.21
C ALA A 25 -4.70 2.19 -6.47
N GLU A 26 -3.93 1.42 -5.72
CA GLU A 26 -2.92 2.02 -4.86
C GLU A 26 -1.69 1.15 -4.67
N LEU A 27 -0.58 1.81 -4.37
CA LEU A 27 0.65 1.14 -3.99
C LEU A 27 0.76 1.17 -2.47
N VAL A 28 0.70 0.01 -1.85
CA VAL A 28 0.66 -0.06 -0.39
C VAL A 28 2.03 -0.30 0.22
N CYS A 29 2.37 0.50 1.21
CA CYS A 29 3.56 0.30 2.01
C CYS A 29 3.19 -0.50 3.25
N ASN A 30 3.57 -1.78 3.28
CA ASN A 30 3.14 -2.68 4.35
C ASN A 30 3.64 -2.23 5.72
N ALA A 31 4.74 -1.48 5.73
CA ALA A 31 5.33 -1.02 6.98
C ALA A 31 4.44 0.01 7.67
N ASP A 32 3.96 0.98 6.89
CA ASP A 32 3.15 2.07 7.43
C ASP A 32 1.66 1.76 7.29
N ARG A 33 1.36 0.78 6.45
CA ARG A 33 -0.02 0.46 6.07
C ARG A 33 -0.66 1.66 5.38
N LEU A 34 0.18 2.42 4.69
CA LEU A 34 -0.28 3.55 3.91
C LEU A 34 -0.43 3.15 2.45
N ALA A 35 -1.45 3.68 1.80
CA ALA A 35 -1.73 3.33 0.43
C ALA A 35 -1.65 4.55 -0.49
N PHE A 36 -0.63 4.56 -1.33
CA PHE A 36 -0.40 5.65 -2.27
C PHE A 36 -1.34 5.50 -3.47
N PRO A 37 -2.27 6.44 -3.64
CA PRO A 37 -3.31 6.34 -4.67
C PRO A 37 -2.80 6.55 -6.08
N VAL A 38 -3.09 5.59 -6.96
CA VAL A 38 -2.77 5.70 -8.36
C VAL A 38 -4.02 6.12 -9.13
N ARG A 39 -4.02 7.35 -9.61
CA ARG A 39 -5.19 7.90 -10.26
C ARG A 39 -5.12 7.65 -11.76
N ASP A 40 -5.38 6.39 -12.13
CA ASP A 40 -5.38 5.94 -13.53
C ASP A 40 -4.15 6.42 -14.30
N GLY A 41 -3.05 5.68 -14.18
CA GLY A 41 -1.83 6.04 -14.86
C GLY A 41 -0.91 6.90 -14.02
N VAL A 42 -1.49 7.83 -13.26
CA VAL A 42 -0.70 8.76 -12.46
C VAL A 42 -0.67 8.33 -10.99
N PRO A 43 0.46 7.78 -10.54
CA PRO A 43 0.62 7.33 -9.16
C PRO A 43 1.01 8.47 -8.22
N ILE A 44 0.14 8.76 -7.26
CA ILE A 44 0.41 9.82 -6.30
C ILE A 44 1.27 9.28 -5.17
N MET A 45 2.58 9.30 -5.38
CA MET A 45 3.53 8.77 -4.41
C MET A 45 3.92 9.84 -3.41
N LEU A 46 2.93 10.37 -2.69
CA LEU A 46 3.17 11.38 -1.68
C LEU A 46 2.49 10.98 -0.38
N GLU A 47 3.29 10.76 0.65
CA GLU A 47 2.81 10.24 1.93
C GLU A 47 1.72 11.15 2.52
N ALA A 48 1.89 12.46 2.37
CA ALA A 48 0.95 13.42 2.93
C ALA A 48 -0.33 13.49 2.10
N GLU A 49 -0.35 12.78 0.99
CA GLU A 49 -1.53 12.72 0.13
C GLU A 49 -2.02 11.29 0.02
N ALA A 50 -1.54 10.43 0.91
CA ALA A 50 -1.96 9.04 0.94
C ALA A 50 -2.75 8.77 2.21
N ARG A 51 -3.67 7.81 2.15
CA ARG A 51 -4.48 7.47 3.32
C ARG A 51 -4.06 6.12 3.87
N SER A 52 -4.34 5.89 5.15
CA SER A 52 -3.94 4.66 5.81
C SER A 52 -5.00 3.58 5.63
N LEU A 53 -4.60 2.36 5.88
CA LEU A 53 -5.47 1.21 5.72
C LEU A 53 -5.87 0.62 7.07
N ASP A 54 -5.29 1.15 8.14
CA ASP A 54 -5.57 0.60 9.47
C ASP A 54 -5.90 1.72 10.46
N ALA A 55 -5.84 2.96 9.99
CA ALA A 55 -6.12 4.11 10.84
C ALA A 55 -7.51 4.68 10.56
N GLU A 56 -8.35 3.89 9.91
CA GLU A 56 -9.72 4.30 9.62
C GLU A 56 -10.67 3.20 10.08
N ALA A 57 -11.96 3.52 10.18
CA ALA A 57 -12.98 2.59 10.65
C ALA A 57 -12.86 2.32 12.15
N PRO A 58 -13.95 1.91 12.81
CA PRO A 58 -13.94 1.59 14.24
C PRO A 58 -13.00 0.43 14.56
N ALA A 59 -11.80 0.75 15.04
CA ALA A 59 -10.83 -0.26 15.41
C ALA A 59 -11.07 -0.74 16.83
N GLN A 60 -10.97 -2.04 17.02
CA GLN A 60 -11.16 -2.66 18.33
C GLN A 60 -9.91 -3.44 18.73
N PRO A 61 -9.75 -3.76 20.02
CA PRO A 61 -8.71 -4.68 20.47
C PRO A 61 -8.82 -6.02 19.73
N SER A 62 -7.68 -6.63 19.44
CA SER A 62 -7.66 -7.82 18.60
C SER A 62 -8.18 -9.05 19.35
N LEU A 63 -9.49 -9.24 19.28
CA LEU A 63 -10.11 -10.46 19.75
C LEU A 63 -9.99 -11.51 18.66
N GLU A 64 -9.14 -12.48 18.88
CA GLU A 64 -8.82 -13.46 17.84
C GLU A 64 -10.00 -14.38 17.57
N HIS A 65 -10.11 -14.82 16.33
CA HIS A 65 -11.02 -15.88 15.97
C HIS A 65 -10.29 -17.20 16.12
N HIS A 66 -10.50 -17.85 17.26
CA HIS A 66 -9.71 -19.02 17.64
C HIS A 66 -9.72 -20.08 16.55
N HIS A 67 -8.54 -20.60 16.27
CA HIS A 67 -8.37 -21.65 15.28
C HIS A 67 -8.49 -23.01 15.94
N HIS A 68 -9.16 -23.94 15.27
CA HIS A 68 -9.16 -25.33 15.70
C HIS A 68 -7.89 -25.99 15.17
N HIS A 69 -7.51 -27.11 15.75
CA HIS A 69 -6.28 -27.78 15.37
C HIS A 69 -6.32 -28.21 13.91
N HIS A 70 -5.54 -27.52 13.08
CA HIS A 70 -5.50 -27.76 11.64
C HIS A 70 -6.88 -27.64 11.01
N MET A 1 8.58 -11.82 -13.72
CA MET A 1 9.59 -11.91 -12.65
C MET A 1 10.43 -10.64 -12.66
N GLU A 2 10.26 -9.82 -11.61
CA GLU A 2 10.91 -8.51 -11.52
C GLU A 2 10.41 -7.59 -12.64
N SER A 3 9.39 -6.80 -12.32
CA SER A 3 8.87 -5.82 -13.27
C SER A 3 9.91 -4.74 -13.52
N ARG A 4 10.68 -4.91 -14.59
CA ARG A 4 11.81 -4.03 -14.88
C ARG A 4 11.37 -2.82 -15.69
N LEU A 5 11.71 -1.64 -15.18
CA LEU A 5 11.42 -0.37 -15.85
C LEU A 5 9.92 -0.18 -16.07
N LEU A 6 9.25 0.30 -15.04
CA LEU A 6 7.82 0.57 -15.13
C LEU A 6 7.49 1.78 -14.26
N ASP A 7 7.31 2.94 -14.91
CA ASP A 7 7.07 4.22 -14.23
C ASP A 7 8.27 4.65 -13.39
N ILE A 8 8.49 3.97 -12.28
CA ILE A 8 9.59 4.27 -11.36
C ILE A 8 9.38 5.61 -10.67
N LEU A 9 8.86 5.58 -9.45
CA LEU A 9 8.60 6.77 -8.68
C LEU A 9 9.27 6.66 -7.31
N VAL A 10 9.68 7.79 -6.77
CA VAL A 10 10.33 7.82 -5.46
C VAL A 10 9.61 8.76 -4.51
N CYS A 11 9.87 8.60 -3.22
CA CYS A 11 9.31 9.47 -2.20
C CYS A 11 9.92 10.87 -2.31
N PRO A 12 9.07 11.91 -2.34
CA PRO A 12 9.52 13.29 -2.47
C PRO A 12 10.49 13.70 -1.36
N VAL A 13 10.24 13.23 -0.15
CA VAL A 13 11.04 13.62 1.00
C VAL A 13 12.18 12.62 1.24
N CYS A 14 11.83 11.37 1.48
CA CYS A 14 12.81 10.36 1.88
C CYS A 14 13.62 9.84 0.68
N LYS A 15 13.15 10.15 -0.53
CA LYS A 15 13.80 9.70 -1.77
C LYS A 15 13.92 8.18 -1.85
N GLY A 16 13.11 7.48 -1.06
CA GLY A 16 13.07 6.04 -1.14
C GLY A 16 12.14 5.58 -2.23
N ARG A 17 12.17 4.30 -2.55
CA ARG A 17 11.33 3.77 -3.63
C ARG A 17 9.86 3.80 -3.23
N LEU A 18 8.99 4.05 -4.21
CA LEU A 18 7.57 3.87 -4.01
C LEU A 18 7.18 2.51 -4.56
N GLU A 19 6.64 1.66 -3.70
CA GLU A 19 6.39 0.28 -4.06
C GLU A 19 5.00 0.14 -4.65
N PHE A 20 4.94 -0.10 -5.94
CA PHE A 20 3.67 -0.24 -6.64
C PHE A 20 3.02 -1.57 -6.29
N GLN A 21 1.94 -1.50 -5.53
CA GLN A 21 1.16 -2.68 -5.21
C GLN A 21 -0.14 -2.64 -5.99
N ARG A 22 -0.87 -3.74 -5.99
CA ARG A 22 -2.10 -3.81 -6.75
C ARG A 22 -3.25 -4.31 -5.88
N ALA A 23 -3.72 -3.44 -5.00
CA ALA A 23 -4.98 -3.67 -4.30
C ALA A 23 -5.99 -2.65 -4.81
N GLN A 24 -5.51 -1.44 -5.04
CA GLN A 24 -6.27 -0.40 -5.72
C GLN A 24 -5.29 0.58 -6.36
N ALA A 25 -4.13 0.05 -6.76
CA ALA A 25 -3.05 0.82 -7.38
C ALA A 25 -2.46 1.82 -6.40
N GLU A 26 -1.65 1.32 -5.48
CA GLU A 26 -1.02 2.14 -4.46
C GLU A 26 0.50 2.10 -4.56
N LEU A 27 1.14 3.23 -4.36
CA LEU A 27 2.59 3.31 -4.31
C LEU A 27 3.05 3.43 -2.87
N VAL A 28 3.48 2.31 -2.31
CA VAL A 28 3.90 2.27 -0.92
C VAL A 28 5.18 3.07 -0.70
N CYS A 29 5.08 4.11 0.11
CA CYS A 29 6.25 4.90 0.50
C CYS A 29 7.13 4.03 1.39
N ASN A 30 8.18 3.49 0.82
CA ASN A 30 8.99 2.47 1.47
C ASN A 30 9.60 2.96 2.79
N ALA A 31 9.97 4.22 2.82
CA ALA A 31 10.65 4.78 3.99
C ALA A 31 9.67 5.57 4.86
N ASP A 32 8.39 5.50 4.50
CA ASP A 32 7.38 6.28 5.23
C ASP A 32 6.24 5.40 5.72
N ARG A 33 6.19 4.16 5.22
CA ARG A 33 5.13 3.22 5.58
C ARG A 33 3.77 3.74 5.13
N LEU A 34 3.77 4.45 4.03
CA LEU A 34 2.56 5.05 3.48
C LEU A 34 2.25 4.44 2.13
N ALA A 35 1.22 4.93 1.47
CA ALA A 35 0.86 4.45 0.14
C ALA A 35 0.11 5.54 -0.63
N PHE A 36 0.69 5.96 -1.75
CA PHE A 36 0.05 6.94 -2.62
C PHE A 36 -0.81 6.25 -3.66
N PRO A 37 -2.13 6.42 -3.57
CA PRO A 37 -3.10 5.77 -4.46
C PRO A 37 -3.19 6.49 -5.81
N VAL A 38 -3.14 5.71 -6.89
CA VAL A 38 -3.31 6.25 -8.23
C VAL A 38 -4.74 6.03 -8.68
N ARG A 39 -5.55 7.07 -8.58
CA ARG A 39 -6.97 6.95 -8.89
C ARG A 39 -7.34 7.66 -10.18
N ASP A 40 -7.78 6.88 -11.16
CA ASP A 40 -8.30 7.41 -12.42
C ASP A 40 -7.27 8.31 -13.12
N GLY A 41 -6.06 7.79 -13.28
CA GLY A 41 -5.01 8.53 -13.98
C GLY A 41 -4.36 9.59 -13.12
N VAL A 42 -4.83 9.77 -11.90
CA VAL A 42 -4.29 10.79 -11.00
C VAL A 42 -3.65 10.15 -9.78
N PRO A 43 -2.30 10.17 -9.72
CA PRO A 43 -1.56 9.68 -8.56
C PRO A 43 -1.68 10.63 -7.37
N ILE A 44 -2.36 10.20 -6.33
CA ILE A 44 -2.58 11.02 -5.17
C ILE A 44 -1.35 11.03 -4.27
N MET A 45 -0.54 12.08 -4.39
CA MET A 45 0.64 12.23 -3.56
C MET A 45 0.34 13.13 -2.37
N LEU A 46 -0.93 13.16 -1.99
CA LEU A 46 -1.37 13.97 -0.85
C LEU A 46 -1.13 13.22 0.45
N GLU A 47 -0.30 13.81 1.31
CA GLU A 47 0.22 13.13 2.48
C GLU A 47 -0.90 12.78 3.48
N ALA A 48 -1.72 13.76 3.82
CA ALA A 48 -2.78 13.55 4.82
C ALA A 48 -3.93 12.73 4.24
N GLU A 49 -3.98 12.67 2.91
CA GLU A 49 -5.01 11.90 2.22
C GLU A 49 -4.47 10.54 1.81
N ALA A 50 -3.24 10.26 2.19
CA ALA A 50 -2.60 9.00 1.85
C ALA A 50 -3.04 7.88 2.78
N ARG A 51 -2.82 6.65 2.35
CA ARG A 51 -3.18 5.48 3.13
C ARG A 51 -1.94 4.86 3.76
N SER A 52 -1.93 4.76 5.08
CA SER A 52 -0.78 4.24 5.78
C SER A 52 -0.87 2.73 5.95
N LEU A 53 0.27 2.11 6.11
CA LEU A 53 0.36 0.67 6.28
C LEU A 53 0.04 0.29 7.72
N ASP A 54 0.13 1.28 8.60
CA ASP A 54 -0.13 1.07 10.01
C ASP A 54 -1.57 1.45 10.34
N ALA A 55 -2.31 1.81 9.31
CA ALA A 55 -3.72 2.16 9.46
C ALA A 55 -4.60 1.09 8.83
N GLU A 56 -3.97 0.02 8.38
CA GLU A 56 -4.67 -1.10 7.77
C GLU A 56 -5.29 -1.99 8.83
N ALA A 57 -6.59 -2.21 8.72
CA ALA A 57 -7.30 -3.10 9.61
C ALA A 57 -7.04 -4.55 9.22
N PRO A 58 -6.55 -5.37 10.14
CA PRO A 58 -6.24 -6.77 9.88
C PRO A 58 -7.49 -7.59 9.62
N ALA A 59 -7.36 -8.65 8.85
CA ALA A 59 -8.47 -9.53 8.54
C ALA A 59 -8.96 -10.24 9.80
N GLN A 60 -10.05 -9.75 10.35
CA GLN A 60 -10.62 -10.31 11.56
C GLN A 60 -11.44 -11.55 11.23
N PRO A 61 -11.25 -12.63 12.01
CA PRO A 61 -12.04 -13.85 11.86
C PRO A 61 -13.53 -13.58 12.00
N SER A 62 -14.34 -14.26 11.20
CA SER A 62 -15.77 -14.04 11.20
C SER A 62 -16.46 -15.04 12.11
N LEU A 63 -17.55 -14.61 12.73
CA LEU A 63 -18.28 -15.44 13.67
C LEU A 63 -19.30 -16.33 12.96
N GLU A 64 -20.24 -16.87 13.73
CA GLU A 64 -21.27 -17.79 13.21
C GLU A 64 -20.63 -19.05 12.65
N HIS A 65 -19.51 -19.43 13.27
CA HIS A 65 -18.81 -20.65 12.90
C HIS A 65 -19.69 -21.87 13.13
N HIS A 66 -19.62 -22.83 12.21
CA HIS A 66 -20.43 -24.03 12.29
C HIS A 66 -19.65 -25.17 12.91
N HIS A 67 -20.36 -26.08 13.54
CA HIS A 67 -19.73 -27.23 14.18
C HIS A 67 -20.05 -28.49 13.39
N HIS A 68 -19.03 -29.09 12.79
CA HIS A 68 -19.22 -30.17 11.82
C HIS A 68 -19.23 -31.54 12.50
N HIS A 69 -19.32 -31.54 13.82
CA HIS A 69 -19.41 -32.78 14.58
C HIS A 69 -20.44 -32.62 15.69
N HIS A 70 -21.10 -33.70 16.07
CA HIS A 70 -22.09 -33.66 17.13
C HIS A 70 -21.97 -34.90 17.99
N MET A 1 1.92 5.91 -23.46
CA MET A 1 3.26 5.72 -22.87
C MET A 1 4.18 5.00 -23.84
N GLU A 2 3.93 3.71 -24.04
CA GLU A 2 4.80 2.85 -24.84
C GLU A 2 6.16 2.69 -24.18
N SER A 3 6.97 3.74 -24.21
CA SER A 3 8.25 3.73 -23.52
C SER A 3 8.04 4.12 -22.06
N ARG A 4 8.07 3.13 -21.18
CA ARG A 4 7.84 3.37 -19.77
C ARG A 4 9.12 3.80 -19.07
N LEU A 5 9.19 5.08 -18.75
CA LEU A 5 10.37 5.67 -18.12
C LEU A 5 10.47 5.25 -16.66
N LEU A 6 9.33 5.02 -16.03
CA LEU A 6 9.29 4.62 -14.63
C LEU A 6 9.35 3.10 -14.52
N ASP A 7 10.49 2.59 -14.11
CA ASP A 7 10.71 1.15 -14.00
C ASP A 7 10.64 0.68 -12.56
N ILE A 8 11.49 1.27 -11.71
CA ILE A 8 11.61 0.82 -10.33
C ILE A 8 10.45 1.29 -9.48
N LEU A 9 10.32 2.62 -9.33
CA LEU A 9 9.27 3.24 -8.50
C LEU A 9 9.58 3.08 -7.01
N VAL A 10 9.64 4.20 -6.30
CA VAL A 10 9.90 4.22 -4.86
C VAL A 10 8.98 5.22 -4.18
N CYS A 11 8.98 5.22 -2.84
CA CYS A 11 8.20 6.18 -2.08
C CYS A 11 8.73 7.59 -2.27
N PRO A 12 7.85 8.56 -2.56
CA PRO A 12 8.25 9.95 -2.80
C PRO A 12 8.70 10.66 -1.53
N VAL A 13 8.35 10.09 -0.38
CA VAL A 13 8.67 10.69 0.90
C VAL A 13 10.05 10.26 1.38
N CYS A 14 10.16 9.01 1.82
CA CYS A 14 11.42 8.53 2.40
C CYS A 14 12.30 7.87 1.36
N LYS A 15 11.74 7.60 0.18
CA LYS A 15 12.42 6.83 -0.85
C LYS A 15 12.92 5.51 -0.27
N GLY A 16 11.99 4.74 0.31
CA GLY A 16 12.36 3.50 0.95
C GLY A 16 11.79 2.28 0.25
N ARG A 17 11.32 1.33 1.04
CA ARG A 17 10.89 0.03 0.55
C ARG A 17 9.37 -0.02 0.31
N LEU A 18 8.99 -0.23 -0.95
CA LEU A 18 7.59 -0.46 -1.30
C LEU A 18 7.34 -1.96 -1.47
N GLU A 19 6.17 -2.42 -1.06
CA GLU A 19 5.80 -3.82 -1.21
C GLU A 19 4.41 -3.92 -1.80
N PHE A 20 4.29 -4.64 -2.89
CA PHE A 20 3.01 -4.78 -3.57
C PHE A 20 2.24 -5.96 -3.01
N GLN A 21 1.08 -5.70 -2.44
CA GLN A 21 0.20 -6.76 -2.00
C GLN A 21 -0.83 -7.05 -3.09
N ARG A 22 -0.89 -8.30 -3.53
CA ARG A 22 -1.82 -8.71 -4.58
C ARG A 22 -3.22 -8.91 -4.01
N ALA A 23 -3.61 -8.03 -3.09
CA ALA A 23 -4.94 -8.09 -2.48
C ALA A 23 -5.79 -6.93 -2.99
N GLN A 24 -5.48 -5.72 -2.53
CA GLN A 24 -6.21 -4.54 -2.95
C GLN A 24 -5.43 -3.76 -4.00
N ALA A 25 -4.32 -4.37 -4.45
CA ALA A 25 -3.40 -3.75 -5.38
C ALA A 25 -2.83 -2.46 -4.79
N GLU A 26 -1.89 -2.61 -3.88
CA GLU A 26 -1.34 -1.49 -3.14
C GLU A 26 0.15 -1.68 -2.88
N LEU A 27 0.90 -0.58 -2.98
CA LEU A 27 2.30 -0.57 -2.65
C LEU A 27 2.48 -0.07 -1.22
N VAL A 28 2.63 -1.01 -0.31
CA VAL A 28 2.76 -0.68 1.09
C VAL A 28 4.19 -0.28 1.42
N CYS A 29 4.41 1.00 1.65
CA CYS A 29 5.70 1.48 2.10
C CYS A 29 5.91 1.03 3.54
N ASN A 30 6.89 0.18 3.76
CA ASN A 30 7.12 -0.40 5.08
C ASN A 30 7.62 0.64 6.07
N ALA A 31 8.24 1.69 5.55
CA ALA A 31 8.84 2.71 6.39
C ALA A 31 7.79 3.72 6.86
N ASP A 32 6.96 4.20 5.93
CA ASP A 32 5.98 5.24 6.26
C ASP A 32 4.64 4.62 6.64
N ARG A 33 4.52 3.31 6.45
CA ARG A 33 3.27 2.58 6.70
C ARG A 33 2.14 3.14 5.83
N LEU A 34 2.49 3.43 4.59
CA LEU A 34 1.54 3.99 3.63
C LEU A 34 1.39 3.08 2.42
N ALA A 35 0.16 2.68 2.16
CA ALA A 35 -0.14 1.82 1.03
C ALA A 35 -0.65 2.65 -0.15
N PHE A 36 0.16 2.74 -1.20
CA PHE A 36 -0.22 3.48 -2.39
C PHE A 36 -1.05 2.59 -3.32
N PRO A 37 -2.33 2.94 -3.51
CA PRO A 37 -3.26 2.15 -4.32
C PRO A 37 -2.92 2.19 -5.81
N VAL A 38 -2.84 1.03 -6.42
CA VAL A 38 -2.52 0.94 -7.83
C VAL A 38 -3.78 0.81 -8.68
N ARG A 39 -3.99 1.78 -9.57
CA ARG A 39 -5.13 1.76 -10.47
C ARG A 39 -4.71 1.28 -11.85
N ASP A 40 -4.73 -0.04 -12.04
CA ASP A 40 -4.41 -0.66 -13.33
C ASP A 40 -3.07 -0.14 -13.86
N GLY A 41 -1.98 -0.59 -13.26
CA GLY A 41 -0.66 -0.21 -13.72
C GLY A 41 -0.18 1.12 -13.13
N VAL A 42 -1.09 2.06 -12.94
CA VAL A 42 -0.73 3.39 -12.45
C VAL A 42 -1.00 3.51 -10.95
N PRO A 43 0.07 3.63 -10.15
CA PRO A 43 -0.03 3.78 -8.70
C PRO A 43 -0.37 5.21 -8.29
N ILE A 44 -1.35 5.35 -7.41
CA ILE A 44 -1.73 6.64 -6.89
C ILE A 44 -0.77 7.04 -5.76
N MET A 45 0.19 7.88 -6.11
CA MET A 45 1.23 8.27 -5.17
C MET A 45 0.80 9.49 -4.35
N LEU A 46 -0.50 9.74 -4.33
CA LEU A 46 -1.05 10.87 -3.61
C LEU A 46 -1.40 10.46 -2.18
N GLU A 47 -0.76 11.11 -1.22
CA GLU A 47 -0.94 10.79 0.20
C GLU A 47 -2.40 10.96 0.62
N ALA A 48 -3.06 11.99 0.11
CA ALA A 48 -4.44 12.29 0.48
C ALA A 48 -5.41 11.23 -0.04
N GLU A 49 -4.93 10.35 -0.91
CA GLU A 49 -5.76 9.30 -1.49
C GLU A 49 -5.12 7.93 -1.30
N ALA A 50 -4.15 7.86 -0.39
CA ALA A 50 -3.45 6.62 -0.11
C ALA A 50 -3.99 5.97 1.16
N ARG A 51 -3.76 4.67 1.29
CA ARG A 51 -4.23 3.94 2.45
C ARG A 51 -3.16 3.92 3.54
N SER A 52 -3.33 4.75 4.56
CA SER A 52 -2.41 4.75 5.67
C SER A 52 -2.70 3.60 6.62
N LEU A 53 -1.63 2.96 7.04
CA LEU A 53 -1.73 1.85 7.97
C LEU A 53 -1.35 2.33 9.36
N ASP A 54 -1.04 3.61 9.45
CA ASP A 54 -0.73 4.23 10.73
C ASP A 54 -2.01 4.83 11.30
N ALA A 55 -2.92 5.22 10.41
CA ALA A 55 -4.21 5.73 10.82
C ALA A 55 -5.23 4.60 10.92
N GLU A 56 -5.13 3.63 10.02
CA GLU A 56 -6.02 2.47 10.02
C GLU A 56 -5.79 1.62 11.27
N ALA A 57 -6.86 1.08 11.83
CA ALA A 57 -6.77 0.29 13.06
C ALA A 57 -5.91 -0.96 12.85
N PRO A 58 -5.14 -1.35 13.87
CA PRO A 58 -4.28 -2.53 13.80
C PRO A 58 -5.09 -3.83 13.83
N ALA A 59 -5.41 -4.33 12.65
CA ALA A 59 -6.19 -5.56 12.54
C ALA A 59 -5.30 -6.78 12.68
N GLN A 60 -5.31 -7.37 13.87
CA GLN A 60 -4.54 -8.59 14.12
C GLN A 60 -5.14 -9.75 13.33
N PRO A 61 -4.29 -10.55 12.67
CA PRO A 61 -4.74 -11.70 11.90
C PRO A 61 -5.46 -12.72 12.77
N SER A 62 -6.76 -12.83 12.58
CA SER A 62 -7.56 -13.78 13.33
C SER A 62 -7.49 -15.14 12.64
N LEU A 63 -6.95 -16.13 13.34
CA LEU A 63 -6.72 -17.45 12.76
C LEU A 63 -7.96 -18.32 12.84
N GLU A 64 -7.90 -19.44 12.12
CA GLU A 64 -8.96 -20.47 12.12
C GLU A 64 -10.20 -20.02 11.37
N HIS A 65 -10.60 -20.84 10.42
CA HIS A 65 -11.82 -20.61 9.66
C HIS A 65 -13.04 -20.83 10.57
N HIS A 66 -12.83 -21.61 11.62
CA HIS A 66 -13.85 -21.83 12.64
C HIS A 66 -14.20 -20.52 13.32
N HIS A 67 -15.37 -19.99 13.02
CA HIS A 67 -15.81 -18.72 13.59
C HIS A 67 -17.26 -18.81 14.03
N HIS A 68 -17.58 -18.17 15.14
CA HIS A 68 -18.93 -18.15 15.68
C HIS A 68 -19.19 -16.79 16.33
N HIS A 69 -20.42 -16.29 16.24
CA HIS A 69 -20.75 -14.98 16.82
C HIS A 69 -20.72 -15.03 18.34
N HIS A 70 -21.83 -15.46 18.92
CA HIS A 70 -21.96 -15.63 20.37
C HIS A 70 -23.32 -16.24 20.67
N MET A 1 -5.08 -1.62 -17.50
CA MET A 1 -4.51 -2.75 -16.74
C MET A 1 -3.03 -2.49 -16.46
N GLU A 2 -2.39 -3.42 -15.78
CA GLU A 2 -0.97 -3.31 -15.48
C GLU A 2 -0.13 -3.57 -16.73
N SER A 3 -0.03 -2.58 -17.59
CA SER A 3 0.73 -2.69 -18.83
C SER A 3 2.20 -2.34 -18.61
N ARG A 4 2.51 -1.92 -17.39
CA ARG A 4 3.87 -1.58 -17.01
C ARG A 4 4.26 -2.36 -15.77
N LEU A 5 5.18 -3.30 -15.93
CA LEU A 5 5.55 -4.21 -14.85
C LEU A 5 6.65 -3.61 -13.97
N LEU A 6 6.23 -2.94 -12.91
CA LEU A 6 7.16 -2.42 -11.93
C LEU A 6 7.31 -3.40 -10.78
N ASP A 7 8.43 -4.10 -10.75
CA ASP A 7 8.68 -5.09 -9.70
C ASP A 7 8.88 -4.38 -8.37
N ILE A 8 9.61 -3.27 -8.39
CA ILE A 8 9.79 -2.44 -7.21
C ILE A 8 9.52 -0.99 -7.55
N LEU A 9 8.53 -0.41 -6.91
CA LEU A 9 8.22 1.00 -7.12
C LEU A 9 9.03 1.83 -6.16
N VAL A 10 9.73 2.83 -6.67
CA VAL A 10 10.55 3.70 -5.86
C VAL A 10 9.98 5.10 -5.82
N CYS A 11 9.98 5.70 -4.65
CA CYS A 11 9.51 7.07 -4.48
C CYS A 11 10.53 8.04 -5.02
N PRO A 12 10.16 8.87 -6.01
CA PRO A 12 11.08 9.82 -6.66
C PRO A 12 11.59 10.89 -5.69
N VAL A 13 10.90 11.03 -4.57
CA VAL A 13 11.22 12.06 -3.59
C VAL A 13 12.44 11.66 -2.75
N CYS A 14 12.38 10.50 -2.13
CA CYS A 14 13.44 10.09 -1.21
C CYS A 14 14.19 8.85 -1.70
N LYS A 15 13.64 8.19 -2.73
CA LYS A 15 14.16 6.90 -3.19
C LYS A 15 14.28 5.93 -2.03
N GLY A 16 13.15 5.69 -1.37
CA GLY A 16 13.14 4.85 -0.19
C GLY A 16 12.32 3.59 -0.39
N ARG A 17 12.37 2.73 0.61
CA ARG A 17 11.70 1.44 0.58
C ARG A 17 10.18 1.59 0.60
N LEU A 18 9.54 1.18 -0.49
CA LEU A 18 8.08 1.12 -0.56
C LEU A 18 7.63 -0.33 -0.54
N GLU A 19 6.76 -0.67 0.40
CA GLU A 19 6.30 -2.04 0.54
C GLU A 19 4.79 -2.12 0.52
N PHE A 20 4.27 -3.09 -0.22
CA PHE A 20 2.83 -3.29 -0.32
C PHE A 20 2.35 -4.08 0.90
N GLN A 21 1.82 -3.36 1.89
CA GLN A 21 1.27 -4.00 3.08
C GLN A 21 -0.24 -4.03 2.99
N ARG A 22 -0.84 -5.15 3.36
CA ARG A 22 -2.27 -5.31 3.20
C ARG A 22 -3.02 -4.88 4.46
N ALA A 23 -3.16 -3.57 4.62
CA ALA A 23 -4.04 -3.02 5.63
C ALA A 23 -5.20 -2.33 4.91
N GLN A 24 -4.85 -1.40 4.05
CA GLN A 24 -5.80 -0.78 3.13
C GLN A 24 -5.24 -0.91 1.71
N ALA A 25 -4.21 -1.73 1.60
CA ALA A 25 -3.46 -1.93 0.35
C ALA A 25 -2.71 -0.65 -0.01
N GLU A 26 -1.62 -0.40 0.69
CA GLU A 26 -0.82 0.79 0.45
C GLU A 26 0.66 0.46 0.43
N LEU A 27 1.44 1.30 -0.24
CA LEU A 27 2.88 1.17 -0.27
C LEU A 27 3.50 1.97 0.87
N VAL A 28 3.78 1.29 1.96
CA VAL A 28 4.31 1.92 3.16
C VAL A 28 5.73 2.44 2.93
N CYS A 29 5.92 3.72 3.20
CA CYS A 29 7.22 4.36 3.07
C CYS A 29 7.88 4.41 4.44
N ASN A 30 8.80 3.49 4.68
CA ASN A 30 9.42 3.33 5.99
C ASN A 30 10.58 4.31 6.19
N ALA A 31 10.29 5.58 5.94
CA ALA A 31 11.26 6.64 6.14
C ALA A 31 10.55 7.94 6.51
N ASP A 32 9.77 8.43 5.56
CA ASP A 32 9.00 9.67 5.76
C ASP A 32 7.68 9.38 6.47
N ARG A 33 7.49 8.13 6.89
CA ARG A 33 6.26 7.72 7.58
C ARG A 33 5.03 7.95 6.71
N LEU A 34 5.17 7.65 5.42
CA LEU A 34 4.08 7.82 4.48
C LEU A 34 3.60 6.47 3.97
N ALA A 35 2.56 6.49 3.17
CA ALA A 35 2.03 5.28 2.55
C ALA A 35 1.20 5.63 1.33
N PHE A 36 1.67 5.26 0.15
CA PHE A 36 0.95 5.52 -1.09
C PHE A 36 -0.13 4.48 -1.29
N PRO A 37 -1.40 4.88 -1.19
CA PRO A 37 -2.54 3.96 -1.26
C PRO A 37 -2.80 3.46 -2.67
N VAL A 38 -3.08 2.18 -2.80
CA VAL A 38 -3.44 1.61 -4.08
C VAL A 38 -4.94 1.69 -4.27
N ARG A 39 -5.38 2.69 -5.02
CA ARG A 39 -6.79 2.91 -5.26
C ARG A 39 -7.31 1.95 -6.31
N ASP A 40 -7.63 0.73 -5.86
CA ASP A 40 -8.07 -0.37 -6.73
C ASP A 40 -6.95 -0.79 -7.70
N GLY A 41 -6.80 -0.05 -8.78
CA GLY A 41 -5.76 -0.35 -9.74
C GLY A 41 -4.90 0.85 -10.06
N VAL A 42 -5.10 1.93 -9.31
CA VAL A 42 -4.34 3.15 -9.50
C VAL A 42 -3.64 3.57 -8.22
N PRO A 43 -2.31 3.35 -8.14
CA PRO A 43 -1.52 3.78 -6.99
C PRO A 43 -1.43 5.29 -6.89
N ILE A 44 -1.80 5.84 -5.74
CA ILE A 44 -1.78 7.28 -5.56
C ILE A 44 -0.41 7.74 -5.10
N MET A 45 0.36 8.30 -6.03
CA MET A 45 1.70 8.78 -5.73
C MET A 45 1.67 10.20 -5.16
N LEU A 46 0.51 10.83 -5.25
CA LEU A 46 0.32 12.17 -4.74
C LEU A 46 0.27 12.15 -3.22
N GLU A 47 1.23 12.81 -2.57
CA GLU A 47 1.32 12.81 -1.12
C GLU A 47 0.07 13.44 -0.49
N ALA A 48 -0.54 14.37 -1.22
CA ALA A 48 -1.73 15.06 -0.74
C ALA A 48 -2.91 14.11 -0.57
N GLU A 49 -2.87 12.99 -1.29
CA GLU A 49 -3.94 11.99 -1.22
C GLU A 49 -3.40 10.69 -0.62
N ALA A 50 -2.17 10.75 -0.14
CA ALA A 50 -1.55 9.60 0.49
C ALA A 50 -1.72 9.69 1.99
N ARG A 51 -1.71 8.54 2.65
CA ARG A 51 -1.95 8.49 4.09
C ARG A 51 -0.63 8.40 4.85
N SER A 52 -0.58 9.00 6.02
CA SER A 52 0.60 8.93 6.87
C SER A 52 0.53 7.73 7.79
N LEU A 53 1.67 7.34 8.33
CA LEU A 53 1.74 6.23 9.26
C LEU A 53 1.48 6.71 10.68
N ASP A 54 1.49 8.02 10.86
CA ASP A 54 1.29 8.60 12.18
C ASP A 54 -0.10 9.22 12.28
N ALA A 55 -0.59 9.73 11.17
CA ALA A 55 -1.89 10.38 11.13
C ALA A 55 -3.00 9.38 10.83
N GLU A 56 -2.63 8.11 10.66
CA GLU A 56 -3.57 7.05 10.36
C GLU A 56 -3.33 5.86 11.27
N ALA A 57 -4.27 4.94 11.29
CA ALA A 57 -4.16 3.75 12.12
C ALA A 57 -4.10 2.50 11.26
N PRO A 58 -3.32 1.49 11.68
CA PRO A 58 -3.26 0.20 11.00
C PRO A 58 -4.62 -0.46 10.90
N ALA A 59 -5.00 -0.85 9.70
CA ALA A 59 -6.33 -1.39 9.46
C ALA A 59 -6.35 -2.90 9.70
N GLN A 60 -7.54 -3.41 9.96
CA GLN A 60 -7.74 -4.84 10.19
C GLN A 60 -7.96 -5.55 8.85
N PRO A 61 -7.35 -6.72 8.67
CA PRO A 61 -7.47 -7.48 7.43
C PRO A 61 -8.86 -8.09 7.28
N SER A 62 -9.29 -8.29 6.04
CA SER A 62 -10.58 -8.89 5.77
C SER A 62 -10.50 -10.40 6.02
N LEU A 63 -11.36 -10.90 6.88
CA LEU A 63 -11.36 -12.31 7.23
C LEU A 63 -12.01 -13.13 6.12
N GLU A 64 -11.19 -13.91 5.42
CA GLU A 64 -11.68 -14.78 4.36
C GLU A 64 -12.62 -15.84 4.93
N HIS A 65 -13.67 -16.14 4.20
CA HIS A 65 -14.61 -17.17 4.61
C HIS A 65 -14.65 -18.27 3.56
N HIS A 66 -14.09 -19.41 3.91
CA HIS A 66 -14.02 -20.53 2.98
C HIS A 66 -15.11 -21.54 3.30
N HIS A 67 -15.80 -22.01 2.27
CA HIS A 67 -16.80 -23.04 2.44
C HIS A 67 -16.11 -24.37 2.74
N HIS A 68 -14.99 -24.59 2.07
CA HIS A 68 -14.13 -25.73 2.37
C HIS A 68 -13.36 -25.43 3.64
N HIS A 69 -13.23 -26.42 4.50
CA HIS A 69 -12.62 -26.23 5.82
C HIS A 69 -11.19 -25.70 5.71
N HIS A 70 -10.93 -24.60 6.44
CA HIS A 70 -9.61 -23.98 6.50
C HIS A 70 -9.25 -23.29 5.19
N MET A 1 13.34 -2.63 -20.19
CA MET A 1 14.79 -2.76 -19.88
C MET A 1 15.45 -1.39 -19.81
N GLU A 2 15.34 -0.61 -20.87
CA GLU A 2 15.80 0.76 -20.86
C GLU A 2 14.61 1.69 -20.71
N SER A 3 14.29 2.01 -19.48
CA SER A 3 13.10 2.78 -19.17
C SER A 3 13.20 3.43 -17.80
N ARG A 4 13.15 4.75 -17.77
CA ARG A 4 13.25 5.50 -16.52
C ARG A 4 12.13 6.53 -16.45
N LEU A 5 11.02 6.16 -15.84
CA LEU A 5 9.88 7.05 -15.67
C LEU A 5 9.56 7.22 -14.20
N LEU A 6 9.84 8.40 -13.66
CA LEU A 6 9.59 8.69 -12.24
C LEU A 6 10.40 7.72 -11.37
N ASP A 7 11.60 7.40 -11.84
CA ASP A 7 12.43 6.35 -11.25
C ASP A 7 13.07 6.84 -9.94
N ILE A 8 12.94 8.13 -9.67
CA ILE A 8 13.57 8.75 -8.51
C ILE A 8 12.54 9.30 -7.52
N LEU A 9 11.34 8.73 -7.53
CA LEU A 9 10.28 9.18 -6.64
C LEU A 9 10.59 8.82 -5.18
N VAL A 10 10.48 9.81 -4.31
CA VAL A 10 10.67 9.59 -2.88
C VAL A 10 9.46 10.09 -2.10
N CYS A 11 9.23 9.50 -0.93
CA CYS A 11 8.16 9.93 -0.05
C CYS A 11 8.36 11.39 0.36
N PRO A 12 7.35 12.25 0.14
CA PRO A 12 7.44 13.68 0.46
C PRO A 12 7.68 13.95 1.93
N VAL A 13 7.29 13.01 2.79
CA VAL A 13 7.41 13.21 4.23
C VAL A 13 8.76 12.70 4.75
N CYS A 14 8.98 11.40 4.69
CA CYS A 14 10.17 10.80 5.28
C CYS A 14 11.29 10.64 4.24
N LYS A 15 11.06 11.18 3.04
CA LYS A 15 12.02 11.08 1.93
C LYS A 15 12.43 9.65 1.64
N GLY A 16 11.56 8.70 2.00
CA GLY A 16 11.82 7.31 1.73
C GLY A 16 11.71 6.99 0.26
N ARG A 17 12.79 6.49 -0.31
CA ARG A 17 12.83 6.16 -1.73
C ARG A 17 11.81 5.06 -2.03
N LEU A 18 10.91 5.34 -2.95
CA LEU A 18 9.84 4.41 -3.30
C LEU A 18 10.38 3.25 -4.12
N GLU A 19 9.71 2.11 -4.05
CA GLU A 19 10.14 0.94 -4.80
C GLU A 19 8.98 0.41 -5.62
N PHE A 20 9.19 0.33 -6.92
CA PHE A 20 8.15 -0.07 -7.86
C PHE A 20 8.12 -1.58 -8.02
N GLN A 21 7.07 -2.21 -7.51
CA GLN A 21 6.90 -3.64 -7.68
C GLN A 21 6.28 -3.94 -9.02
N ARG A 22 6.73 -5.03 -9.64
CA ARG A 22 6.28 -5.39 -10.98
C ARG A 22 5.07 -6.30 -10.91
N ALA A 23 4.53 -6.47 -9.70
CA ALA A 23 3.39 -7.33 -9.49
C ALA A 23 2.11 -6.67 -10.00
N GLN A 24 1.62 -5.67 -9.29
CA GLN A 24 0.44 -4.95 -9.72
C GLN A 24 0.79 -3.50 -10.06
N ALA A 25 2.09 -3.23 -10.09
CA ALA A 25 2.64 -1.91 -10.44
C ALA A 25 2.34 -0.90 -9.34
N GLU A 26 2.65 -1.27 -8.11
CA GLU A 26 2.52 -0.36 -6.98
C GLU A 26 3.90 0.09 -6.48
N LEU A 27 3.97 1.32 -6.00
CA LEU A 27 5.22 1.84 -5.46
C LEU A 27 5.20 1.76 -3.94
N VAL A 28 5.96 0.82 -3.40
CA VAL A 28 5.93 0.55 -1.97
C VAL A 28 6.88 1.46 -1.22
N CYS A 29 6.33 2.18 -0.25
CA CYS A 29 7.12 2.94 0.69
C CYS A 29 7.76 1.98 1.67
N ASN A 30 9.05 1.75 1.51
CA ASN A 30 9.75 0.73 2.31
C ASN A 30 9.98 1.17 3.76
N ALA A 31 9.15 2.09 4.23
CA ALA A 31 9.18 2.51 5.61
C ALA A 31 7.99 1.90 6.35
N ASP A 32 6.80 2.37 6.01
CA ASP A 32 5.56 1.90 6.62
C ASP A 32 4.94 0.79 5.79
N ARG A 33 5.64 0.39 4.73
CA ARG A 33 5.17 -0.65 3.81
C ARG A 33 3.85 -0.25 3.16
N LEU A 34 3.75 1.03 2.82
CA LEU A 34 2.57 1.56 2.15
C LEU A 34 2.80 1.58 0.65
N ALA A 35 2.02 0.79 -0.07
CA ALA A 35 2.17 0.69 -1.51
C ALA A 35 1.22 1.65 -2.22
N PHE A 36 1.80 2.63 -2.91
CA PHE A 36 1.03 3.55 -3.73
C PHE A 36 0.63 2.86 -5.02
N PRO A 37 -0.66 2.62 -5.22
CA PRO A 37 -1.17 1.89 -6.38
C PRO A 37 -1.32 2.79 -7.60
N VAL A 38 -0.77 2.36 -8.72
CA VAL A 38 -1.01 3.05 -9.97
C VAL A 38 -2.36 2.61 -10.53
N ARG A 39 -3.33 3.49 -10.45
CA ARG A 39 -4.69 3.17 -10.85
C ARG A 39 -4.89 3.50 -12.31
N ASP A 40 -4.42 2.58 -13.17
CA ASP A 40 -4.48 2.71 -14.63
C ASP A 40 -4.14 4.11 -15.10
N GLY A 41 -2.84 4.40 -15.19
CA GLY A 41 -2.39 5.68 -15.68
C GLY A 41 -2.13 6.69 -14.57
N VAL A 42 -2.97 6.68 -13.55
CA VAL A 42 -2.84 7.64 -12.47
C VAL A 42 -2.32 6.99 -11.19
N PRO A 43 -1.10 7.33 -10.78
CA PRO A 43 -0.52 6.85 -9.53
C PRO A 43 -1.15 7.52 -8.32
N ILE A 44 -1.70 6.72 -7.42
CA ILE A 44 -2.33 7.25 -6.22
C ILE A 44 -1.26 7.54 -5.17
N MET A 45 -0.92 8.82 -5.03
CA MET A 45 0.12 9.23 -4.10
C MET A 45 -0.46 9.49 -2.72
N LEU A 46 -1.76 9.23 -2.58
CA LEU A 46 -2.43 9.42 -1.30
C LEU A 46 -2.37 8.13 -0.48
N GLU A 47 -1.74 8.21 0.69
CA GLU A 47 -1.61 7.04 1.56
C GLU A 47 -2.94 6.66 2.19
N ALA A 48 -3.95 7.47 1.93
CA ALA A 48 -5.31 7.18 2.38
C ALA A 48 -5.95 6.09 1.53
N GLU A 49 -5.54 6.03 0.26
CA GLU A 49 -6.06 5.03 -0.66
C GLU A 49 -5.01 3.97 -0.96
N ALA A 50 -3.80 4.20 -0.46
CA ALA A 50 -2.70 3.28 -0.66
C ALA A 50 -2.90 2.02 0.18
N ARG A 51 -2.28 0.93 -0.27
CA ARG A 51 -2.43 -0.36 0.40
C ARG A 51 -1.18 -0.68 1.21
N SER A 52 -1.33 -0.78 2.52
CA SER A 52 -0.22 -1.19 3.36
C SER A 52 -0.10 -2.70 3.35
N LEU A 53 1.11 -3.18 3.53
CA LEU A 53 1.40 -4.61 3.50
C LEU A 53 1.00 -5.24 4.83
N ASP A 54 0.81 -4.41 5.84
CA ASP A 54 0.40 -4.88 7.15
C ASP A 54 -1.11 -4.82 7.28
N ALA A 55 -1.74 -4.13 6.34
CA ALA A 55 -3.19 -4.02 6.29
C ALA A 55 -3.79 -5.31 5.72
N GLU A 56 -2.98 -6.05 4.97
CA GLU A 56 -3.40 -7.33 4.45
C GLU A 56 -2.58 -8.44 5.07
N ALA A 57 -3.14 -9.00 6.11
CA ALA A 57 -2.51 -10.09 6.85
C ALA A 57 -3.56 -10.84 7.65
N PRO A 58 -3.51 -12.18 7.64
CA PRO A 58 -4.47 -13.01 8.35
C PRO A 58 -4.43 -12.80 9.86
N ALA A 59 -5.40 -12.08 10.38
CA ALA A 59 -5.48 -11.80 11.81
C ALA A 59 -6.52 -12.69 12.46
N GLN A 60 -6.48 -12.78 13.77
CA GLN A 60 -7.44 -13.58 14.51
C GLN A 60 -8.05 -12.76 15.64
N PRO A 61 -9.21 -12.14 15.39
CA PRO A 61 -9.96 -11.41 16.41
C PRO A 61 -10.83 -12.37 17.23
N SER A 62 -11.58 -11.83 18.18
CA SER A 62 -12.48 -12.65 18.96
C SER A 62 -13.81 -12.78 18.23
N LEU A 63 -14.08 -13.96 17.70
CA LEU A 63 -15.35 -14.21 17.02
C LEU A 63 -16.42 -14.50 18.06
N GLU A 64 -17.08 -13.45 18.51
CA GLU A 64 -18.00 -13.56 19.64
C GLU A 64 -19.38 -14.02 19.24
N HIS A 65 -19.68 -15.25 19.56
CA HIS A 65 -21.04 -15.77 19.48
C HIS A 65 -21.42 -16.28 20.87
N HIS A 66 -22.65 -16.03 21.29
CA HIS A 66 -23.06 -16.46 22.62
C HIS A 66 -23.94 -17.69 22.54
N HIS A 67 -23.40 -18.78 23.05
CA HIS A 67 -24.06 -20.08 23.01
C HIS A 67 -25.35 -20.07 23.84
N HIS A 68 -26.47 -20.06 23.15
CA HIS A 68 -27.78 -20.08 23.81
C HIS A 68 -28.54 -21.33 23.42
N HIS A 69 -28.83 -22.18 24.39
CA HIS A 69 -29.61 -23.39 24.17
C HIS A 69 -30.05 -23.97 25.50
N HIS A 70 -29.13 -23.98 26.45
CA HIS A 70 -29.42 -24.41 27.81
C HIS A 70 -28.44 -23.73 28.74
N MET A 1 8.62 -5.80 -28.68
CA MET A 1 7.45 -6.24 -27.90
C MET A 1 7.03 -5.14 -26.94
N GLU A 2 5.80 -4.65 -27.10
CA GLU A 2 5.31 -3.58 -26.25
C GLU A 2 4.90 -4.13 -24.87
N SER A 3 5.90 -4.34 -24.02
CA SER A 3 5.66 -4.82 -22.68
C SER A 3 5.71 -3.65 -21.70
N ARG A 4 4.54 -3.09 -21.40
CA ARG A 4 4.47 -1.92 -20.55
C ARG A 4 4.02 -2.28 -19.15
N LEU A 5 4.98 -2.37 -18.24
CA LEU A 5 4.69 -2.66 -16.84
C LEU A 5 5.70 -1.95 -15.95
N LEU A 6 5.24 -0.96 -15.22
CA LEU A 6 6.11 -0.21 -14.31
C LEU A 6 5.69 -0.46 -12.87
N ASP A 7 5.78 -1.71 -12.46
CA ASP A 7 5.38 -2.12 -11.11
C ASP A 7 6.56 -2.06 -10.16
N ILE A 8 7.70 -1.62 -10.65
CA ILE A 8 8.91 -1.54 -9.85
C ILE A 8 8.91 -0.29 -8.96
N LEU A 9 8.03 -0.30 -7.96
CA LEU A 9 7.92 0.81 -7.02
C LEU A 9 8.25 0.33 -5.61
N VAL A 10 9.11 1.05 -4.92
CA VAL A 10 9.53 0.68 -3.58
C VAL A 10 9.24 1.79 -2.58
N CYS A 11 8.92 1.39 -1.36
CA CYS A 11 8.70 2.30 -0.25
C CYS A 11 9.97 3.11 0.01
N PRO A 12 9.83 4.44 0.17
CA PRO A 12 10.98 5.33 0.42
C PRO A 12 11.72 4.97 1.71
N VAL A 13 11.01 4.37 2.65
CA VAL A 13 11.58 4.04 3.95
C VAL A 13 12.20 2.64 3.93
N CYS A 14 11.36 1.61 3.88
CA CYS A 14 11.82 0.23 4.02
C CYS A 14 12.17 -0.39 2.66
N LYS A 15 11.99 0.37 1.59
CA LYS A 15 12.24 -0.10 0.23
C LYS A 15 11.42 -1.37 -0.09
N GLY A 16 10.26 -1.49 0.55
CA GLY A 16 9.39 -2.61 0.30
C GLY A 16 8.54 -2.37 -0.93
N ARG A 17 7.98 -3.45 -1.48
CA ARG A 17 7.19 -3.36 -2.71
C ARG A 17 5.89 -2.57 -2.51
N LEU A 18 5.67 -1.62 -3.41
CA LEU A 18 4.42 -0.87 -3.45
C LEU A 18 3.51 -1.44 -4.53
N GLU A 19 2.23 -1.51 -4.25
CA GLU A 19 1.27 -2.04 -5.21
C GLU A 19 0.13 -1.06 -5.41
N PHE A 20 -0.20 -0.80 -6.66
CA PHE A 20 -1.25 0.15 -7.00
C PHE A 20 -2.62 -0.51 -6.85
N GLN A 21 -3.32 -0.16 -5.79
CA GLN A 21 -4.66 -0.65 -5.58
C GLN A 21 -5.68 0.35 -6.11
N ARG A 22 -6.76 -0.15 -6.69
CA ARG A 22 -7.72 0.69 -7.37
C ARG A 22 -8.87 1.10 -6.44
N ALA A 23 -8.60 1.09 -5.15
CA ALA A 23 -9.58 1.55 -4.17
C ALA A 23 -9.66 3.07 -4.19
N GLN A 24 -8.65 3.71 -3.61
CA GLN A 24 -8.52 5.16 -3.66
C GLN A 24 -7.43 5.53 -4.65
N ALA A 25 -6.99 4.54 -5.43
CA ALA A 25 -5.85 4.69 -6.32
C ALA A 25 -4.60 5.02 -5.51
N GLU A 26 -4.06 4.03 -4.83
CA GLU A 26 -2.98 4.24 -3.89
C GLU A 26 -1.96 3.10 -3.93
N LEU A 27 -0.71 3.42 -3.62
CA LEU A 27 0.35 2.44 -3.61
C LEU A 27 0.51 1.83 -2.22
N VAL A 28 0.02 0.63 -2.06
CA VAL A 28 0.08 -0.07 -0.79
C VAL A 28 1.50 -0.55 -0.49
N CYS A 29 2.00 -0.17 0.68
CA CYS A 29 3.29 -0.63 1.14
C CYS A 29 3.13 -1.95 1.86
N ASN A 30 3.48 -3.04 1.20
CA ASN A 30 3.23 -4.39 1.74
C ASN A 30 4.27 -4.78 2.78
N ALA A 31 4.52 -3.88 3.70
CA ALA A 31 5.46 -4.10 4.79
C ALA A 31 5.16 -3.10 5.91
N ASP A 32 4.94 -1.85 5.51
CA ASP A 32 4.67 -0.78 6.46
C ASP A 32 3.17 -0.69 6.75
N ARG A 33 2.37 -1.43 5.98
CA ARG A 33 0.90 -1.38 6.09
C ARG A 33 0.39 0.01 5.75
N LEU A 34 1.08 0.68 4.83
CA LEU A 34 0.74 2.05 4.48
C LEU A 34 0.30 2.13 3.02
N ALA A 35 -0.09 3.32 2.59
CA ALA A 35 -0.52 3.52 1.22
C ALA A 35 -0.23 4.94 0.76
N PHE A 36 0.42 5.07 -0.39
CA PHE A 36 0.69 6.38 -0.98
C PHE A 36 -0.34 6.67 -2.06
N PRO A 37 -1.24 7.61 -1.82
CA PRO A 37 -2.33 7.92 -2.75
C PRO A 37 -1.85 8.62 -4.03
N VAL A 38 -2.48 8.27 -5.14
CA VAL A 38 -2.22 8.91 -6.41
C VAL A 38 -3.41 9.78 -6.79
N ARG A 39 -3.21 11.09 -6.79
CA ARG A 39 -4.30 12.03 -7.04
C ARG A 39 -4.52 12.20 -8.54
N ASP A 40 -4.81 11.07 -9.19
CA ASP A 40 -5.06 11.02 -10.64
C ASP A 40 -3.93 11.67 -11.42
N GLY A 41 -2.90 10.89 -11.71
CA GLY A 41 -1.77 11.40 -12.44
C GLY A 41 -0.64 11.85 -11.54
N VAL A 42 -0.99 12.47 -10.42
CA VAL A 42 -0.01 12.96 -9.47
C VAL A 42 0.16 11.96 -8.33
N PRO A 43 1.30 11.24 -8.30
CA PRO A 43 1.58 10.26 -7.27
C PRO A 43 2.12 10.90 -6.00
N ILE A 44 1.32 10.87 -4.93
CA ILE A 44 1.72 11.46 -3.68
C ILE A 44 2.64 10.51 -2.93
N MET A 45 3.94 10.64 -3.18
CA MET A 45 4.94 9.83 -2.51
C MET A 45 5.41 10.52 -1.23
N LEU A 46 4.62 11.50 -0.80
CA LEU A 46 4.93 12.25 0.40
C LEU A 46 4.73 11.38 1.63
N GLU A 47 5.83 11.07 2.29
CA GLU A 47 5.87 10.10 3.37
C GLU A 47 4.86 10.39 4.47
N ALA A 48 4.75 11.65 4.88
CA ALA A 48 3.90 12.02 6.00
C ALA A 48 2.44 12.11 5.58
N GLU A 49 2.14 11.79 4.33
CA GLU A 49 0.77 11.81 3.85
C GLU A 49 0.29 10.41 3.48
N ALA A 50 1.14 9.42 3.67
CA ALA A 50 0.75 8.03 3.47
C ALA A 50 -0.18 7.59 4.60
N ARG A 51 -1.32 7.00 4.26
CA ARG A 51 -2.28 6.59 5.26
C ARG A 51 -2.00 5.17 5.73
N SER A 52 -2.55 4.80 6.87
CA SER A 52 -2.40 3.46 7.40
C SER A 52 -3.55 2.57 6.96
N LEU A 53 -3.29 1.28 6.92
CA LEU A 53 -4.27 0.29 6.53
C LEU A 53 -4.74 -0.50 7.74
N ASP A 54 -4.13 -0.26 8.89
CA ASP A 54 -4.45 -0.99 10.10
C ASP A 54 -5.48 -0.22 10.93
N ALA A 55 -5.52 1.08 10.73
CA ALA A 55 -6.41 1.94 11.50
C ALA A 55 -7.80 2.02 10.88
N GLU A 56 -8.10 1.10 9.97
CA GLU A 56 -9.39 1.08 9.31
C GLU A 56 -10.29 0.05 9.99
N ALA A 57 -11.54 0.43 10.24
CA ALA A 57 -12.47 -0.41 10.97
C ALA A 57 -13.00 -1.57 10.12
N PRO A 58 -12.76 -2.81 10.56
CA PRO A 58 -13.24 -4.01 9.87
C PRO A 58 -14.69 -4.33 10.21
N ALA A 59 -15.47 -4.63 9.18
CA ALA A 59 -16.88 -4.97 9.36
C ALA A 59 -17.03 -6.47 9.57
N GLN A 60 -16.37 -7.25 8.73
CA GLN A 60 -16.43 -8.69 8.82
C GLN A 60 -15.22 -9.23 9.59
N PRO A 61 -15.43 -10.27 10.41
CA PRO A 61 -14.36 -10.89 11.18
C PRO A 61 -13.52 -11.83 10.32
N SER A 62 -12.27 -12.06 10.72
CA SER A 62 -11.38 -12.94 10.00
C SER A 62 -10.94 -14.08 10.92
N LEU A 63 -10.66 -15.24 10.34
CA LEU A 63 -10.30 -16.40 11.14
C LEU A 63 -8.88 -16.85 10.83
N GLU A 64 -7.95 -16.44 11.67
CA GLU A 64 -6.58 -16.92 11.60
C GLU A 64 -6.31 -17.85 12.77
N HIS A 65 -5.21 -18.59 12.71
CA HIS A 65 -4.83 -19.48 13.81
C HIS A 65 -4.53 -18.68 15.07
N HIS A 66 -5.39 -18.82 16.07
CA HIS A 66 -5.19 -18.18 17.35
C HIS A 66 -4.06 -18.89 18.09
N HIS A 67 -2.82 -18.54 17.73
CA HIS A 67 -1.66 -19.19 18.29
C HIS A 67 -0.51 -18.19 18.46
N HIS A 68 -0.50 -17.15 17.62
CA HIS A 68 0.55 -16.13 17.68
C HIS A 68 0.32 -15.21 18.87
N HIS A 69 0.49 -15.79 20.05
CA HIS A 69 0.24 -15.14 21.34
C HIS A 69 0.31 -16.23 22.38
N HIS A 70 -0.55 -17.24 22.18
CA HIS A 70 -0.50 -18.52 22.87
C HIS A 70 -1.79 -19.27 22.60
N MET A 1 13.67 1.71 -23.18
CA MET A 1 12.56 2.66 -23.37
C MET A 1 11.40 2.32 -22.44
N GLU A 2 10.79 3.34 -21.86
CA GLU A 2 9.61 3.15 -21.03
C GLU A 2 8.36 3.53 -21.82
N SER A 3 7.91 2.63 -22.67
CA SER A 3 6.74 2.88 -23.50
C SER A 3 5.46 2.53 -22.74
N ARG A 4 5.59 1.61 -21.79
CA ARG A 4 4.45 1.16 -21.00
C ARG A 4 4.97 0.50 -19.73
N LEU A 5 4.34 0.83 -18.59
CA LEU A 5 4.78 0.36 -17.28
C LEU A 5 6.10 1.04 -16.88
N LEU A 6 6.02 1.98 -15.95
CA LEU A 6 7.20 2.71 -15.50
C LEU A 6 8.01 1.87 -14.52
N ASP A 7 9.33 1.94 -14.65
CA ASP A 7 10.23 1.10 -13.85
C ASP A 7 10.44 1.67 -12.44
N ILE A 8 10.96 2.89 -12.38
CA ILE A 8 11.33 3.49 -11.10
C ILE A 8 10.21 4.37 -10.56
N LEU A 9 9.83 4.12 -9.32
CA LEU A 9 8.84 4.95 -8.62
C LEU A 9 9.40 5.40 -7.27
N VAL A 10 9.16 6.64 -6.91
CA VAL A 10 9.67 7.19 -5.67
C VAL A 10 8.56 7.86 -4.87
N CYS A 11 8.83 8.11 -3.59
CA CYS A 11 7.91 8.83 -2.73
C CYS A 11 7.73 10.25 -3.25
N PRO A 12 6.49 10.65 -3.59
CA PRO A 12 6.20 11.94 -4.20
C PRO A 12 6.61 13.13 -3.32
N VAL A 13 6.73 12.90 -2.02
CA VAL A 13 7.07 13.96 -1.09
C VAL A 13 8.54 13.89 -0.66
N CYS A 14 8.92 12.79 -0.04
CA CYS A 14 10.26 12.65 0.54
C CYS A 14 11.28 12.16 -0.48
N LYS A 15 10.80 11.82 -1.68
CA LYS A 15 11.66 11.35 -2.79
C LYS A 15 12.45 10.10 -2.41
N GLY A 16 11.94 9.36 -1.43
CA GLY A 16 12.55 8.10 -1.05
C GLY A 16 12.22 7.00 -2.03
N ARG A 17 12.96 5.90 -1.99
CA ARG A 17 12.77 4.81 -2.92
C ARG A 17 11.59 3.94 -2.52
N LEU A 18 10.69 3.69 -3.47
CA LEU A 18 9.57 2.81 -3.24
C LEU A 18 9.95 1.38 -3.59
N GLU A 19 9.58 0.44 -2.74
CA GLU A 19 9.92 -0.94 -2.96
C GLU A 19 8.67 -1.82 -2.88
N PHE A 20 8.47 -2.63 -3.92
CA PHE A 20 7.26 -3.41 -4.06
C PHE A 20 7.28 -4.64 -3.16
N GLN A 21 6.18 -4.87 -2.45
CA GLN A 21 6.03 -6.04 -1.61
C GLN A 21 5.03 -7.01 -2.21
N ARG A 22 5.05 -8.24 -1.71
CA ARG A 22 4.22 -9.30 -2.27
C ARG A 22 3.07 -9.64 -1.34
N ALA A 23 2.67 -8.68 -0.51
CA ALA A 23 1.58 -8.90 0.43
C ALA A 23 0.24 -8.58 -0.23
N GLN A 24 -0.01 -7.30 -0.48
CA GLN A 24 -1.25 -6.89 -1.12
C GLN A 24 -0.93 -5.99 -2.31
N ALA A 25 0.27 -6.16 -2.85
CA ALA A 25 0.77 -5.34 -3.95
C ALA A 25 0.87 -3.89 -3.53
N GLU A 26 1.89 -3.60 -2.74
CA GLU A 26 2.11 -2.25 -2.23
C GLU A 26 3.54 -1.80 -2.46
N LEU A 27 3.71 -0.50 -2.65
CA LEU A 27 5.02 0.11 -2.74
C LEU A 27 5.39 0.68 -1.37
N VAL A 28 6.30 0.02 -0.70
CA VAL A 28 6.68 0.43 0.64
C VAL A 28 7.73 1.53 0.62
N CYS A 29 7.44 2.60 1.33
CA CYS A 29 8.39 3.68 1.50
C CYS A 29 9.33 3.33 2.65
N ASN A 30 10.48 2.75 2.30
CA ASN A 30 11.45 2.33 3.32
C ASN A 30 12.21 3.52 3.90
N ALA A 31 11.43 4.50 4.33
CA ALA A 31 11.94 5.70 4.97
C ALA A 31 10.82 6.34 5.78
N ASP A 32 9.65 6.44 5.14
CA ASP A 32 8.47 7.02 5.76
C ASP A 32 7.69 5.98 6.56
N ARG A 33 8.02 4.70 6.32
CA ARG A 33 7.24 3.57 6.86
C ARG A 33 5.83 3.57 6.29
N LEU A 34 5.70 4.00 5.05
CA LEU A 34 4.40 4.05 4.38
C LEU A 34 4.31 2.97 3.32
N ALA A 35 3.11 2.76 2.79
CA ALA A 35 2.90 1.80 1.74
C ALA A 35 1.80 2.27 0.79
N PHE A 36 2.18 2.53 -0.45
CA PHE A 36 1.22 2.92 -1.48
C PHE A 36 0.60 1.68 -2.11
N PRO A 37 -0.71 1.50 -1.96
CA PRO A 37 -1.40 0.31 -2.46
C PRO A 37 -1.63 0.36 -3.96
N VAL A 38 -1.22 -0.70 -4.65
CA VAL A 38 -1.45 -0.81 -6.08
C VAL A 38 -2.76 -1.55 -6.33
N ARG A 39 -3.83 -0.78 -6.46
CA ARG A 39 -5.16 -1.34 -6.60
C ARG A 39 -5.39 -1.86 -8.02
N ASP A 40 -5.12 -3.15 -8.20
CA ASP A 40 -5.34 -3.83 -9.48
C ASP A 40 -4.60 -3.13 -10.61
N GLY A 41 -3.37 -2.72 -10.33
CA GLY A 41 -2.56 -2.11 -11.35
C GLY A 41 -2.42 -0.60 -11.17
N VAL A 42 -3.39 0.00 -10.50
CA VAL A 42 -3.37 1.44 -10.27
C VAL A 42 -2.77 1.75 -8.90
N PRO A 43 -1.52 2.26 -8.87
CA PRO A 43 -0.84 2.60 -7.63
C PRO A 43 -1.39 3.88 -7.02
N ILE A 44 -2.04 3.73 -5.88
CA ILE A 44 -2.62 4.88 -5.19
C ILE A 44 -1.53 5.64 -4.46
N MET A 45 -0.97 6.64 -5.14
CA MET A 45 0.08 7.47 -4.57
C MET A 45 -0.52 8.64 -3.79
N LEU A 46 -1.83 8.59 -3.60
CA LEU A 46 -2.54 9.61 -2.85
C LEU A 46 -2.37 9.38 -1.36
N GLU A 47 -1.68 10.29 -0.69
CA GLU A 47 -1.39 10.16 0.74
C GLU A 47 -2.68 10.10 1.56
N ALA A 48 -3.72 10.78 1.09
CA ALA A 48 -5.00 10.79 1.78
C ALA A 48 -5.66 9.41 1.75
N GLU A 49 -5.28 8.59 0.78
CA GLU A 49 -5.87 7.27 0.61
C GLU A 49 -4.80 6.18 0.73
N ALA A 50 -3.70 6.51 1.41
CA ALA A 50 -2.62 5.57 1.59
C ALA A 50 -2.67 4.94 2.99
N ARG A 51 -1.68 4.11 3.30
CA ARG A 51 -1.61 3.46 4.60
C ARG A 51 -0.17 3.40 5.11
N SER A 52 -0.01 3.49 6.41
CA SER A 52 1.29 3.36 7.03
C SER A 52 1.52 1.94 7.51
N LEU A 53 2.79 1.57 7.62
CA LEU A 53 3.16 0.22 8.00
C LEU A 53 2.89 -0.05 9.47
N ASP A 54 2.83 1.01 10.25
CA ASP A 54 2.63 0.89 11.69
C ASP A 54 1.22 1.30 12.07
N ALA A 55 0.50 1.89 11.14
CA ALA A 55 -0.84 2.39 11.40
C ALA A 55 -1.90 1.49 10.78
N GLU A 56 -1.55 0.24 10.52
CA GLU A 56 -2.51 -0.73 10.01
C GLU A 56 -3.19 -1.45 11.16
N ALA A 57 -4.05 -2.41 10.82
CA ALA A 57 -4.83 -3.18 11.80
C ALA A 57 -5.90 -2.30 12.45
N PRO A 58 -7.04 -2.90 12.83
CA PRO A 58 -8.14 -2.18 13.48
C PRO A 58 -7.75 -1.60 14.83
N ALA A 59 -7.38 -0.32 14.83
CA ALA A 59 -7.09 0.39 16.07
C ALA A 59 -8.36 0.61 16.85
N GLN A 60 -9.44 0.88 16.13
CA GLN A 60 -10.77 0.96 16.72
C GLN A 60 -11.24 -0.45 17.03
N PRO A 61 -11.67 -0.72 18.28
CA PRO A 61 -12.12 -2.05 18.70
C PRO A 61 -13.19 -2.63 17.77
N SER A 62 -12.85 -3.68 17.06
CA SER A 62 -13.76 -4.31 16.13
C SER A 62 -14.34 -5.59 16.72
N LEU A 63 -15.65 -5.61 16.87
CA LEU A 63 -16.35 -6.79 17.36
C LEU A 63 -16.40 -7.81 16.23
N GLU A 64 -15.93 -9.02 16.50
CA GLU A 64 -15.84 -10.03 15.46
C GLU A 64 -17.20 -10.60 15.11
N HIS A 65 -17.42 -10.75 13.81
CA HIS A 65 -18.60 -11.44 13.30
C HIS A 65 -18.22 -12.14 12.00
N HIS A 66 -16.99 -12.64 11.94
CA HIS A 66 -16.47 -13.27 10.73
C HIS A 66 -17.31 -14.49 10.35
N HIS A 67 -17.55 -14.65 9.06
CA HIS A 67 -18.42 -15.72 8.58
C HIS A 67 -17.60 -16.94 8.18
N HIS A 68 -17.82 -18.05 8.86
CA HIS A 68 -17.19 -19.32 8.53
C HIS A 68 -18.13 -20.14 7.66
N HIS A 69 -17.77 -20.31 6.41
CA HIS A 69 -18.66 -20.96 5.45
C HIS A 69 -18.20 -22.39 5.15
N HIS A 70 -18.47 -23.28 6.10
CA HIS A 70 -18.21 -24.71 5.96
C HIS A 70 -18.57 -25.41 7.27
N MET A 1 0.82 -11.55 -14.20
CA MET A 1 0.15 -10.87 -15.32
C MET A 1 0.77 -9.50 -15.54
N GLU A 2 0.08 -8.64 -16.27
CA GLU A 2 0.55 -7.29 -16.53
C GLU A 2 0.38 -6.42 -15.28
N SER A 3 0.46 -5.10 -15.48
CA SER A 3 0.46 -4.12 -14.39
C SER A 3 1.74 -4.17 -13.56
N ARG A 4 2.20 -5.38 -13.24
CA ARG A 4 3.44 -5.56 -12.50
C ARG A 4 4.51 -6.19 -13.39
N LEU A 5 5.32 -5.35 -14.04
CA LEU A 5 6.44 -5.86 -14.83
C LEU A 5 7.74 -5.27 -14.34
N LEU A 6 8.19 -4.19 -14.97
CA LEU A 6 9.40 -3.50 -14.54
C LEU A 6 9.15 -2.00 -14.52
N ASP A 7 9.28 -1.43 -13.34
CA ASP A 7 9.14 0.00 -13.13
C ASP A 7 9.65 0.31 -11.74
N ILE A 8 9.35 -0.62 -10.83
CA ILE A 8 9.88 -0.61 -9.47
C ILE A 8 9.36 0.56 -8.66
N LEU A 9 8.23 0.34 -7.99
CA LEU A 9 7.68 1.32 -7.08
C LEU A 9 7.85 0.83 -5.65
N VAL A 10 8.65 1.54 -4.88
CA VAL A 10 8.89 1.18 -3.49
C VAL A 10 8.77 2.39 -2.60
N CYS A 11 8.33 2.17 -1.37
CA CYS A 11 8.24 3.25 -0.39
C CYS A 11 9.63 3.79 -0.10
N PRO A 12 9.81 5.12 -0.18
CA PRO A 12 11.12 5.77 0.02
C PRO A 12 11.75 5.39 1.35
N VAL A 13 10.91 5.20 2.38
CA VAL A 13 11.39 4.96 3.73
C VAL A 13 11.80 3.50 3.94
N CYS A 14 10.83 2.63 4.17
CA CYS A 14 11.13 1.25 4.56
C CYS A 14 11.38 0.35 3.36
N LYS A 15 11.11 0.87 2.16
CA LYS A 15 11.19 0.08 0.93
C LYS A 15 10.33 -1.18 1.07
N GLY A 16 9.17 -1.03 1.72
CA GLY A 16 8.37 -2.17 2.10
C GLY A 16 7.53 -2.76 0.99
N ARG A 17 7.94 -2.53 -0.24
CA ARG A 17 7.28 -3.11 -1.43
C ARG A 17 5.89 -2.52 -1.65
N LEU A 18 5.65 -2.04 -2.87
CA LEU A 18 4.33 -1.52 -3.23
C LEU A 18 3.60 -2.49 -4.14
N GLU A 19 2.34 -2.73 -3.83
CA GLU A 19 1.50 -3.62 -4.63
C GLU A 19 0.27 -2.88 -5.13
N PHE A 20 0.10 -2.86 -6.44
CA PHE A 20 -1.01 -2.15 -7.05
C PHE A 20 -2.29 -2.97 -6.95
N GLN A 21 -3.25 -2.47 -6.20
CA GLN A 21 -4.56 -3.09 -6.10
C GLN A 21 -5.57 -2.33 -6.94
N ARG A 22 -6.78 -2.85 -7.01
CA ARG A 22 -7.80 -2.28 -7.88
C ARG A 22 -9.09 -2.04 -7.11
N ALA A 23 -8.99 -1.95 -5.80
CA ALA A 23 -10.15 -1.70 -4.95
C ALA A 23 -10.45 -0.21 -4.92
N GLN A 24 -9.42 0.56 -4.62
CA GLN A 24 -9.53 2.02 -4.65
C GLN A 24 -8.44 2.58 -5.55
N ALA A 25 -7.72 1.67 -6.21
CA ALA A 25 -6.52 1.99 -6.98
C ALA A 25 -5.42 2.46 -6.02
N GLU A 26 -5.03 1.56 -5.14
CA GLU A 26 -4.07 1.87 -4.11
C GLU A 26 -2.79 1.04 -4.25
N LEU A 27 -1.67 1.62 -3.84
CA LEU A 27 -0.41 0.89 -3.75
C LEU A 27 -0.19 0.48 -2.30
N VAL A 28 -0.43 -0.78 -2.02
CA VAL A 28 -0.32 -1.31 -0.67
C VAL A 28 1.14 -1.35 -0.23
N CYS A 29 1.44 -0.69 0.88
CA CYS A 29 2.78 -0.69 1.44
C CYS A 29 2.85 -1.72 2.56
N ASN A 30 3.61 -2.79 2.32
CA ASN A 30 3.66 -3.92 3.24
C ASN A 30 4.33 -3.56 4.55
N ALA A 31 5.64 -3.33 4.50
CA ALA A 31 6.43 -3.07 5.70
C ALA A 31 6.09 -1.72 6.34
N ASP A 32 5.67 -0.78 5.50
CA ASP A 32 5.34 0.56 5.97
C ASP A 32 3.93 0.58 6.57
N ARG A 33 3.10 -0.38 6.13
CA ARG A 33 1.70 -0.47 6.54
C ARG A 33 0.94 0.81 6.16
N LEU A 34 1.00 1.12 4.88
CA LEU A 34 0.36 2.31 4.33
C LEU A 34 -0.29 1.96 3.00
N ALA A 35 -0.91 2.96 2.36
CA ALA A 35 -1.51 2.78 1.05
C ALA A 35 -1.48 4.07 0.26
N PHE A 36 -0.61 4.13 -0.74
CA PHE A 36 -0.52 5.30 -1.61
C PHE A 36 -1.62 5.27 -2.65
N PRO A 37 -2.46 6.32 -2.70
CA PRO A 37 -3.58 6.39 -3.63
C PRO A 37 -3.15 6.79 -5.04
N VAL A 38 -3.51 5.97 -6.01
CA VAL A 38 -3.22 6.27 -7.40
C VAL A 38 -4.36 7.09 -7.98
N ARG A 39 -4.18 8.40 -8.04
CA ARG A 39 -5.24 9.28 -8.50
C ARG A 39 -5.17 9.46 -10.00
N ASP A 40 -5.65 8.43 -10.70
CA ASP A 40 -5.78 8.47 -12.16
C ASP A 40 -4.47 8.86 -12.84
N GLY A 41 -3.48 7.98 -12.76
CA GLY A 41 -2.22 8.22 -13.44
C GLY A 41 -1.12 8.66 -12.49
N VAL A 42 -1.48 9.44 -11.48
CA VAL A 42 -0.49 9.95 -10.56
C VAL A 42 -0.71 9.37 -9.15
N PRO A 43 0.18 8.47 -8.72
CA PRO A 43 0.17 7.92 -7.37
C PRO A 43 0.72 8.92 -6.36
N ILE A 44 -0.10 9.29 -5.39
CA ILE A 44 0.30 10.26 -4.38
C ILE A 44 1.29 9.62 -3.42
N MET A 45 2.57 9.93 -3.62
CA MET A 45 3.64 9.36 -2.81
C MET A 45 3.92 10.21 -1.57
N LEU A 46 3.00 11.12 -1.28
CA LEU A 46 3.11 11.96 -0.09
C LEU A 46 2.37 11.32 1.07
N GLU A 47 3.08 11.08 2.16
CA GLU A 47 2.49 10.42 3.33
C GLU A 47 1.36 11.26 3.92
N ALA A 48 1.41 12.56 3.71
CA ALA A 48 0.40 13.47 4.25
C ALA A 48 -0.91 13.37 3.50
N GLU A 49 -0.91 12.65 2.38
CA GLU A 49 -2.13 12.44 1.61
C GLU A 49 -2.39 10.95 1.40
N ALA A 50 -1.62 10.14 2.10
CA ALA A 50 -1.74 8.68 1.99
C ALA A 50 -2.41 8.12 3.23
N ARG A 51 -3.23 7.10 3.05
CA ARG A 51 -3.93 6.49 4.17
C ARG A 51 -3.09 5.35 4.74
N SER A 52 -3.25 5.09 6.02
CA SER A 52 -2.44 4.09 6.70
C SER A 52 -3.22 2.81 6.94
N LEU A 53 -2.49 1.75 7.23
CA LEU A 53 -3.07 0.47 7.58
C LEU A 53 -2.76 0.17 9.04
N ASP A 54 -2.06 1.09 9.68
CA ASP A 54 -1.64 0.94 11.06
C ASP A 54 -2.25 2.04 11.92
N ALA A 55 -2.39 3.22 11.33
CA ALA A 55 -2.91 4.38 12.05
C ALA A 55 -4.28 4.80 11.52
N GLU A 56 -4.97 3.85 10.91
CA GLU A 56 -6.30 4.09 10.37
C GLU A 56 -7.15 2.84 10.55
N ALA A 57 -8.19 2.69 9.74
CA ALA A 57 -9.15 1.58 9.84
C ALA A 57 -9.98 1.72 11.12
N PRO A 58 -11.11 0.99 11.21
CA PRO A 58 -11.96 0.99 12.43
C PRO A 58 -11.16 0.63 13.69
N ALA A 59 -11.56 1.23 14.81
CA ALA A 59 -10.91 1.01 16.09
C ALA A 59 -10.72 -0.48 16.38
N GLN A 60 -9.46 -0.90 16.41
CA GLN A 60 -9.08 -2.30 16.62
C GLN A 60 -9.56 -3.17 15.47
N PRO A 61 -8.70 -3.37 14.47
CA PRO A 61 -9.01 -4.22 13.31
C PRO A 61 -9.46 -5.61 13.73
N SER A 62 -10.57 -6.06 13.16
CA SER A 62 -11.17 -7.34 13.54
C SER A 62 -10.41 -8.51 12.91
N LEU A 63 -9.08 -8.45 12.99
CA LEU A 63 -8.19 -9.49 12.47
C LEU A 63 -8.36 -9.70 10.97
N GLU A 64 -7.60 -8.94 10.20
CA GLU A 64 -7.55 -9.12 8.76
C GLU A 64 -6.64 -10.28 8.42
N HIS A 65 -6.86 -10.91 7.28
CA HIS A 65 -6.08 -12.07 6.88
C HIS A 65 -4.68 -11.62 6.45
N HIS A 66 -3.77 -11.55 7.43
CA HIS A 66 -2.44 -11.03 7.20
C HIS A 66 -1.43 -12.16 7.01
N HIS A 67 -1.24 -12.57 5.75
CA HIS A 67 -0.29 -13.63 5.42
C HIS A 67 1.12 -13.06 5.30
N HIS A 68 1.56 -12.40 6.35
CA HIS A 68 2.92 -11.85 6.44
C HIS A 68 3.45 -12.06 7.85
N HIS A 69 4.12 -13.17 8.07
CA HIS A 69 4.62 -13.52 9.39
C HIS A 69 6.09 -13.90 9.31
N HIS A 70 6.93 -13.12 9.98
CA HIS A 70 8.34 -13.43 10.07
C HIS A 70 8.68 -13.93 11.47
N MET A 1 7.17 7.70 -28.44
CA MET A 1 6.32 7.34 -27.28
C MET A 1 7.07 6.38 -26.36
N GLU A 2 7.09 6.70 -25.08
CA GLU A 2 7.74 5.87 -24.08
C GLU A 2 6.68 5.13 -23.28
N SER A 3 6.59 3.82 -23.47
CA SER A 3 5.49 3.04 -22.92
C SER A 3 5.90 2.28 -21.65
N ARG A 4 7.15 2.40 -21.23
CA ARG A 4 7.60 1.73 -20.02
C ARG A 4 7.27 2.60 -18.80
N LEU A 5 7.59 3.89 -18.90
CA LEU A 5 7.34 4.87 -17.84
C LEU A 5 8.30 4.62 -16.67
N LEU A 6 8.12 3.49 -16.00
CA LEU A 6 8.98 3.06 -14.91
C LEU A 6 9.09 1.54 -14.92
N ASP A 7 10.31 1.03 -14.83
CA ASP A 7 10.53 -0.41 -14.79
C ASP A 7 9.96 -0.98 -13.50
N ILE A 8 10.31 -0.33 -12.39
CA ILE A 8 9.78 -0.71 -11.08
C ILE A 8 9.03 0.47 -10.47
N LEU A 9 7.84 0.19 -9.96
CA LEU A 9 7.03 1.22 -9.30
C LEU A 9 7.44 1.33 -7.83
N VAL A 10 7.68 2.54 -7.37
CA VAL A 10 8.15 2.78 -6.02
C VAL A 10 7.34 3.90 -5.36
N CYS A 11 7.79 4.35 -4.19
CA CYS A 11 7.05 5.35 -3.43
C CYS A 11 7.20 6.73 -4.05
N PRO A 12 6.11 7.50 -4.14
CA PRO A 12 6.14 8.87 -4.65
C PRO A 12 7.12 9.75 -3.87
N VAL A 13 7.22 9.53 -2.57
CA VAL A 13 8.12 10.30 -1.74
C VAL A 13 9.44 9.56 -1.54
N CYS A 14 9.44 8.56 -0.67
CA CYS A 14 10.64 7.77 -0.43
C CYS A 14 10.73 6.63 -1.44
N LYS A 15 11.30 6.96 -2.60
CA LYS A 15 11.56 6.04 -3.72
C LYS A 15 12.42 4.84 -3.30
N GLY A 16 12.00 4.14 -2.27
CA GLY A 16 12.70 2.97 -1.79
C GLY A 16 12.13 1.69 -2.36
N ARG A 17 11.92 0.71 -1.50
CA ARG A 17 11.43 -0.59 -1.93
C ARG A 17 10.06 -0.89 -1.31
N LEU A 18 9.13 -1.30 -2.16
CA LEU A 18 7.78 -1.65 -1.70
C LEU A 18 7.65 -3.16 -1.57
N GLU A 19 6.92 -3.60 -0.56
CA GLU A 19 6.75 -5.03 -0.32
C GLU A 19 5.27 -5.39 -0.33
N PHE A 20 4.92 -6.45 -1.05
CA PHE A 20 3.54 -6.84 -1.22
C PHE A 20 3.15 -7.95 -0.24
N GLN A 21 2.21 -7.64 0.64
CA GLN A 21 1.68 -8.64 1.55
C GLN A 21 0.54 -9.40 0.88
N ARG A 22 0.68 -10.71 0.78
CA ARG A 22 -0.28 -11.54 0.10
C ARG A 22 -1.59 -11.57 0.86
N ALA A 23 -2.67 -11.58 0.09
CA ALA A 23 -4.05 -11.57 0.58
C ALA A 23 -4.44 -10.19 1.11
N GLN A 24 -3.56 -9.57 1.89
CA GLN A 24 -3.79 -8.22 2.38
C GLN A 24 -3.74 -7.23 1.21
N ALA A 25 -2.89 -7.55 0.24
CA ALA A 25 -2.79 -6.78 -1.00
C ALA A 25 -2.34 -5.36 -0.74
N GLU A 26 -1.46 -5.18 0.22
CA GLU A 26 -0.95 -3.86 0.55
C GLU A 26 0.57 -3.81 0.36
N LEU A 27 1.04 -2.69 -0.17
CA LEU A 27 2.47 -2.47 -0.36
C LEU A 27 3.04 -1.71 0.83
N VAL A 28 3.79 -2.42 1.66
CA VAL A 28 4.37 -1.83 2.84
C VAL A 28 5.67 -1.11 2.50
N CYS A 29 5.65 0.21 2.61
CA CYS A 29 6.86 1.00 2.43
C CYS A 29 7.57 1.10 3.77
N ASN A 30 8.71 0.43 3.89
CA ASN A 30 9.44 0.38 5.15
C ASN A 30 10.27 1.65 5.36
N ALA A 31 10.06 2.63 4.49
CA ALA A 31 10.71 3.92 4.63
C ALA A 31 9.74 4.94 5.24
N ASP A 32 8.57 5.08 4.62
CA ASP A 32 7.54 6.01 5.11
C ASP A 32 6.71 5.36 6.20
N ARG A 33 6.79 4.04 6.27
CA ARG A 33 5.93 3.23 7.15
C ARG A 33 4.47 3.41 6.75
N LEU A 34 4.23 3.37 5.44
CA LEU A 34 2.89 3.47 4.90
C LEU A 34 2.55 2.22 4.12
N ALA A 35 1.29 1.83 4.16
CA ALA A 35 0.82 0.67 3.42
C ALA A 35 -0.15 1.09 2.33
N PHE A 36 0.29 0.98 1.09
CA PHE A 36 -0.54 1.35 -0.06
C PHE A 36 -1.36 0.15 -0.52
N PRO A 37 -2.69 0.23 -0.35
CA PRO A 37 -3.60 -0.87 -0.71
C PRO A 37 -3.73 -1.04 -2.22
N VAL A 38 -3.58 -2.28 -2.67
CA VAL A 38 -3.77 -2.60 -4.08
C VAL A 38 -5.17 -3.14 -4.29
N ARG A 39 -5.98 -2.40 -5.03
CA ARG A 39 -7.36 -2.77 -5.27
C ARG A 39 -7.47 -3.60 -6.54
N ASP A 40 -7.24 -4.90 -6.38
CA ASP A 40 -7.36 -5.88 -7.46
C ASP A 40 -6.55 -5.45 -8.68
N GLY A 41 -5.23 -5.50 -8.56
CA GLY A 41 -4.36 -5.13 -9.66
C GLY A 41 -4.02 -3.65 -9.69
N VAL A 42 -4.94 -2.81 -9.23
CA VAL A 42 -4.75 -1.37 -9.27
C VAL A 42 -4.32 -0.84 -7.89
N PRO A 43 -3.06 -0.44 -7.75
CA PRO A 43 -2.55 0.11 -6.49
C PRO A 43 -3.10 1.51 -6.22
N ILE A 44 -3.70 1.68 -5.06
CA ILE A 44 -4.27 2.98 -4.69
C ILE A 44 -3.16 3.94 -4.29
N MET A 45 -2.71 4.73 -5.26
CA MET A 45 -1.65 5.69 -5.03
C MET A 45 -2.24 6.98 -4.46
N LEU A 46 -2.85 6.88 -3.29
CA LEU A 46 -3.42 8.04 -2.61
C LEU A 46 -2.94 8.06 -1.17
N GLU A 47 -2.06 9.00 -0.88
CA GLU A 47 -1.42 9.11 0.43
C GLU A 47 -2.45 9.30 1.55
N ALA A 48 -3.55 9.97 1.25
CA ALA A 48 -4.55 10.29 2.26
C ALA A 48 -5.53 9.14 2.47
N GLU A 49 -5.33 8.05 1.74
CA GLU A 49 -6.17 6.86 1.90
C GLU A 49 -5.30 5.62 2.10
N ALA A 50 -4.04 5.84 2.42
CA ALA A 50 -3.12 4.74 2.68
C ALA A 50 -3.00 4.53 4.18
N ARG A 51 -3.18 3.29 4.63
CA ARG A 51 -3.11 2.97 6.05
C ARG A 51 -1.68 3.11 6.55
N SER A 52 -1.49 3.96 7.54
CA SER A 52 -0.18 4.22 8.06
C SER A 52 0.19 3.25 9.17
N LEU A 53 1.48 3.04 9.28
CA LEU A 53 2.06 2.22 10.33
C LEU A 53 3.00 3.07 11.15
N ASP A 54 3.01 4.36 10.82
CA ASP A 54 3.95 5.31 11.42
C ASP A 54 3.35 6.00 12.63
N ALA A 55 2.03 6.05 12.69
CA ALA A 55 1.34 6.74 13.77
C ALA A 55 0.17 5.92 14.31
N GLU A 56 0.20 4.62 14.06
CA GLU A 56 -0.91 3.73 14.41
C GLU A 56 -2.13 4.18 13.60
N ALA A 57 -3.31 4.03 14.18
CA ALA A 57 -4.57 4.45 13.56
C ALA A 57 -4.85 3.71 12.25
N PRO A 58 -5.62 2.61 12.33
CA PRO A 58 -6.05 1.86 11.15
C PRO A 58 -7.03 2.67 10.32
N ALA A 59 -6.50 3.58 9.52
CA ALA A 59 -7.31 4.47 8.70
C ALA A 59 -7.71 3.81 7.39
N GLN A 60 -8.03 2.53 7.48
CA GLN A 60 -8.47 1.77 6.32
C GLN A 60 -9.85 1.17 6.60
N PRO A 61 -10.91 1.99 6.42
CA PRO A 61 -12.28 1.61 6.76
C PRO A 61 -12.91 0.70 5.72
N SER A 62 -12.75 -0.59 5.90
CA SER A 62 -13.34 -1.56 5.00
C SER A 62 -14.23 -2.51 5.78
N LEU A 63 -15.52 -2.50 5.45
CA LEU A 63 -16.50 -3.35 6.12
C LEU A 63 -16.84 -4.55 5.26
N GLU A 64 -16.12 -4.69 4.15
CA GLU A 64 -16.30 -5.82 3.27
C GLU A 64 -15.79 -7.10 3.94
N HIS A 65 -16.34 -8.23 3.53
CA HIS A 65 -16.04 -9.52 4.16
C HIS A 65 -14.53 -9.72 4.40
N HIS A 66 -14.16 -9.78 5.68
CA HIS A 66 -12.76 -9.95 6.07
C HIS A 66 -12.45 -11.42 6.33
N HIS A 67 -11.21 -11.69 6.72
CA HIS A 67 -10.74 -13.05 6.97
C HIS A 67 -9.38 -12.99 7.66
N HIS A 68 -8.85 -14.14 8.07
CA HIS A 68 -7.53 -14.19 8.68
C HIS A 68 -6.50 -14.73 7.70
N HIS A 69 -6.65 -16.00 7.33
CA HIS A 69 -5.74 -16.68 6.41
C HIS A 69 -4.39 -16.94 7.08
N HIS A 70 -4.01 -18.20 7.16
CA HIS A 70 -2.74 -18.60 7.73
C HIS A 70 -2.23 -19.87 7.05
N MET A 1 6.02 0.62 -27.16
CA MET A 1 5.79 -0.51 -26.22
C MET A 1 7.11 -1.15 -25.82
N GLU A 2 7.02 -2.25 -25.07
CA GLU A 2 8.18 -3.04 -24.67
C GLU A 2 9.19 -2.23 -23.86
N SER A 3 8.72 -1.55 -22.84
CA SER A 3 9.62 -0.87 -21.91
C SER A 3 10.29 -1.91 -21.02
N ARG A 4 9.51 -2.92 -20.63
CA ARG A 4 9.98 -4.06 -19.85
C ARG A 4 10.69 -3.65 -18.57
N LEU A 5 9.90 -3.31 -17.56
CA LEU A 5 10.44 -3.04 -16.23
C LEU A 5 9.77 -3.98 -15.23
N LEU A 6 10.27 -4.01 -14.01
CA LEU A 6 9.65 -4.79 -12.96
C LEU A 6 8.51 -4.00 -12.34
N ASP A 7 7.30 -4.31 -12.75
CA ASP A 7 6.12 -3.59 -12.29
C ASP A 7 5.66 -4.12 -10.94
N ILE A 8 6.49 -3.90 -9.92
CA ILE A 8 6.18 -4.35 -8.58
C ILE A 8 5.57 -3.22 -7.75
N LEU A 9 5.46 -2.04 -8.39
CA LEU A 9 4.90 -0.85 -7.76
C LEU A 9 5.83 -0.30 -6.67
N VAL A 10 6.40 0.86 -6.94
CA VAL A 10 7.28 1.52 -5.98
C VAL A 10 6.68 2.84 -5.53
N CYS A 11 7.06 3.28 -4.34
CA CYS A 11 6.63 4.54 -3.80
C CYS A 11 7.19 5.69 -4.64
N PRO A 12 6.33 6.63 -5.07
CA PRO A 12 6.77 7.78 -5.86
C PRO A 12 7.73 8.68 -5.09
N VAL A 13 7.65 8.60 -3.76
CA VAL A 13 8.46 9.42 -2.89
C VAL A 13 9.85 8.81 -2.72
N CYS A 14 9.95 7.82 -1.82
CA CYS A 14 11.25 7.25 -1.47
C CYS A 14 11.64 6.07 -2.35
N LYS A 15 10.85 5.83 -3.40
CA LYS A 15 11.13 4.79 -4.39
C LYS A 15 11.24 3.40 -3.76
N GLY A 16 10.66 3.23 -2.59
CA GLY A 16 10.70 1.95 -1.92
C GLY A 16 9.65 1.00 -2.43
N ARG A 17 9.86 -0.29 -2.24
CA ARG A 17 8.90 -1.30 -2.66
C ARG A 17 7.63 -1.22 -1.81
N LEU A 18 6.49 -1.25 -2.48
CA LEU A 18 5.21 -1.15 -1.79
C LEU A 18 4.74 -2.52 -1.32
N GLU A 19 3.97 -2.54 -0.25
CA GLU A 19 3.42 -3.77 0.29
C GLU A 19 1.90 -3.64 0.37
N PHE A 20 1.21 -4.61 -0.20
CA PHE A 20 -0.25 -4.57 -0.24
C PHE A 20 -0.81 -5.06 1.08
N GLN A 21 -0.91 -4.15 2.05
CA GLN A 21 -1.36 -4.50 3.38
C GLN A 21 -2.84 -4.84 3.39
N ARG A 22 -3.20 -5.75 4.27
CA ARG A 22 -4.55 -6.27 4.31
C ARG A 22 -5.24 -5.85 5.59
N ALA A 23 -5.93 -4.73 5.52
CA ALA A 23 -6.77 -4.26 6.61
C ALA A 23 -7.97 -3.58 6.01
N GLN A 24 -7.70 -2.66 5.09
CA GLN A 24 -8.75 -2.03 4.31
C GLN A 24 -8.46 -2.19 2.82
N ALA A 25 -7.21 -1.83 2.44
CA ALA A 25 -6.73 -1.81 1.05
C ALA A 25 -5.71 -0.69 0.90
N GLU A 26 -4.47 -0.95 1.28
CA GLU A 26 -3.45 0.09 1.25
C GLU A 26 -2.07 -0.45 0.90
N LEU A 27 -1.31 0.34 0.17
CA LEU A 27 0.09 0.05 -0.10
C LEU A 27 0.97 0.83 0.87
N VAL A 28 1.56 0.13 1.82
CA VAL A 28 2.28 0.77 2.90
C VAL A 28 3.78 0.85 2.61
N CYS A 29 4.34 2.04 2.75
CA CYS A 29 5.78 2.22 2.75
C CYS A 29 6.30 2.00 4.16
N ASN A 30 7.35 1.20 4.29
CA ASN A 30 7.83 0.79 5.61
C ASN A 30 8.55 1.93 6.32
N ALA A 31 9.52 2.52 5.64
CA ALA A 31 10.28 3.62 6.22
C ALA A 31 9.40 4.83 6.49
N ASP A 32 8.66 5.26 5.47
CA ASP A 32 7.78 6.42 5.58
C ASP A 32 6.61 6.15 6.51
N ARG A 33 6.25 4.88 6.64
CA ARG A 33 5.04 4.46 7.38
C ARG A 33 3.81 5.15 6.81
N LEU A 34 3.77 5.19 5.48
CA LEU A 34 2.66 5.81 4.76
C LEU A 34 1.88 4.77 3.98
N ALA A 35 0.58 4.75 4.19
CA ALA A 35 -0.29 3.81 3.50
C ALA A 35 -1.06 4.50 2.39
N PHE A 36 -0.72 4.17 1.15
CA PHE A 36 -1.43 4.69 0.00
C PHE A 36 -2.71 3.90 -0.23
N PRO A 37 -3.87 4.57 -0.12
CA PRO A 37 -5.17 3.91 -0.17
C PRO A 37 -5.54 3.44 -1.58
N VAL A 38 -5.85 2.16 -1.70
CA VAL A 38 -6.35 1.61 -2.95
C VAL A 38 -7.86 1.75 -2.96
N ARG A 39 -8.34 2.82 -3.59
CA ARG A 39 -9.76 3.14 -3.57
C ARG A 39 -10.50 2.35 -4.63
N ASP A 40 -10.93 1.14 -4.24
CA ASP A 40 -11.73 0.27 -5.10
C ASP A 40 -11.15 0.18 -6.50
N GLY A 41 -9.96 -0.42 -6.58
CA GLY A 41 -9.32 -0.62 -7.87
C GLY A 41 -8.25 0.40 -8.19
N VAL A 42 -8.45 1.65 -7.77
CA VAL A 42 -7.53 2.72 -8.12
C VAL A 42 -6.77 3.22 -6.89
N PRO A 43 -5.45 2.94 -6.83
CA PRO A 43 -4.59 3.42 -5.76
C PRO A 43 -4.30 4.91 -5.87
N ILE A 44 -4.54 5.64 -4.79
CA ILE A 44 -4.25 7.06 -4.74
C ILE A 44 -2.84 7.27 -4.20
N MET A 45 -1.91 7.55 -5.11
CA MET A 45 -0.51 7.66 -4.74
C MET A 45 -0.15 9.08 -4.29
N LEU A 46 -1.17 9.84 -3.92
CA LEU A 46 -0.96 11.19 -3.42
C LEU A 46 -0.75 11.14 -1.91
N GLU A 47 0.43 11.56 -1.47
CA GLU A 47 0.81 11.47 -0.06
C GLU A 47 -0.11 12.32 0.82
N ALA A 48 -0.63 13.41 0.27
CA ALA A 48 -1.52 14.31 1.00
C ALA A 48 -2.88 13.66 1.26
N GLU A 49 -3.23 12.65 0.47
CA GLU A 49 -4.49 11.96 0.63
C GLU A 49 -4.26 10.54 1.11
N ALA A 50 -3.02 10.23 1.44
CA ALA A 50 -2.65 8.92 1.95
C ALA A 50 -2.85 8.87 3.45
N ARG A 51 -2.89 7.67 4.00
CA ARG A 51 -3.09 7.51 5.43
C ARG A 51 -1.79 7.10 6.10
N SER A 52 -1.23 8.01 6.88
CA SER A 52 0.00 7.73 7.60
C SER A 52 -0.27 6.80 8.78
N LEU A 53 0.75 6.07 9.16
CA LEU A 53 0.68 5.19 10.31
C LEU A 53 1.53 5.74 11.44
N ASP A 54 2.02 6.95 11.22
CA ASP A 54 2.90 7.59 12.19
C ASP A 54 2.20 8.81 12.80
N ALA A 55 1.56 9.60 11.95
CA ALA A 55 0.98 10.86 12.40
C ALA A 55 -0.53 10.86 12.22
N GLU A 56 -1.04 9.87 11.52
CA GLU A 56 -2.47 9.76 11.27
C GLU A 56 -3.03 8.55 12.00
N ALA A 57 -4.26 8.66 12.47
CA ALA A 57 -4.90 7.58 13.21
C ALA A 57 -5.05 6.33 12.34
N PRO A 58 -4.35 5.25 12.72
CA PRO A 58 -4.31 4.03 11.95
C PRO A 58 -5.38 3.03 12.37
N ALA A 59 -6.48 3.00 11.63
CA ALA A 59 -7.51 2.01 11.84
C ALA A 59 -7.14 0.75 11.07
N GLN A 60 -6.48 -0.19 11.74
CA GLN A 60 -5.90 -1.34 11.06
C GLN A 60 -6.38 -2.66 11.66
N PRO A 61 -7.68 -2.98 11.51
CA PRO A 61 -8.22 -4.26 11.93
C PRO A 61 -8.39 -5.22 10.74
N SER A 62 -8.71 -6.48 11.03
CA SER A 62 -8.99 -7.49 10.02
C SER A 62 -7.75 -7.77 9.16
N LEU A 63 -6.87 -8.61 9.67
CA LEU A 63 -5.62 -8.94 8.98
C LEU A 63 -5.72 -10.32 8.37
N GLU A 64 -5.88 -10.39 7.06
CA GLU A 64 -6.05 -11.66 6.37
C GLU A 64 -4.74 -12.10 5.71
N HIS A 65 -4.65 -13.38 5.36
CA HIS A 65 -3.42 -13.96 4.82
C HIS A 65 -3.55 -14.24 3.33
N HIS A 66 -4.52 -13.58 2.68
CA HIS A 66 -4.92 -13.90 1.30
C HIS A 66 -5.58 -15.28 1.23
N HIS A 67 -4.90 -16.30 1.72
CA HIS A 67 -5.52 -17.58 1.95
C HIS A 67 -6.28 -17.52 3.27
N HIS A 68 -7.41 -16.82 3.25
CA HIS A 68 -8.18 -16.60 4.46
C HIS A 68 -9.51 -17.35 4.40
N HIS A 69 -9.63 -18.21 3.41
CA HIS A 69 -10.87 -18.95 3.20
C HIS A 69 -10.55 -20.24 2.45
N HIS A 70 -9.70 -20.13 1.45
CA HIS A 70 -9.19 -21.28 0.73
C HIS A 70 -7.83 -20.97 0.13
N MET A 1 22.21 17.62 -14.03
CA MET A 1 21.65 16.76 -12.96
C MET A 1 21.04 15.51 -13.56
N GLU A 2 21.54 14.35 -13.12
CA GLU A 2 20.98 13.09 -13.59
C GLU A 2 19.75 12.71 -12.79
N SER A 3 18.59 12.94 -13.38
CA SER A 3 17.32 12.60 -12.76
C SER A 3 16.22 12.64 -13.80
N ARG A 4 15.96 11.51 -14.43
CA ARG A 4 14.97 11.43 -15.50
C ARG A 4 13.84 10.49 -15.10
N LEU A 5 13.16 9.91 -16.08
CA LEU A 5 12.01 9.04 -15.81
C LEU A 5 12.49 7.67 -15.30
N LEU A 6 13.04 7.68 -14.10
CA LEU A 6 13.48 6.44 -13.44
C LEU A 6 12.95 6.38 -12.01
N ASP A 7 13.22 7.42 -11.24
CA ASP A 7 12.83 7.45 -9.83
C ASP A 7 11.84 8.57 -9.54
N ILE A 8 10.97 8.85 -10.49
CA ILE A 8 9.98 9.90 -10.32
C ILE A 8 8.76 9.39 -9.56
N LEU A 9 8.79 8.12 -9.19
CA LEU A 9 7.66 7.50 -8.51
C LEU A 9 7.99 7.20 -7.05
N VAL A 10 7.62 8.13 -6.18
CA VAL A 10 7.78 7.94 -4.75
C VAL A 10 6.49 8.31 -4.03
N CYS A 11 6.36 7.90 -2.79
CA CYS A 11 5.21 8.27 -1.98
C CYS A 11 5.35 9.70 -1.48
N PRO A 12 4.33 10.54 -1.71
CA PRO A 12 4.35 11.95 -1.29
C PRO A 12 4.27 12.11 0.23
N VAL A 13 4.00 11.01 0.92
CA VAL A 13 3.85 11.05 2.36
C VAL A 13 5.21 11.02 3.06
N CYS A 14 5.87 9.86 3.06
CA CYS A 14 7.16 9.73 3.74
C CYS A 14 8.32 9.66 2.74
N LYS A 15 8.02 9.94 1.47
CA LYS A 15 9.02 9.86 0.40
C LYS A 15 9.69 8.50 0.35
N GLY A 16 8.88 7.46 0.50
CA GLY A 16 9.40 6.12 0.40
C GLY A 16 9.42 5.65 -1.05
N ARG A 17 10.40 4.81 -1.38
CA ARG A 17 10.54 4.27 -2.72
C ARG A 17 9.59 3.09 -2.92
N LEU A 18 9.03 2.99 -4.13
CA LEU A 18 8.00 2.00 -4.42
C LEU A 18 8.59 0.77 -5.11
N GLU A 19 7.90 -0.35 -4.98
CA GLU A 19 8.27 -1.58 -5.67
C GLU A 19 7.14 -2.00 -6.60
N PHE A 20 7.47 -2.34 -7.84
CA PHE A 20 6.47 -2.81 -8.78
C PHE A 20 6.38 -4.33 -8.72
N GLN A 21 5.28 -4.84 -8.21
CA GLN A 21 5.11 -6.28 -8.06
C GLN A 21 4.26 -6.86 -9.19
N ARG A 22 4.29 -8.17 -9.31
CA ARG A 22 3.60 -8.85 -10.41
C ARG A 22 2.36 -9.57 -9.92
N ALA A 23 1.70 -9.03 -8.90
CA ALA A 23 0.49 -9.63 -8.38
C ALA A 23 -0.74 -8.84 -8.81
N GLN A 24 -1.00 -7.73 -8.11
CA GLN A 24 -2.14 -6.89 -8.42
C GLN A 24 -1.67 -5.67 -9.22
N ALA A 25 -0.42 -5.72 -9.69
CA ALA A 25 0.21 -4.58 -10.35
C ALA A 25 0.29 -3.43 -9.37
N GLU A 26 0.87 -3.71 -8.22
CA GLU A 26 0.92 -2.77 -7.12
C GLU A 26 2.32 -2.20 -6.93
N LEU A 27 2.35 -0.97 -6.43
CA LEU A 27 3.59 -0.33 -6.03
C LEU A 27 3.66 -0.31 -4.51
N VAL A 28 4.46 -1.20 -3.95
CA VAL A 28 4.56 -1.33 -2.51
C VAL A 28 5.70 -0.45 -1.97
N CYS A 29 5.35 0.46 -1.07
CA CYS A 29 6.34 1.28 -0.41
C CYS A 29 6.75 0.63 0.90
N ASN A 30 8.03 0.30 1.03
CA ASN A 30 8.54 -0.37 2.22
C ASN A 30 8.81 0.63 3.34
N ALA A 31 8.51 1.90 3.09
CA ALA A 31 8.67 2.93 4.10
C ALA A 31 7.32 3.32 4.68
N ASP A 32 6.40 3.67 3.81
CA ASP A 32 5.06 4.09 4.23
C ASP A 32 4.20 2.88 4.57
N ARG A 33 4.66 1.70 4.14
CA ARG A 33 3.90 0.46 4.26
C ARG A 33 2.60 0.55 3.45
N LEU A 34 2.68 1.26 2.33
CA LEU A 34 1.51 1.49 1.49
C LEU A 34 1.66 0.74 0.17
N ALA A 35 0.56 0.17 -0.29
CA ALA A 35 0.54 -0.52 -1.57
C ALA A 35 -0.37 0.22 -2.54
N PHE A 36 0.23 0.88 -3.52
CA PHE A 36 -0.52 1.66 -4.49
C PHE A 36 -0.79 0.85 -5.75
N PRO A 37 -2.06 0.50 -5.99
CA PRO A 37 -2.45 -0.28 -7.17
C PRO A 37 -2.39 0.56 -8.44
N VAL A 38 -1.67 0.06 -9.44
CA VAL A 38 -1.58 0.74 -10.73
C VAL A 38 -2.82 0.43 -11.55
N ARG A 39 -3.67 1.44 -11.73
CA ARG A 39 -4.91 1.28 -12.47
C ARG A 39 -4.70 1.74 -13.92
N ASP A 40 -4.04 0.87 -14.69
CA ASP A 40 -3.69 1.17 -16.09
C ASP A 40 -2.98 2.50 -16.23
N GLY A 41 -1.71 2.53 -15.86
CA GLY A 41 -0.91 3.73 -16.01
C GLY A 41 -0.99 4.64 -14.80
N VAL A 42 -2.18 4.78 -14.23
CA VAL A 42 -2.39 5.68 -13.09
C VAL A 42 -2.48 4.90 -11.78
N PRO A 43 -1.48 5.03 -10.91
CA PRO A 43 -1.49 4.39 -9.60
C PRO A 43 -2.41 5.11 -8.62
N ILE A 44 -3.14 4.33 -7.84
CA ILE A 44 -4.03 4.88 -6.83
C ILE A 44 -3.23 5.35 -5.62
N MET A 45 -2.83 6.63 -5.65
CA MET A 45 -2.00 7.20 -4.61
C MET A 45 -2.83 7.74 -3.46
N LEU A 46 -4.12 7.44 -3.47
CA LEU A 46 -5.02 7.90 -2.42
C LEU A 46 -5.05 6.90 -1.26
N GLU A 47 -4.68 7.37 -0.08
CA GLU A 47 -4.63 6.52 1.11
C GLU A 47 -5.99 5.93 1.42
N ALA A 48 -7.04 6.65 1.04
CA ALA A 48 -8.41 6.21 1.30
C ALA A 48 -8.76 4.95 0.50
N GLU A 49 -8.03 4.71 -0.59
CA GLU A 49 -8.29 3.53 -1.42
C GLU A 49 -7.12 2.54 -1.35
N ALA A 50 -5.91 3.06 -1.21
CA ALA A 50 -4.73 2.22 -1.12
C ALA A 50 -4.75 1.42 0.19
N ARG A 51 -4.47 0.14 0.08
CA ARG A 51 -4.45 -0.72 1.25
C ARG A 51 -3.08 -0.70 1.91
N SER A 52 -3.03 -0.18 3.12
CA SER A 52 -1.78 -0.10 3.86
C SER A 52 -1.54 -1.36 4.67
N LEU A 53 -0.28 -1.67 4.85
CA LEU A 53 0.14 -2.82 5.64
C LEU A 53 0.10 -2.45 7.11
N ASP A 54 0.06 -1.14 7.35
CA ASP A 54 -0.04 -0.60 8.70
C ASP A 54 -1.44 -0.78 9.23
N ALA A 55 -2.38 -0.98 8.31
CA ALA A 55 -3.78 -1.13 8.66
C ALA A 55 -4.31 -2.51 8.26
N GLU A 56 -3.40 -3.44 7.98
CA GLU A 56 -3.79 -4.80 7.61
C GLU A 56 -3.98 -5.67 8.84
N ALA A 57 -5.15 -6.28 8.94
CA ALA A 57 -5.47 -7.15 10.04
C ALA A 57 -4.71 -8.48 9.91
N PRO A 58 -4.41 -9.13 11.04
CA PRO A 58 -3.72 -10.42 11.03
C PRO A 58 -4.60 -11.54 10.47
N ALA A 59 -4.03 -12.71 10.33
CA ALA A 59 -4.76 -13.86 9.80
C ALA A 59 -5.32 -14.71 10.92
N GLN A 60 -5.09 -14.28 12.16
CA GLN A 60 -5.56 -14.99 13.34
C GLN A 60 -7.00 -14.62 13.65
N PRO A 61 -7.74 -15.51 14.33
CA PRO A 61 -9.10 -15.23 14.80
C PRO A 61 -9.09 -14.23 15.95
N SER A 62 -10.26 -13.70 16.27
CA SER A 62 -10.38 -12.73 17.35
C SER A 62 -10.38 -13.45 18.69
N LEU A 63 -9.65 -12.91 19.66
CA LEU A 63 -9.56 -13.53 20.98
C LEU A 63 -10.80 -13.23 21.80
N GLU A 64 -11.45 -12.14 21.46
CA GLU A 64 -12.67 -11.74 22.12
C GLU A 64 -13.89 -12.14 21.29
N HIS A 65 -14.42 -13.30 21.58
CA HIS A 65 -15.63 -13.75 20.90
C HIS A 65 -16.85 -13.31 21.69
N HIS A 66 -17.18 -12.03 21.52
CA HIS A 66 -18.31 -11.42 22.18
C HIS A 66 -19.57 -11.79 21.41
N HIS A 67 -20.09 -12.98 21.67
CA HIS A 67 -21.23 -13.51 20.93
C HIS A 67 -22.47 -12.64 21.12
N HIS A 68 -22.86 -11.97 20.04
CA HIS A 68 -24.04 -11.12 20.08
C HIS A 68 -25.30 -11.96 19.95
N HIS A 69 -25.88 -12.30 21.10
CA HIS A 69 -27.12 -13.08 21.13
C HIS A 69 -27.71 -13.07 22.54
N HIS A 70 -28.78 -12.30 22.70
CA HIS A 70 -29.47 -12.23 23.98
C HIS A 70 -30.88 -12.78 23.82
N MET A 1 17.19 11.57 -20.98
CA MET A 1 17.76 12.84 -20.48
C MET A 1 19.08 12.59 -19.77
N GLU A 2 19.04 11.86 -18.66
CA GLU A 2 20.22 11.50 -17.90
C GLU A 2 19.92 10.39 -16.92
N SER A 3 18.73 10.41 -16.34
CA SER A 3 18.25 9.32 -15.51
C SER A 3 17.92 8.13 -16.40
N ARG A 4 18.81 7.13 -16.40
CA ARG A 4 18.72 6.04 -17.34
C ARG A 4 17.75 4.95 -16.89
N LEU A 5 16.47 5.32 -16.83
CA LEU A 5 15.37 4.39 -16.55
C LEU A 5 15.49 3.75 -15.16
N LEU A 6 16.29 4.36 -14.29
CA LEU A 6 16.41 3.88 -12.92
C LEU A 6 15.40 4.58 -12.03
N ASP A 7 14.70 5.54 -12.60
CA ASP A 7 13.72 6.32 -11.88
C ASP A 7 12.37 6.30 -12.59
N ILE A 8 11.57 5.30 -12.31
CA ILE A 8 10.21 5.26 -12.83
C ILE A 8 9.31 6.16 -12.01
N LEU A 9 9.53 6.12 -10.70
CA LEU A 9 8.86 6.97 -9.74
C LEU A 9 9.49 6.72 -8.39
N VAL A 10 10.02 7.76 -7.77
CA VAL A 10 10.75 7.60 -6.53
C VAL A 10 9.99 8.15 -5.34
N CYS A 11 10.28 7.60 -4.16
CA CYS A 11 9.71 8.09 -2.91
C CYS A 11 10.06 9.56 -2.74
N PRO A 12 9.05 10.42 -2.58
CA PRO A 12 9.22 11.88 -2.49
C PRO A 12 9.84 12.32 -1.16
N VAL A 13 10.12 11.36 -0.28
CA VAL A 13 10.70 11.68 1.01
C VAL A 13 12.19 11.37 1.03
N CYS A 14 12.54 10.09 0.95
CA CYS A 14 13.94 9.68 1.07
C CYS A 14 14.56 9.38 -0.29
N LYS A 15 13.82 9.66 -1.36
CA LYS A 15 14.27 9.38 -2.73
C LYS A 15 14.69 7.92 -2.87
N GLY A 16 13.70 7.05 -3.00
CA GLY A 16 13.96 5.64 -3.10
C GLY A 16 13.10 4.97 -4.14
N ARG A 17 13.43 3.73 -4.49
CA ARG A 17 12.74 2.99 -5.54
C ARG A 17 11.36 2.52 -5.06
N LEU A 18 10.38 2.60 -5.94
CA LEU A 18 9.03 2.12 -5.62
C LEU A 18 8.74 0.85 -6.40
N GLU A 19 7.79 0.06 -5.90
CA GLU A 19 7.47 -1.22 -6.51
C GLU A 19 6.04 -1.23 -7.03
N PHE A 20 5.92 -1.27 -8.35
CA PHE A 20 4.60 -1.31 -8.98
C PHE A 20 4.07 -2.74 -8.97
N GLN A 21 3.07 -2.98 -8.13
CA GLN A 21 2.48 -4.29 -8.03
C GLN A 21 1.22 -4.37 -8.86
N ARG A 22 0.89 -5.58 -9.32
CA ARG A 22 -0.25 -5.77 -10.20
C ARG A 22 -1.40 -6.42 -9.44
N ALA A 23 -1.42 -6.23 -8.12
CA ALA A 23 -2.54 -6.68 -7.31
C ALA A 23 -3.79 -5.91 -7.71
N GLN A 24 -3.69 -4.59 -7.61
CA GLN A 24 -4.68 -3.71 -8.16
C GLN A 24 -4.02 -2.74 -9.13
N ALA A 25 -3.02 -2.01 -8.62
CA ALA A 25 -2.30 -0.96 -9.36
C ALA A 25 -1.59 -0.02 -8.40
N GLU A 26 -0.91 -0.56 -7.39
CA GLU A 26 -0.32 0.26 -6.35
C GLU A 26 1.21 0.19 -6.36
N LEU A 27 1.83 1.29 -5.91
CA LEU A 27 3.28 1.36 -5.75
C LEU A 27 3.65 1.11 -4.30
N VAL A 28 4.13 -0.08 -4.02
CA VAL A 28 4.49 -0.47 -2.67
C VAL A 28 5.85 0.09 -2.28
N CYS A 29 5.90 0.68 -1.09
CA CYS A 29 7.13 1.23 -0.54
C CYS A 29 7.65 0.31 0.56
N ASN A 30 8.76 -0.38 0.28
CA ASN A 30 9.29 -1.37 1.21
C ASN A 30 10.04 -0.71 2.38
N ALA A 31 9.81 0.58 2.57
CA ALA A 31 10.42 1.30 3.66
C ALA A 31 9.50 1.34 4.88
N ASP A 32 8.23 1.65 4.64
CA ASP A 32 7.27 1.81 5.74
C ASP A 32 6.03 0.94 5.53
N ARG A 33 6.12 0.03 4.56
CA ARG A 33 5.01 -0.90 4.24
C ARG A 33 3.77 -0.15 3.79
N LEU A 34 3.97 0.90 3.00
CA LEU A 34 2.86 1.65 2.44
C LEU A 34 2.78 1.41 0.94
N ALA A 35 1.70 1.87 0.34
CA ALA A 35 1.50 1.70 -1.10
C ALA A 35 0.65 2.83 -1.67
N PHE A 36 1.15 3.44 -2.73
CA PHE A 36 0.43 4.49 -3.41
C PHE A 36 -0.38 3.92 -4.57
N PRO A 37 -1.72 3.90 -4.45
CA PRO A 37 -2.62 3.34 -5.45
C PRO A 37 -2.81 4.28 -6.64
N VAL A 38 -2.56 3.76 -7.84
CA VAL A 38 -2.75 4.55 -9.04
C VAL A 38 -4.16 4.35 -9.58
N ARG A 39 -5.06 5.24 -9.21
CA ARG A 39 -6.46 5.12 -9.60
C ARG A 39 -6.73 5.89 -10.89
N ASP A 40 -7.07 5.15 -11.95
CA ASP A 40 -7.43 5.74 -13.24
C ASP A 40 -6.24 6.42 -13.89
N GLY A 41 -5.05 6.20 -13.33
CA GLY A 41 -3.86 6.86 -13.84
C GLY A 41 -3.36 7.94 -12.91
N VAL A 42 -4.13 8.21 -11.86
CA VAL A 42 -3.74 9.20 -10.88
C VAL A 42 -3.28 8.51 -9.59
N PRO A 43 -1.97 8.59 -9.29
CA PRO A 43 -1.41 8.02 -8.06
C PRO A 43 -1.89 8.78 -6.83
N ILE A 44 -2.66 8.09 -5.99
CA ILE A 44 -3.19 8.69 -4.78
C ILE A 44 -2.09 8.86 -3.74
N MET A 45 -1.58 10.08 -3.64
CA MET A 45 -0.53 10.40 -2.68
C MET A 45 -1.13 10.89 -1.37
N LEU A 46 -2.44 10.73 -1.24
CA LEU A 46 -3.14 11.12 -0.02
C LEU A 46 -2.88 10.10 1.07
N GLU A 47 -2.29 10.55 2.16
CA GLU A 47 -1.90 9.68 3.27
C GLU A 47 -3.09 8.90 3.81
N ALA A 48 -4.23 9.58 3.90
CA ALA A 48 -5.43 8.98 4.47
C ALA A 48 -6.06 7.94 3.54
N GLU A 49 -5.74 8.03 2.25
CA GLU A 49 -6.33 7.12 1.27
C GLU A 49 -5.28 6.23 0.61
N ALA A 50 -4.09 6.20 1.19
CA ALA A 50 -3.05 5.31 0.71
C ALA A 50 -3.28 3.89 1.25
N ARG A 51 -2.83 2.90 0.49
CA ARG A 51 -3.02 1.52 0.90
C ARG A 51 -1.87 1.05 1.77
N SER A 52 -2.12 0.93 3.06
CA SER A 52 -1.12 0.41 3.97
C SER A 52 -1.19 -1.11 4.02
N LEU A 53 -0.06 -1.71 4.31
CA LEU A 53 0.03 -3.17 4.42
C LEU A 53 -0.33 -3.61 5.83
N ASP A 54 -0.49 -2.63 6.71
CA ASP A 54 -0.86 -2.88 8.09
C ASP A 54 -2.35 -2.57 8.32
N ALA A 55 -3.06 -2.35 7.23
CA ALA A 55 -4.47 -1.97 7.29
C ALA A 55 -5.37 -3.17 7.55
N GLU A 56 -4.95 -4.35 7.08
CA GLU A 56 -5.75 -5.56 7.25
C GLU A 56 -5.47 -6.18 8.61
N ALA A 57 -6.46 -6.88 9.14
CA ALA A 57 -6.34 -7.50 10.45
C ALA A 57 -7.16 -8.80 10.51
N PRO A 58 -6.78 -9.73 11.41
CA PRO A 58 -7.53 -10.98 11.61
C PRO A 58 -8.99 -10.73 11.97
N ALA A 59 -9.87 -11.62 11.55
CA ALA A 59 -11.30 -11.45 11.79
C ALA A 59 -11.85 -12.51 12.74
N GLN A 60 -11.68 -13.77 12.39
CA GLN A 60 -12.24 -14.85 13.18
C GLN A 60 -11.19 -15.49 14.09
N PRO A 61 -11.36 -15.36 15.42
CA PRO A 61 -10.48 -15.99 16.40
C PRO A 61 -10.98 -17.38 16.78
N SER A 62 -10.51 -17.88 17.92
CA SER A 62 -10.90 -19.19 18.41
C SER A 62 -12.26 -19.11 19.10
N LEU A 63 -13.18 -19.99 18.71
CA LEU A 63 -14.49 -20.03 19.33
C LEU A 63 -14.45 -20.85 20.61
N GLU A 64 -13.98 -20.22 21.68
CA GLU A 64 -13.84 -20.87 22.97
C GLU A 64 -15.20 -21.09 23.61
N HIS A 65 -16.02 -20.05 23.57
CA HIS A 65 -17.38 -20.14 24.13
C HIS A 65 -18.33 -20.72 23.09
N HIS A 66 -18.07 -21.95 22.70
CA HIS A 66 -18.84 -22.60 21.64
C HIS A 66 -20.12 -23.24 22.18
N HIS A 67 -21.24 -22.58 21.91
CA HIS A 67 -22.58 -23.09 22.22
C HIS A 67 -22.70 -23.55 23.67
N HIS A 68 -22.93 -22.62 24.58
CA HIS A 68 -23.23 -22.94 25.97
C HIS A 68 -23.86 -21.72 26.64
N HIS A 69 -25.20 -21.70 26.64
CA HIS A 69 -25.97 -20.57 27.15
C HIS A 69 -25.75 -19.34 26.26
N HIS A 70 -26.75 -19.05 25.43
CA HIS A 70 -26.68 -17.94 24.48
C HIS A 70 -26.35 -16.62 25.18
N MET A 1 12.14 19.74 -18.49
CA MET A 1 12.60 19.18 -17.20
C MET A 1 13.34 17.88 -17.45
N GLU A 2 14.65 17.92 -17.33
CA GLU A 2 15.48 16.81 -17.75
C GLU A 2 15.68 15.80 -16.62
N SER A 3 14.77 14.83 -16.57
CA SER A 3 14.90 13.69 -15.67
C SER A 3 14.42 12.44 -16.39
N ARG A 4 15.35 11.74 -17.02
CA ARG A 4 15.02 10.65 -17.92
C ARG A 4 14.87 9.34 -17.16
N LEU A 5 15.98 8.87 -16.58
CA LEU A 5 15.97 7.60 -15.86
C LEU A 5 15.70 7.82 -14.37
N LEU A 6 15.17 8.98 -14.05
CA LEU A 6 14.85 9.32 -12.66
C LEU A 6 13.35 9.46 -12.49
N ASP A 7 12.67 8.35 -12.24
CA ASP A 7 11.24 8.39 -11.96
C ASP A 7 11.02 7.94 -10.51
N ILE A 8 10.88 8.90 -9.63
CA ILE A 8 10.75 8.61 -8.21
C ILE A 8 9.31 8.76 -7.73
N LEU A 9 8.89 7.83 -6.90
CA LEU A 9 7.56 7.85 -6.31
C LEU A 9 7.62 7.47 -4.84
N VAL A 10 6.91 8.23 -4.02
CA VAL A 10 6.87 7.96 -2.59
C VAL A 10 5.44 8.04 -2.08
N CYS A 11 5.17 7.34 -0.99
CA CYS A 11 3.85 7.34 -0.38
C CYS A 11 3.44 8.76 0.00
N PRO A 12 2.21 9.17 -0.35
CA PRO A 12 1.71 10.51 -0.04
C PRO A 12 1.76 10.82 1.45
N VAL A 13 1.68 9.79 2.28
CA VAL A 13 1.67 9.96 3.72
C VAL A 13 3.09 10.01 4.29
N CYS A 14 3.69 8.86 4.53
CA CYS A 14 4.97 8.78 5.22
C CYS A 14 6.16 8.97 4.28
N LYS A 15 5.88 9.09 2.98
CA LYS A 15 6.92 9.27 1.96
C LYS A 15 7.93 8.12 2.00
N GLY A 16 7.50 6.96 2.48
CA GLY A 16 8.43 5.87 2.79
C GLY A 16 8.80 5.01 1.60
N ARG A 17 9.17 5.66 0.52
CA ARG A 17 9.73 5.02 -0.69
C ARG A 17 8.81 3.94 -1.28
N LEU A 18 8.22 4.23 -2.44
CA LEU A 18 7.41 3.24 -3.12
C LEU A 18 8.30 2.35 -3.99
N GLU A 19 7.95 1.08 -4.09
CA GLU A 19 8.69 0.14 -4.90
C GLU A 19 7.77 -0.51 -5.92
N PHE A 20 8.29 -0.76 -7.10
CA PHE A 20 7.47 -1.27 -8.20
C PHE A 20 7.47 -2.80 -8.21
N GLN A 21 6.34 -3.37 -7.81
CA GLN A 21 6.15 -4.81 -7.88
C GLN A 21 5.97 -5.26 -9.32
N ARG A 22 7.02 -5.82 -9.90
CA ARG A 22 6.99 -6.24 -11.30
C ARG A 22 6.29 -7.57 -11.44
N ALA A 23 4.97 -7.53 -11.38
CA ALA A 23 4.13 -8.73 -11.46
C ALA A 23 2.66 -8.36 -11.36
N GLN A 24 2.26 -7.90 -10.17
CA GLN A 24 0.86 -7.57 -9.92
C GLN A 24 0.60 -6.07 -10.17
N ALA A 25 1.66 -5.37 -10.53
CA ALA A 25 1.59 -3.93 -10.83
C ALA A 25 1.09 -3.14 -9.63
N GLU A 26 1.94 -2.98 -8.63
CA GLU A 26 1.61 -2.22 -7.43
C GLU A 26 2.86 -1.57 -6.85
N LEU A 27 2.66 -0.44 -6.18
CA LEU A 27 3.76 0.27 -5.55
C LEU A 27 3.75 -0.01 -4.06
N VAL A 28 4.73 -0.77 -3.61
CA VAL A 28 4.81 -1.14 -2.21
C VAL A 28 5.52 -0.06 -1.40
N CYS A 29 4.84 0.46 -0.39
CA CYS A 29 5.43 1.43 0.51
C CYS A 29 6.17 0.69 1.63
N ASN A 30 7.44 0.98 1.77
CA ASN A 30 8.28 0.25 2.70
C ASN A 30 8.07 0.72 4.13
N ALA A 31 7.59 1.94 4.29
CA ALA A 31 7.36 2.50 5.62
C ALA A 31 5.96 2.17 6.11
N ASP A 32 4.96 2.42 5.26
CA ASP A 32 3.56 2.22 5.64
C ASP A 32 3.17 0.75 5.59
N ARG A 33 4.02 -0.08 4.99
CA ARG A 33 3.75 -1.51 4.84
C ARG A 33 2.53 -1.73 3.95
N LEU A 34 2.34 -0.82 3.00
CA LEU A 34 1.16 -0.85 2.15
C LEU A 34 1.54 -1.12 0.69
N ALA A 35 0.57 -1.55 -0.09
CA ALA A 35 0.77 -1.80 -1.51
C ALA A 35 -0.28 -1.05 -2.32
N PHE A 36 0.17 -0.04 -3.06
CA PHE A 36 -0.73 0.79 -3.85
C PHE A 36 -0.80 0.28 -5.29
N PRO A 37 -1.93 -0.32 -5.67
CA PRO A 37 -2.10 -0.93 -7.00
C PRO A 37 -2.07 0.09 -8.13
N VAL A 38 -1.42 -0.26 -9.22
CA VAL A 38 -1.39 0.60 -10.40
C VAL A 38 -2.51 0.21 -11.35
N ARG A 39 -3.40 1.16 -11.60
CA ARG A 39 -4.55 0.89 -12.46
C ARG A 39 -4.22 1.27 -13.90
N ASP A 40 -3.43 0.42 -14.54
CA ASP A 40 -3.03 0.60 -15.94
C ASP A 40 -2.51 2.02 -16.20
N GLY A 41 -1.26 2.26 -15.84
CA GLY A 41 -0.65 3.56 -16.06
C GLY A 41 -0.77 4.48 -14.85
N VAL A 42 -1.95 4.49 -14.23
CA VAL A 42 -2.20 5.38 -13.11
C VAL A 42 -2.08 4.64 -11.79
N PRO A 43 -1.03 4.92 -11.01
CA PRO A 43 -0.83 4.31 -9.69
C PRO A 43 -1.84 4.84 -8.68
N ILE A 44 -2.65 3.94 -8.12
CA ILE A 44 -3.66 4.34 -7.17
C ILE A 44 -3.05 4.41 -5.78
N MET A 45 -2.67 5.61 -5.37
CA MET A 45 -2.00 5.82 -4.10
C MET A 45 -3.00 6.15 -3.00
N LEU A 46 -4.24 5.73 -3.20
CA LEU A 46 -5.28 5.94 -2.21
C LEU A 46 -5.30 4.79 -1.21
N GLU A 47 -5.45 5.12 0.06
CA GLU A 47 -5.50 4.12 1.12
C GLU A 47 -6.80 3.34 1.04
N ALA A 48 -7.79 3.95 0.37
CA ALA A 48 -9.09 3.34 0.24
C ALA A 48 -9.07 2.16 -0.73
N GLU A 49 -8.15 2.18 -1.68
CA GLU A 49 -8.09 1.15 -2.71
C GLU A 49 -6.78 0.36 -2.65
N ALA A 50 -6.00 0.59 -1.61
CA ALA A 50 -4.72 -0.08 -1.46
C ALA A 50 -4.83 -1.26 -0.50
N ARG A 51 -3.88 -2.18 -0.58
CA ARG A 51 -3.83 -3.32 0.32
C ARG A 51 -2.61 -3.20 1.23
N SER A 52 -2.53 -4.04 2.23
CA SER A 52 -1.43 -3.97 3.18
C SER A 52 -0.59 -5.23 3.16
N LEU A 53 0.64 -5.09 3.63
CA LEU A 53 1.55 -6.22 3.80
C LEU A 53 1.37 -6.79 5.21
N ASP A 54 0.90 -5.92 6.10
CA ASP A 54 0.62 -6.33 7.47
C ASP A 54 -0.68 -7.11 7.52
N ALA A 55 -1.47 -6.98 6.45
CA ALA A 55 -2.69 -7.74 6.30
C ALA A 55 -2.40 -9.09 5.68
N GLU A 56 -1.13 -9.34 5.39
CA GLU A 56 -0.69 -10.62 4.86
C GLU A 56 -0.19 -11.52 5.97
N ALA A 57 -0.49 -11.13 7.18
CA ALA A 57 -0.05 -11.85 8.37
C ALA A 57 -1.19 -12.69 8.92
N PRO A 58 -0.87 -13.92 9.39
CA PRO A 58 -1.87 -14.81 9.99
C PRO A 58 -2.50 -14.18 11.22
N ALA A 59 -3.82 -14.15 11.25
CA ALA A 59 -4.54 -13.53 12.35
C ALA A 59 -4.70 -14.49 13.52
N GLN A 60 -4.07 -14.17 14.64
CA GLN A 60 -4.24 -14.95 15.86
C GLN A 60 -5.56 -14.57 16.51
N PRO A 61 -6.29 -15.56 17.07
CA PRO A 61 -7.62 -15.35 17.65
C PRO A 61 -7.64 -14.23 18.69
N SER A 62 -8.17 -13.09 18.28
CA SER A 62 -8.30 -11.95 19.17
C SER A 62 -9.72 -11.41 19.07
N LEU A 63 -10.62 -11.98 19.86
CA LEU A 63 -12.03 -11.68 19.73
C LEU A 63 -12.49 -10.70 20.80
N GLU A 64 -13.29 -9.73 20.39
CA GLU A 64 -13.96 -8.85 21.33
C GLU A 64 -15.37 -9.39 21.59
N HIS A 65 -16.16 -8.67 22.37
CA HIS A 65 -17.47 -9.16 22.79
C HIS A 65 -18.43 -9.32 21.60
N HIS A 66 -18.57 -8.27 20.80
CA HIS A 66 -19.46 -8.26 19.63
C HIS A 66 -20.94 -8.30 20.03
N HIS A 67 -21.33 -9.33 20.77
CA HIS A 67 -22.68 -9.44 21.28
C HIS A 67 -22.85 -8.54 22.50
N HIS A 68 -24.03 -7.92 22.62
CA HIS A 68 -24.31 -7.03 23.73
C HIS A 68 -25.74 -7.24 24.22
N HIS A 69 -25.88 -7.63 25.48
CA HIS A 69 -27.20 -7.76 26.12
C HIS A 69 -27.99 -8.95 25.55
N HIS A 70 -28.87 -9.52 26.36
CA HIS A 70 -29.73 -10.59 25.89
C HIS A 70 -30.98 -10.01 25.24
#